data_8OK8
#
_entry.id   8OK8
#
_cell.length_a   86.280
_cell.length_b   111.230
_cell.length_c   108.590
_cell.angle_alpha   90.00
_cell.angle_beta   91.65
_cell.angle_gamma   90.00
#
_symmetry.space_group_name_H-M   'P 1 21 1'
#
loop_
_entity.id
_entity.type
_entity.pdbx_description
1 polymer 'Variant surface glycoprotein 615'
2 branched 2-acetamido-2-deoxy-beta-D-glucopyranose-(1-4)-2-acetamido-2-deoxy-beta-D-glucopyranose
3 non-polymer 2-acetamido-2-deoxy-beta-D-glucopyranose
4 non-polymer alpha-D-glucopyranose
5 water water
#
_entity_poly.entity_id   1
_entity_poly.type   'polypeptide(L)'
_entity_poly.pdbx_seq_one_letter_code
;MSKRFTTCATLISLVTAARAAYENAKQYEALCGAYAITKQAISDAEYIGDTTGDPRPKEVEDLYIMTLSDEDYNNKTLTG
VTEEGGLEKRKSDILQRRDTYGREIHSIPANSEARAAAHVAIKRLFYKAGNLSANIAAAISSIKADTRSAGEALNRARCG
QADCKAPDQKWFETRSKACSGTGEQKQGMTIASDISCLCSAATGETLCSAAATGGTYRGGEGTAANAQTDWSTTIADCDR
NVEGKAPSPAAIEAAIAVFRAALGNAEFTKANSRKAFVLGHGSASDCNGGTSSAACVDYTNKLARGTINDIPWIEQLRTA
AAKLAGVAGTRAQLDGMRQEMRIIEDQAWQAFALATIPLTAEKAKSQIVQQTKEED
;
_entity_poly.pdbx_strand_id   A,C,E,G,I,K
#
loop_
_chem_comp.id
_chem_comp.type
_chem_comp.name
_chem_comp.formula
GLC D-saccharide, alpha linking alpha-D-glucopyranose 'C6 H12 O6'
NAG D-saccharide, beta linking 2-acetamido-2-deoxy-beta-D-glucopyranose 'C8 H15 N O6'
#
# COMPACT_ATOMS: atom_id res chain seq x y z
N GLN A 27 15.65 -32.90 -4.00
CA GLN A 27 15.50 -31.49 -4.36
C GLN A 27 16.80 -30.75 -4.06
N TYR A 28 16.85 -30.07 -2.91
CA TYR A 28 18.04 -29.39 -2.42
C TYR A 28 18.69 -28.50 -3.48
N GLU A 29 17.89 -27.59 -4.03
CA GLU A 29 18.40 -26.63 -5.00
C GLU A 29 18.26 -25.19 -4.53
N ALA A 30 17.06 -24.77 -4.13
CA ALA A 30 16.89 -23.42 -3.61
C ALA A 30 17.48 -23.29 -2.21
N LEU A 31 17.53 -24.38 -1.45
CA LEU A 31 18.05 -24.34 -0.09
C LEU A 31 19.52 -23.92 -0.07
N CYS A 32 20.36 -24.61 -0.86
CA CYS A 32 21.77 -24.23 -0.95
C CYS A 32 21.94 -22.93 -1.73
N GLY A 33 21.05 -22.68 -2.70
CA GLY A 33 21.10 -21.40 -3.40
C GLY A 33 20.87 -20.23 -2.48
N ALA A 34 19.88 -20.33 -1.60
CA ALA A 34 19.66 -19.27 -0.62
C ALA A 34 20.82 -19.17 0.35
N TYR A 35 21.46 -20.29 0.67
CA TYR A 35 22.64 -20.25 1.54
C TYR A 35 23.74 -19.41 0.92
N ALA A 36 23.97 -19.57 -0.39
CA ALA A 36 24.97 -18.75 -1.07
C ALA A 36 24.57 -17.28 -1.08
N ILE A 37 23.28 -17.00 -1.31
CA ILE A 37 22.81 -15.62 -1.33
C ILE A 37 22.86 -15.01 0.06
N THR A 38 22.54 -15.79 1.09
CA THR A 38 22.74 -15.29 2.46
C THR A 38 24.21 -15.24 2.84
N LYS A 39 25.06 -16.02 2.19
CA LYS A 39 26.50 -15.97 2.40
C LYS A 39 27.21 -15.16 1.33
N GLN A 40 26.57 -14.10 0.84
CA GLN A 40 27.19 -13.18 -0.11
C GLN A 40 28.08 -12.20 0.65
N ALA A 41 28.54 -11.16 -0.02
CA ALA A 41 29.44 -10.19 0.57
C ALA A 41 28.89 -8.79 0.31
N ILE A 42 28.38 -8.15 1.35
CA ILE A 42 27.99 -6.74 1.25
C ILE A 42 29.26 -5.89 1.23
N SER A 43 29.46 -5.17 0.14
CA SER A 43 30.63 -4.31 -0.03
C SER A 43 30.15 -2.86 -0.06
N ASP A 44 30.31 -2.16 1.05
CA ASP A 44 29.92 -0.76 1.09
C ASP A 44 30.78 0.09 0.16
N ALA A 45 32.07 -0.27 0.01
CA ALA A 45 32.98 0.52 -0.80
C ALA A 45 32.59 0.51 -2.27
N GLU A 46 32.00 -0.58 -2.77
CA GLU A 46 31.56 -0.62 -4.15
C GLU A 46 30.34 0.25 -4.40
N TYR A 47 29.70 0.78 -3.36
CA TYR A 47 28.60 1.73 -3.52
C TYR A 47 28.98 3.16 -3.17
N ILE A 48 29.77 3.38 -2.11
CA ILE A 48 30.18 4.75 -1.77
C ILE A 48 31.02 5.35 -2.90
N GLY A 49 32.04 4.62 -3.34
CA GLY A 49 32.76 4.97 -4.56
C GLY A 49 33.93 5.91 -4.31
N ASP A 50 33.82 7.15 -4.82
CA ASP A 50 34.97 8.02 -5.02
C ASP A 50 35.66 8.38 -3.70
N THR A 51 34.97 9.10 -2.82
CA THR A 51 35.45 9.62 -1.54
C THR A 51 36.47 10.73 -1.71
N THR A 52 36.87 11.06 -2.95
CA THR A 52 37.82 12.14 -3.18
C THR A 52 37.13 13.48 -3.33
N GLY A 53 36.04 13.54 -4.09
CA GLY A 53 35.26 14.75 -4.21
C GLY A 53 34.26 14.98 -3.10
N ASP A 54 34.08 14.01 -2.21
CA ASP A 54 33.13 14.15 -1.10
C ASP A 54 33.48 15.30 -0.16
N PRO A 55 34.72 15.46 0.30
CA PRO A 55 35.02 16.60 1.18
C PRO A 55 34.93 17.92 0.43
N ARG A 56 34.86 18.99 1.21
CA ARG A 56 34.85 20.33 0.64
C ARG A 56 36.13 20.53 -0.18
N PRO A 57 36.04 20.96 -1.43
CA PRO A 57 37.24 21.10 -2.26
C PRO A 57 38.25 22.03 -1.59
N LYS A 58 39.51 21.60 -1.58
CA LYS A 58 40.55 22.37 -0.91
C LYS A 58 40.72 23.74 -1.56
N GLU A 59 40.48 23.82 -2.87
CA GLU A 59 40.67 25.08 -3.59
C GLU A 59 39.67 26.14 -3.13
N VAL A 60 38.39 25.77 -3.01
CA VAL A 60 37.39 26.72 -2.56
C VAL A 60 37.60 27.12 -1.11
N GLU A 61 38.41 26.37 -0.36
CA GLU A 61 38.84 26.81 0.97
C GLU A 61 40.11 27.64 0.91
N ASP A 62 41.07 27.27 0.06
CA ASP A 62 42.27 28.08 -0.08
C ASP A 62 41.97 29.45 -0.66
N LEU A 63 41.13 29.50 -1.70
CA LEU A 63 40.76 30.77 -2.30
C LEU A 63 40.00 31.65 -1.31
N TYR A 64 39.18 31.02 -0.46
CA TYR A 64 38.37 31.77 0.50
C TYR A 64 39.25 32.59 1.45
N ILE A 65 40.31 31.97 1.98
CA ILE A 65 41.15 32.66 2.96
C ILE A 65 41.85 33.85 2.34
N MET A 66 42.32 33.71 1.10
CA MET A 66 43.02 34.80 0.43
C MET A 66 42.12 36.00 0.18
N THR A 67 40.80 35.83 0.26
CA THR A 67 39.85 36.91 0.06
C THR A 67 39.22 37.35 1.39
N LEU A 68 39.94 37.22 2.49
CA LEU A 68 39.43 37.58 3.81
C LEU A 68 39.73 39.03 4.19
N SER A 69 40.01 39.88 3.22
CA SER A 69 40.35 41.30 3.43
C SER A 69 41.64 41.37 4.25
N ASP A 70 41.77 42.38 5.12
CA ASP A 70 43.02 42.65 5.84
C ASP A 70 42.85 42.51 7.35
N GLU A 71 41.80 41.84 7.82
CA GLU A 71 41.64 41.58 9.24
C GLU A 71 41.62 40.08 9.55
N ASP A 72 40.75 39.31 8.91
CA ASP A 72 40.65 37.89 9.21
C ASP A 72 41.81 37.09 8.62
N TYR A 73 42.40 37.58 7.52
CA TYR A 73 43.52 36.88 6.91
C TYR A 73 44.74 36.86 7.82
N ASN A 74 44.87 37.86 8.68
CA ASN A 74 45.99 37.95 9.62
C ASN A 74 45.52 37.70 11.05
N GLU A 88 48.19 30.37 10.40
CA GLU A 88 47.36 29.18 10.32
C GLU A 88 48.17 27.95 9.97
N LYS A 89 49.39 28.20 9.45
CA LYS A 89 50.32 27.18 8.96
C LYS A 89 49.79 26.60 7.64
N ARG A 90 48.56 26.96 7.28
CA ARG A 90 47.98 26.60 6.00
C ARG A 90 48.07 27.73 4.98
N LYS A 91 48.35 28.96 5.43
CA LYS A 91 48.76 29.99 4.50
C LYS A 91 50.05 29.61 3.79
N SER A 92 50.85 28.73 4.40
CA SER A 92 52.08 28.27 3.77
C SER A 92 51.79 27.42 2.54
N ASP A 93 50.86 26.46 2.67
CA ASP A 93 50.51 25.60 1.53
C ASP A 93 49.88 26.41 0.41
N ILE A 94 49.00 27.35 0.76
CA ILE A 94 48.60 28.36 -0.21
C ILE A 94 49.77 29.29 -0.48
N LEU A 95 49.69 30.02 -1.59
CA LEU A 95 50.77 30.91 -2.05
C LEU A 95 52.07 30.14 -2.31
N GLN A 96 51.95 28.84 -2.56
CA GLN A 96 53.08 27.99 -2.93
C GLN A 96 52.52 26.82 -3.72
N ARG A 97 53.40 25.93 -4.17
CA ARG A 97 52.99 24.72 -4.89
C ARG A 97 52.22 25.10 -6.16
N ARG A 98 52.88 25.88 -7.01
CA ARG A 98 52.25 26.35 -8.25
C ARG A 98 51.89 25.20 -9.18
N ASP A 99 52.51 24.03 -9.02
CA ASP A 99 52.16 22.78 -9.68
C ASP A 99 52.55 22.78 -11.15
N THR A 100 52.94 23.93 -11.68
CA THR A 100 53.50 23.99 -13.03
C THR A 100 55.00 24.21 -13.01
N TYR A 101 55.46 25.28 -12.35
CA TYR A 101 56.86 25.59 -12.06
C TYR A 101 56.96 27.05 -11.64
N ILE A 105 49.96 29.30 -7.44
CA ILE A 105 48.59 29.04 -7.84
C ILE A 105 47.64 30.08 -7.26
N HIS A 106 48.04 30.68 -6.14
CA HIS A 106 47.17 31.60 -5.41
C HIS A 106 47.95 32.86 -5.02
N SER A 107 47.21 33.94 -4.84
CA SER A 107 47.80 35.24 -4.51
C SER A 107 46.83 36.02 -3.64
N ILE A 108 47.35 37.04 -2.97
CA ILE A 108 46.53 37.98 -2.22
C ILE A 108 46.08 39.07 -3.20
N PRO A 109 44.79 39.20 -3.46
CA PRO A 109 44.35 40.15 -4.50
C PRO A 109 44.33 41.59 -4.00
N ALA A 110 43.82 42.48 -4.83
CA ALA A 110 43.76 43.90 -4.47
C ALA A 110 42.90 44.09 -3.23
N ASN A 111 43.44 44.81 -2.24
CA ASN A 111 42.72 45.06 -1.00
C ASN A 111 41.76 46.22 -1.18
N SER A 112 40.95 46.16 -2.23
CA SER A 112 39.87 47.10 -2.50
C SER A 112 38.55 46.44 -2.13
N GLU A 113 37.44 47.08 -2.52
CA GLU A 113 36.14 46.46 -2.35
C GLU A 113 36.00 45.19 -3.18
N ALA A 114 36.86 45.01 -4.19
CA ALA A 114 36.79 43.81 -5.03
C ALA A 114 37.16 42.55 -4.26
N ARG A 115 38.07 42.66 -3.29
CA ARG A 115 38.40 41.52 -2.46
C ARG A 115 37.18 41.04 -1.67
N ALA A 116 36.41 41.98 -1.09
CA ALA A 116 35.16 41.62 -0.42
C ALA A 116 34.04 41.33 -1.41
N ALA A 117 34.04 42.00 -2.56
CA ALA A 117 33.06 41.68 -3.59
C ALA A 117 33.22 40.25 -4.08
N ALA A 118 34.46 39.80 -4.27
CA ALA A 118 34.69 38.41 -4.61
C ALA A 118 34.38 37.49 -3.43
N HIS A 119 34.60 37.97 -2.20
CA HIS A 119 34.37 37.12 -1.03
C HIS A 119 32.90 36.73 -0.89
N VAL A 120 31.99 37.71 -1.00
CA VAL A 120 30.57 37.41 -0.86
C VAL A 120 30.09 36.49 -1.97
N ALA A 121 30.77 36.48 -3.12
CA ALA A 121 30.43 35.52 -4.16
C ALA A 121 30.85 34.11 -3.77
N ILE A 122 32.09 33.96 -3.27
CA ILE A 122 32.56 32.63 -2.90
C ILE A 122 32.14 32.22 -1.49
N LYS A 123 31.66 33.17 -0.68
CA LYS A 123 31.17 32.82 0.65
C LYS A 123 30.03 31.81 0.55
N ARG A 124 29.09 32.05 -0.36
CA ARG A 124 28.05 31.07 -0.63
C ARG A 124 28.63 29.81 -1.26
N LEU A 125 29.58 29.98 -2.20
CA LEU A 125 30.23 28.82 -2.79
C LEU A 125 30.99 28.03 -1.75
N PHE A 126 31.64 28.71 -0.79
CA PHE A 126 32.29 28.02 0.31
C PHE A 126 31.28 27.31 1.20
N TYR A 127 30.18 28.00 1.52
CA TYR A 127 29.14 27.38 2.35
C TYR A 127 28.47 26.23 1.62
N LYS A 128 28.20 26.40 0.33
CA LYS A 128 27.46 25.37 -0.41
C LYS A 128 28.22 24.05 -0.39
N ALA A 129 29.54 24.10 -0.59
CA ALA A 129 30.33 22.87 -0.55
C ALA A 129 30.32 22.25 0.85
N GLY A 130 30.52 23.06 1.88
CA GLY A 130 30.53 22.54 3.24
C GLY A 130 29.16 22.02 3.67
N ASN A 131 28.10 22.73 3.31
CA ASN A 131 26.75 22.30 3.63
C ASN A 131 26.24 21.22 2.68
N LEU A 132 26.95 20.94 1.59
CA LEU A 132 26.66 19.79 0.75
C LEU A 132 27.47 18.57 1.14
N SER A 133 28.70 18.78 1.63
CA SER A 133 29.50 17.66 2.08
C SER A 133 28.85 16.96 3.26
N ALA A 134 28.18 17.72 4.13
CA ALA A 134 27.45 17.11 5.23
C ALA A 134 26.33 16.22 4.72
N ASN A 135 25.62 16.67 3.69
CA ASN A 135 24.58 15.85 3.09
C ASN A 135 25.17 14.59 2.46
N ILE A 136 26.32 14.71 1.80
CA ILE A 136 26.98 13.55 1.24
C ILE A 136 27.40 12.59 2.36
N ALA A 137 27.97 13.14 3.44
CA ALA A 137 28.38 12.29 4.55
C ALA A 137 27.17 11.64 5.23
N ALA A 138 26.09 12.40 5.40
CA ALA A 138 24.87 11.84 5.99
C ALA A 138 24.25 10.78 5.08
N ALA A 139 24.30 11.01 3.76
CA ALA A 139 23.83 10.00 2.82
C ALA A 139 24.66 8.73 2.90
N ILE A 140 25.98 8.87 3.07
CA ILE A 140 26.84 7.70 3.21
C ILE A 140 26.46 6.91 4.46
N SER A 141 26.22 7.60 5.58
CA SER A 141 25.77 6.91 6.78
C SER A 141 24.44 6.21 6.56
N SER A 142 23.55 6.80 5.76
CA SER A 142 22.31 6.13 5.40
C SER A 142 22.58 4.84 4.65
N ILE A 143 23.50 4.87 3.68
CA ILE A 143 23.83 3.66 2.94
C ILE A 143 24.47 2.62 3.85
N LYS A 144 25.42 3.06 4.68
CA LYS A 144 26.11 2.13 5.56
C LYS A 144 25.14 1.48 6.53
N ALA A 145 24.19 2.26 7.05
CA ALA A 145 23.17 1.68 7.92
C ALA A 145 22.30 0.68 7.17
N ASP A 146 21.89 1.04 5.94
CA ASP A 146 21.03 0.16 5.17
C ASP A 146 21.73 -1.13 4.78
N THR A 147 22.98 -1.03 4.29
CA THR A 147 23.69 -2.22 3.83
C THR A 147 23.90 -3.20 4.98
N ARG A 148 24.37 -2.70 6.13
CA ARG A 148 24.55 -3.59 7.27
C ARG A 148 23.20 -4.12 7.76
N SER A 149 22.17 -3.28 7.77
CA SER A 149 20.84 -3.75 8.13
C SER A 149 20.36 -4.82 7.16
N ALA A 150 20.60 -4.61 5.87
CA ALA A 150 20.34 -5.67 4.90
C ALA A 150 21.25 -6.85 5.12
N GLY A 151 22.50 -6.59 5.54
CA GLY A 151 23.38 -7.69 5.91
C GLY A 151 22.87 -8.46 7.11
N GLU A 152 22.37 -7.75 8.13
CA GLU A 152 21.78 -8.42 9.28
C GLU A 152 20.58 -9.26 8.87
N ALA A 153 19.70 -8.71 8.03
CA ALA A 153 18.54 -9.46 7.56
C ALA A 153 18.95 -10.68 6.76
N LEU A 154 19.97 -10.54 5.90
CA LEU A 154 20.50 -11.69 5.17
C LEU A 154 21.07 -12.73 6.12
N ASN A 155 21.82 -12.28 7.13
CA ASN A 155 22.37 -13.22 8.12
C ASN A 155 21.26 -13.79 9.00
N ARG A 156 20.39 -12.93 9.53
CA ARG A 156 19.31 -13.41 10.39
C ARG A 156 18.35 -14.31 9.65
N ALA A 157 18.31 -14.22 8.30
CA ALA A 157 17.53 -15.18 7.52
C ALA A 157 18.12 -16.58 7.65
N ARG A 158 19.46 -16.69 7.64
CA ARG A 158 20.11 -17.99 7.76
C ARG A 158 20.49 -18.32 9.19
N CYS A 159 21.34 -17.49 9.80
CA CYS A 159 21.79 -17.74 11.16
C CYS A 159 20.84 -17.03 12.13
N GLY A 160 21.07 -17.24 13.43
CA GLY A 160 20.30 -16.54 14.43
C GLY A 160 20.90 -15.18 14.71
N GLN A 161 20.05 -14.14 14.70
CA GLN A 161 20.49 -12.76 14.90
C GLN A 161 21.64 -12.44 13.96
N ALA A 162 22.90 -12.54 14.43
CA ALA A 162 24.06 -12.37 13.56
C ALA A 162 25.19 -13.33 13.93
N ASP A 163 24.95 -14.36 14.73
CA ASP A 163 26.02 -15.23 15.21
C ASP A 163 26.25 -16.40 14.27
N CYS A 164 26.46 -16.10 12.99
CA CYS A 164 26.72 -17.13 12.00
C CYS A 164 28.20 -17.52 11.94
N LYS A 165 29.02 -16.89 12.77
CA LYS A 165 30.44 -17.26 12.86
C LYS A 165 30.59 -18.70 13.32
N ALA A 166 29.74 -19.14 14.25
CA ALA A 166 29.71 -20.50 14.73
C ALA A 166 28.29 -21.03 14.67
N PRO A 167 28.13 -22.34 14.47
CA PRO A 167 26.78 -22.92 14.35
C PRO A 167 26.02 -23.05 15.66
N ASP A 168 25.33 -21.98 16.07
CA ASP A 168 24.47 -22.04 17.25
C ASP A 168 23.48 -23.20 17.14
N GLN A 169 23.12 -23.77 18.30
CA GLN A 169 22.11 -24.81 18.32
C GLN A 169 20.69 -24.26 18.19
N LYS A 170 20.50 -22.95 18.41
CA LYS A 170 19.18 -22.34 18.20
C LYS A 170 18.80 -22.28 16.73
N TRP A 171 19.76 -22.44 15.82
CA TRP A 171 19.45 -22.48 14.39
C TRP A 171 18.47 -23.60 14.08
N PHE A 172 18.74 -24.78 14.62
CA PHE A 172 17.90 -25.96 14.42
C PHE A 172 17.04 -26.18 15.64
N GLU A 173 15.80 -26.61 15.41
CA GLU A 173 14.82 -26.74 16.48
C GLU A 173 14.23 -28.14 16.48
N THR A 174 13.15 -28.34 17.23
CA THR A 174 12.48 -29.64 17.27
C THR A 174 11.96 -30.02 15.89
N ARG A 175 11.52 -31.28 15.77
CA ARG A 175 11.03 -31.79 14.51
C ARG A 175 9.52 -32.02 14.53
N SER A 176 8.80 -31.37 15.45
CA SER A 176 7.34 -31.45 15.48
C SER A 176 6.73 -30.05 15.55
N LYS A 177 7.44 -29.10 16.17
CA LYS A 177 7.00 -27.72 16.25
C LYS A 177 7.77 -26.78 15.35
N ALA A 178 8.84 -27.24 14.70
CA ALA A 178 9.59 -26.45 13.74
C ALA A 178 9.45 -26.93 12.31
N CYS A 179 9.39 -28.24 12.10
CA CYS A 179 9.15 -28.81 10.79
C CYS A 179 7.69 -29.19 10.57
N SER A 180 6.94 -29.46 11.64
CA SER A 180 5.51 -29.71 11.56
C SER A 180 4.67 -28.61 12.21
N GLY A 181 5.17 -28.01 13.29
CA GLY A 181 4.50 -26.86 13.87
C GLY A 181 3.22 -27.17 14.63
N THR A 182 3.09 -28.37 15.18
CA THR A 182 1.88 -28.77 15.87
C THR A 182 1.60 -27.92 17.10
N GLY A 183 2.45 -28.04 18.12
CA GLY A 183 2.19 -27.37 19.38
C GLY A 183 2.37 -25.87 19.30
N GLU A 184 3.54 -25.43 18.83
CA GLU A 184 3.87 -24.02 18.63
C GLU A 184 4.10 -23.76 17.14
N GLN A 185 3.65 -22.61 16.67
CA GLN A 185 3.65 -22.31 15.25
C GLN A 185 5.01 -21.80 14.78
N LYS A 186 6.08 -22.52 15.11
CA LYS A 186 7.44 -22.09 14.76
C LYS A 186 7.93 -22.81 13.50
N GLN A 187 7.23 -22.59 12.39
CA GLN A 187 7.57 -23.26 11.14
C GLN A 187 8.62 -22.47 10.36
N GLY A 188 9.36 -23.18 9.51
CA GLY A 188 10.24 -22.61 8.50
C GLY A 188 11.00 -21.36 8.90
N MET A 189 11.74 -21.43 10.01
CA MET A 189 12.33 -20.21 10.57
C MET A 189 13.49 -19.71 9.72
N THR A 190 14.54 -20.51 9.59
CA THR A 190 15.76 -20.08 8.93
C THR A 190 15.95 -20.86 7.62
N ILE A 191 16.99 -20.48 6.88
CA ILE A 191 17.37 -21.25 5.70
C ILE A 191 17.78 -22.66 6.10
N ALA A 192 18.56 -22.78 7.17
CA ALA A 192 19.00 -24.08 7.66
C ALA A 192 17.97 -24.77 8.54
N SER A 193 16.95 -24.06 9.01
CA SER A 193 15.91 -24.71 9.79
C SER A 193 15.08 -25.68 8.95
N ASP A 194 15.17 -25.58 7.62
CA ASP A 194 14.44 -26.45 6.73
C ASP A 194 15.27 -27.58 6.16
N ILE A 195 16.61 -27.48 6.23
CA ILE A 195 17.45 -28.59 5.80
C ILE A 195 17.47 -29.74 6.79
N SER A 196 16.78 -29.60 7.93
CA SER A 196 16.64 -30.72 8.87
C SER A 196 15.57 -31.69 8.36
N CYS A 197 14.36 -31.19 8.16
CA CYS A 197 13.29 -32.01 7.62
C CYS A 197 13.47 -32.24 6.13
N LEU A 198 12.96 -33.39 5.66
CA LEU A 198 13.09 -33.90 4.30
C LEU A 198 14.53 -34.31 4.00
N CYS A 199 15.48 -34.07 4.93
CA CYS A 199 16.87 -34.47 4.78
C CYS A 199 17.38 -35.22 6.00
N SER A 200 16.50 -35.62 6.90
CA SER A 200 16.86 -36.44 8.05
C SER A 200 15.96 -37.67 8.08
N ALA A 201 15.99 -38.41 9.19
CA ALA A 201 15.20 -39.65 9.37
C ALA A 201 15.67 -40.67 8.33
N ALA A 202 14.77 -41.52 7.84
CA ALA A 202 15.11 -42.61 6.95
C ALA A 202 14.41 -42.45 5.61
N THR A 203 14.61 -43.46 4.74
CA THR A 203 14.02 -43.52 3.40
C THR A 203 14.39 -42.30 2.56
N GLY A 204 15.70 -42.18 2.30
CA GLY A 204 16.18 -41.12 1.42
C GLY A 204 17.55 -41.39 0.82
N GLU A 205 17.63 -41.30 -0.51
CA GLU A 205 18.90 -41.43 -1.21
C GLU A 205 19.43 -40.04 -1.54
N THR A 206 19.92 -39.38 -0.49
CA THR A 206 20.37 -37.98 -0.51
C THR A 206 19.51 -37.13 -1.44
N LEU A 207 18.19 -37.26 -1.30
CA LEU A 207 17.26 -36.45 -2.09
C LEU A 207 17.41 -34.98 -1.76
N CYS A 208 17.57 -34.66 -0.48
CA CYS A 208 17.91 -33.32 -0.02
C CYS A 208 19.35 -33.39 0.50
N SER A 209 20.30 -33.15 -0.40
CA SER A 209 21.72 -33.24 -0.05
C SER A 209 22.13 -32.13 0.88
N ARG A 218 14.05 -36.92 13.28
CA ARG A 218 13.32 -37.65 14.31
C ARG A 218 11.91 -37.09 14.41
N GLY A 219 11.03 -37.59 13.54
CA GLY A 219 9.69 -37.04 13.45
C GLY A 219 8.97 -37.03 14.78
N GLY A 220 8.79 -35.84 15.34
CA GLY A 220 8.22 -35.70 16.67
C GLY A 220 9.21 -35.24 17.72
N GLU A 221 10.42 -35.80 17.70
CA GLU A 221 11.43 -35.49 18.69
C GLU A 221 12.31 -34.35 18.21
N GLY A 222 13.43 -34.12 18.91
CA GLY A 222 14.36 -33.08 18.51
C GLY A 222 15.73 -33.62 18.14
N THR A 223 16.13 -33.41 16.88
CA THR A 223 17.43 -33.85 16.39
C THR A 223 18.49 -32.75 16.46
N ALA A 224 18.37 -31.84 17.43
CA ALA A 224 19.23 -30.65 17.50
C ALA A 224 20.69 -30.99 17.24
N ALA A 225 21.23 -31.99 17.94
CA ALA A 225 22.61 -32.39 17.70
C ALA A 225 22.78 -33.09 16.36
N ASN A 226 21.84 -33.99 16.01
CA ASN A 226 21.87 -34.62 14.69
C ASN A 226 21.78 -33.58 13.58
N ALA A 227 20.97 -32.55 13.79
CA ALA A 227 20.93 -31.42 12.86
C ALA A 227 22.28 -30.70 12.82
N GLN A 228 22.93 -30.57 13.98
CA GLN A 228 24.28 -29.99 14.00
C GLN A 228 25.25 -30.84 13.19
N THR A 229 25.12 -32.17 13.27
CA THR A 229 25.90 -33.04 12.40
C THR A 229 25.41 -32.97 10.95
N ASP A 230 24.09 -33.05 10.75
CA ASP A 230 23.52 -32.93 9.41
C ASP A 230 23.85 -31.58 8.77
N TRP A 231 24.13 -30.57 9.59
CA TRP A 231 24.61 -29.29 9.06
C TRP A 231 25.96 -29.46 8.36
N SER A 232 26.87 -30.24 8.96
CA SER A 232 28.16 -30.50 8.33
C SER A 232 28.01 -31.28 7.04
N THR A 233 27.15 -32.30 7.03
CA THR A 233 26.91 -33.06 5.81
C THR A 233 26.23 -32.22 4.75
N THR A 234 25.25 -31.39 5.15
CA THR A 234 24.53 -30.56 4.19
C THR A 234 25.45 -29.54 3.53
N ILE A 235 26.30 -28.88 4.33
CA ILE A 235 27.18 -27.85 3.78
C ILE A 235 28.18 -28.46 2.81
N ALA A 236 28.64 -29.68 3.07
CA ALA A 236 29.55 -30.33 2.13
C ALA A 236 28.97 -30.41 0.73
N ASP A 237 27.63 -30.49 0.61
CA ASP A 237 26.94 -30.39 -0.67
C ASP A 237 26.57 -28.96 -1.02
N CYS A 238 27.32 -27.99 -0.51
CA CYS A 238 27.02 -26.56 -0.60
C CYS A 238 28.34 -25.81 -0.41
N ASP A 239 28.25 -24.55 0.00
CA ASP A 239 29.35 -23.65 0.35
C ASP A 239 30.28 -23.45 -0.84
N ARG A 240 29.89 -24.01 -1.99
CA ARG A 240 30.54 -23.65 -3.25
C ARG A 240 30.40 -22.16 -3.52
N ASN A 241 29.38 -21.52 -2.97
CA ASN A 241 29.05 -20.12 -3.21
C ASN A 241 28.88 -19.86 -4.70
N VAL A 242 28.82 -18.59 -5.07
CA VAL A 242 28.77 -18.21 -6.48
C VAL A 242 29.88 -17.20 -6.72
N GLU A 243 31.00 -17.38 -6.00
CA GLU A 243 32.12 -16.47 -5.89
C GLU A 243 31.78 -15.22 -5.08
N GLY A 244 30.61 -15.19 -4.47
CA GLY A 244 30.30 -14.10 -3.54
C GLY A 244 30.42 -12.73 -4.14
N LYS A 245 29.96 -12.58 -5.40
CA LYS A 245 30.21 -11.35 -6.14
C LYS A 245 29.67 -10.12 -5.41
N ALA A 246 28.35 -10.07 -5.23
CA ALA A 246 27.68 -8.97 -4.54
C ALA A 246 26.21 -9.32 -4.41
N PRO A 247 25.52 -8.78 -3.40
CA PRO A 247 24.07 -8.96 -3.33
C PRO A 247 23.35 -8.11 -4.36
N SER A 248 22.15 -8.54 -4.73
CA SER A 248 21.35 -7.84 -5.72
C SER A 248 19.88 -8.05 -5.39
N PRO A 249 19.08 -6.99 -5.38
CA PRO A 249 17.65 -7.18 -5.08
C PRO A 249 16.95 -8.11 -6.06
N ALA A 250 17.39 -8.15 -7.32
CA ALA A 250 16.82 -9.08 -8.26
C ALA A 250 17.20 -10.52 -7.91
N ALA A 251 18.41 -10.71 -7.37
CA ALA A 251 18.83 -12.06 -7.00
C ALA A 251 18.01 -12.60 -5.85
N ILE A 252 17.52 -11.73 -4.97
CA ILE A 252 16.66 -12.16 -3.87
C ILE A 252 15.28 -12.56 -4.40
N GLU A 253 14.72 -11.75 -5.30
CA GLU A 253 13.43 -12.09 -5.90
C GLU A 253 13.53 -13.35 -6.76
N ALA A 254 14.64 -13.49 -7.49
CA ALA A 254 14.84 -14.71 -8.29
C ALA A 254 14.93 -15.94 -7.41
N ALA A 255 15.66 -15.85 -6.30
CA ALA A 255 15.70 -16.96 -5.35
C ALA A 255 14.34 -17.19 -4.72
N ILE A 256 13.63 -16.11 -4.39
CA ILE A 256 12.28 -16.23 -3.84
C ILE A 256 11.36 -16.89 -4.87
N ALA A 257 11.44 -16.47 -6.12
CA ALA A 257 10.62 -17.08 -7.17
C ALA A 257 10.99 -18.54 -7.36
N VAL A 258 12.29 -18.87 -7.31
CA VAL A 258 12.72 -20.25 -7.45
C VAL A 258 12.17 -21.09 -6.30
N PHE A 259 12.12 -20.52 -5.10
CA PHE A 259 11.53 -21.23 -3.96
C PHE A 259 10.07 -21.55 -4.20
N ARG A 260 9.31 -20.59 -4.77
CA ARG A 260 7.90 -20.82 -5.07
C ARG A 260 7.69 -21.92 -6.09
N ALA A 261 8.67 -22.17 -6.96
CA ALA A 261 8.58 -23.26 -7.94
C ALA A 261 8.65 -24.62 -7.28
N ALA A 262 9.57 -24.81 -6.33
CA ALA A 262 9.72 -26.09 -5.65
C ALA A 262 8.64 -26.33 -4.60
N LEU A 263 7.82 -25.34 -4.29
CA LEU A 263 6.76 -25.49 -3.30
C LEU A 263 5.69 -26.45 -3.81
N GLY A 264 5.60 -27.62 -3.21
CA GLY A 264 4.64 -28.62 -3.63
C GLY A 264 5.11 -30.05 -3.44
N ASN A 265 4.25 -30.90 -2.88
CA ASN A 265 4.54 -32.31 -2.71
C ASN A 265 3.23 -33.04 -2.46
N ALA A 266 3.15 -34.28 -2.93
CA ALA A 266 1.92 -35.06 -2.91
C ALA A 266 2.06 -36.31 -2.04
N GLU A 267 2.69 -36.19 -0.88
CA GLU A 267 2.77 -37.28 0.08
C GLU A 267 1.61 -37.13 1.07
N PHE A 268 1.64 -37.90 2.15
CA PHE A 268 0.60 -37.87 3.17
C PHE A 268 1.13 -37.16 4.42
N THR A 269 0.20 -36.64 5.22
CA THR A 269 0.53 -35.90 6.44
C THR A 269 1.57 -36.61 7.31
N ALA A 276 -0.61 -28.84 -0.96
CA ALA A 276 -1.08 -27.48 -0.71
C ALA A 276 -0.06 -26.69 0.09
N PHE A 277 0.71 -25.84 -0.61
CA PHE A 277 1.71 -24.97 0.02
C PHE A 277 2.71 -25.77 0.86
N VAL A 278 3.13 -26.91 0.33
CA VAL A 278 3.99 -27.85 1.06
C VAL A 278 5.25 -28.08 0.23
N LEU A 279 6.19 -28.86 0.73
CA LEU A 279 7.40 -29.18 0.00
C LEU A 279 7.73 -30.66 0.12
N ALA A 294 9.12 -39.17 5.17
CA ALA A 294 8.46 -38.29 4.21
C ALA A 294 9.24 -36.98 4.06
N ALA A 295 8.52 -35.87 4.24
CA ALA A 295 9.11 -34.54 4.09
C ALA A 295 9.06 -33.73 5.38
N CYS A 296 7.90 -33.70 6.05
CA CYS A 296 7.71 -32.97 7.30
C CYS A 296 8.05 -31.49 7.14
N VAL A 297 7.31 -30.82 6.24
CA VAL A 297 7.54 -29.39 6.04
C VAL A 297 6.27 -28.60 6.34
N ASP A 298 5.21 -28.83 5.56
CA ASP A 298 3.87 -28.30 5.80
C ASP A 298 3.89 -26.87 6.33
N TYR A 299 4.47 -25.97 5.54
CA TYR A 299 4.54 -24.56 5.93
C TYR A 299 3.17 -23.96 6.18
N THR A 300 2.08 -24.67 5.84
CA THR A 300 0.74 -24.20 6.12
C THR A 300 0.49 -24.02 7.61
N ASN A 301 1.32 -24.62 8.46
CA ASN A 301 1.20 -24.43 9.90
C ASN A 301 1.20 -22.94 10.25
N LYS A 302 2.30 -22.24 9.95
CA LYS A 302 2.40 -20.82 10.26
C LYS A 302 2.04 -19.92 9.08
N LEU A 303 1.63 -20.51 7.96
CA LEU A 303 1.33 -19.70 6.77
C LEU A 303 0.36 -18.57 7.07
N ALA A 304 -0.65 -18.84 7.90
CA ALA A 304 -1.77 -17.91 8.14
C ALA A 304 -2.40 -17.65 6.77
N ARG A 305 -2.56 -16.39 6.36
CA ARG A 305 -2.97 -16.13 4.98
C ARG A 305 -1.85 -16.54 4.03
N GLY A 306 -2.23 -17.05 2.86
CA GLY A 306 -1.33 -17.73 1.94
C GLY A 306 0.02 -17.11 1.67
N THR A 307 0.14 -15.80 1.88
CA THR A 307 1.37 -15.09 1.52
C THR A 307 2.57 -15.63 2.29
N ILE A 308 3.71 -15.67 1.60
CA ILE A 308 4.98 -16.00 2.25
C ILE A 308 5.54 -14.81 3.03
N ASN A 309 4.85 -13.67 3.03
CA ASN A 309 5.27 -12.52 3.81
C ASN A 309 5.28 -12.82 5.30
N ASP A 310 4.62 -13.91 5.72
CA ASP A 310 4.60 -14.35 7.10
C ASP A 310 5.73 -15.33 7.41
N ILE A 311 6.06 -16.24 6.49
CA ILE A 311 7.12 -17.21 6.78
C ILE A 311 8.44 -16.46 6.93
N PRO A 312 9.24 -16.78 7.95
CA PRO A 312 10.32 -15.87 8.38
C PRO A 312 11.38 -15.53 7.34
N TRP A 313 12.07 -16.55 6.82
CA TRP A 313 13.27 -16.29 6.02
C TRP A 313 12.95 -15.51 4.75
N ILE A 314 11.76 -15.73 4.17
CA ILE A 314 11.35 -14.92 3.02
C ILE A 314 11.20 -13.46 3.41
N GLU A 315 10.57 -13.21 4.57
CA GLU A 315 10.41 -11.84 5.05
C GLU A 315 11.76 -11.19 5.32
N GLN A 316 12.69 -11.94 5.94
CA GLN A 316 14.01 -11.38 6.21
C GLN A 316 14.74 -11.06 4.91
N LEU A 317 14.60 -11.92 3.90
CA LEU A 317 15.21 -11.64 2.60
C LEU A 317 14.59 -10.41 1.97
N ARG A 318 13.26 -10.27 2.06
CA ARG A 318 12.59 -9.11 1.49
C ARG A 318 13.01 -7.82 2.20
N THR A 319 13.15 -7.88 3.53
CA THR A 319 13.59 -6.68 4.25
C THR A 319 14.98 -6.27 3.83
N ALA A 320 15.86 -7.25 3.59
CA ALA A 320 17.21 -6.95 3.10
C ALA A 320 17.16 -6.27 1.73
N ALA A 321 16.29 -6.76 0.84
CA ALA A 321 16.14 -6.14 -0.47
C ALA A 321 15.64 -4.70 -0.36
N ALA A 322 14.72 -4.46 0.58
CA ALA A 322 14.20 -3.11 0.76
C ALA A 322 15.28 -2.13 1.16
N LYS A 323 16.16 -2.53 2.07
CA LYS A 323 17.30 -1.67 2.42
C LYS A 323 18.28 -1.58 1.26
N LEU A 324 18.48 -2.68 0.52
CA LEU A 324 19.38 -2.65 -0.63
C LEU A 324 18.79 -1.84 -1.78
N ALA A 325 17.46 -1.75 -1.85
CA ALA A 325 16.85 -0.91 -2.88
C ALA A 325 17.18 0.56 -2.67
N GLY A 326 17.41 0.97 -1.42
CA GLY A 326 17.72 2.36 -1.14
C GLY A 326 19.13 2.79 -1.45
N VAL A 327 20.04 1.84 -1.70
CA VAL A 327 21.41 2.22 -2.00
C VAL A 327 21.51 2.80 -3.40
N ALA A 328 20.70 2.31 -4.35
CA ALA A 328 20.72 2.87 -5.68
C ALA A 328 20.12 4.28 -5.71
N GLY A 329 19.07 4.50 -4.90
CA GLY A 329 18.51 5.84 -4.83
C GLY A 329 19.48 6.86 -4.27
N THR A 330 20.21 6.49 -3.22
CA THR A 330 21.24 7.38 -2.69
C THR A 330 22.43 7.47 -3.65
N ARG A 331 22.66 6.43 -4.45
CA ARG A 331 23.76 6.47 -5.40
C ARG A 331 23.55 7.56 -6.44
N ALA A 332 22.34 7.65 -7.00
CA ALA A 332 22.06 8.70 -7.99
C ALA A 332 22.16 10.08 -7.35
N GLN A 333 21.66 10.23 -6.13
CA GLN A 333 21.84 11.50 -5.41
C GLN A 333 23.32 11.77 -5.14
N LEU A 334 24.07 10.72 -4.78
CA LEU A 334 25.45 10.92 -4.36
C LEU A 334 26.34 11.31 -5.53
N ASP A 335 26.14 10.70 -6.70
CA ASP A 335 26.93 11.05 -7.86
C ASP A 335 26.70 12.50 -8.28
N GLY A 336 25.43 12.93 -8.30
CA GLY A 336 25.12 14.28 -8.69
C GLY A 336 25.67 15.32 -7.74
N MET A 337 25.70 15.00 -6.44
CA MET A 337 26.25 15.92 -5.46
C MET A 337 27.76 16.06 -5.65
N ARG A 338 28.46 14.97 -5.99
CA ARG A 338 29.88 15.06 -6.26
C ARG A 338 30.16 15.91 -7.50
N GLN A 339 29.33 15.74 -8.53
CA GLN A 339 29.48 16.57 -9.73
C GLN A 339 29.27 18.05 -9.41
N GLU A 340 28.30 18.35 -8.55
CA GLU A 340 28.09 19.74 -8.12
C GLU A 340 29.33 20.30 -7.45
N MET A 341 30.02 19.49 -6.65
CA MET A 341 31.27 19.92 -6.05
C MET A 341 32.32 20.20 -7.10
N ARG A 342 32.43 19.33 -8.10
CA ARG A 342 33.34 19.59 -9.21
C ARG A 342 32.97 20.88 -9.93
N ILE A 343 31.67 21.17 -10.03
CA ILE A 343 31.22 22.43 -10.61
C ILE A 343 31.59 23.60 -9.72
N ILE A 344 31.42 23.44 -8.41
CA ILE A 344 31.72 24.53 -7.49
C ILE A 344 33.20 24.87 -7.49
N GLU A 345 34.07 23.91 -7.83
CA GLU A 345 35.49 24.22 -8.01
C GLU A 345 35.69 25.18 -9.18
N ASP A 346 35.13 24.84 -10.34
CA ASP A 346 35.30 25.68 -11.53
C ASP A 346 34.64 27.04 -11.35
N GLN A 347 33.52 27.09 -10.63
CA GLN A 347 32.85 28.36 -10.38
C GLN A 347 33.73 29.30 -9.57
N ALA A 348 34.52 28.75 -8.64
CA ALA A 348 35.29 29.58 -7.72
C ALA A 348 36.43 30.30 -8.42
N TRP A 349 37.16 29.60 -9.30
CA TRP A 349 38.31 30.22 -9.96
C TRP A 349 37.88 31.40 -10.80
N GLN A 350 36.75 31.28 -11.49
CA GLN A 350 36.21 32.39 -12.27
C GLN A 350 35.56 33.46 -11.40
N ALA A 351 35.66 33.32 -10.08
CA ALA A 351 35.27 34.38 -9.15
C ALA A 351 36.45 35.00 -8.43
N PHE A 352 37.60 34.33 -8.38
CA PHE A 352 38.80 34.98 -7.87
C PHE A 352 39.23 36.11 -8.79
N ALA A 353 38.96 35.99 -10.08
CA ALA A 353 39.26 37.05 -11.03
C ALA A 353 38.44 38.31 -10.75
N LEU A 354 37.34 38.18 -10.00
CA LEU A 354 36.56 39.35 -9.63
C LEU A 354 37.39 40.35 -8.85
N ALA A 355 38.35 39.88 -8.06
CA ALA A 355 39.26 40.75 -7.34
C ALA A 355 40.49 41.14 -8.17
N THR A 356 40.42 40.99 -9.49
CA THR A 356 41.48 41.38 -10.41
C THR A 356 42.85 40.86 -9.98
N TYR B 22 -7.21 -29.25 -3.40
CA TYR B 22 -5.81 -29.54 -3.17
C TYR B 22 -5.03 -29.70 -4.47
N GLU B 23 -5.71 -29.57 -5.61
CA GLU B 23 -5.11 -29.99 -6.87
C GLU B 23 -4.39 -28.85 -7.58
N ASN B 24 -5.11 -27.81 -7.99
CA ASN B 24 -4.54 -26.71 -8.74
C ASN B 24 -4.25 -25.51 -7.83
N ALA B 25 -3.34 -25.74 -6.88
CA ALA B 25 -3.00 -24.70 -5.93
C ALA B 25 -1.86 -23.82 -6.42
N LYS B 26 -0.79 -24.42 -6.94
CA LYS B 26 0.34 -23.64 -7.42
C LYS B 26 -0.06 -22.78 -8.61
N GLN B 27 -0.91 -23.30 -9.48
CA GLN B 27 -1.33 -22.53 -10.65
C GLN B 27 -2.08 -21.26 -10.24
N TYR B 28 -2.94 -21.37 -9.23
CA TYR B 28 -3.61 -20.18 -8.71
C TYR B 28 -2.61 -19.20 -8.11
N GLU B 29 -1.61 -19.72 -7.40
CA GLU B 29 -0.61 -18.85 -6.79
C GLU B 29 0.12 -18.02 -7.84
N ALA B 30 0.39 -18.62 -9.00
CA ALA B 30 0.99 -17.88 -10.09
C ALA B 30 0.05 -16.80 -10.61
N LEU B 31 -1.19 -17.17 -10.92
CA LEU B 31 -2.15 -16.20 -11.45
C LEU B 31 -2.47 -15.13 -10.43
N CYS B 32 -2.61 -15.51 -9.16
CA CYS B 32 -2.87 -14.51 -8.12
C CYS B 32 -1.69 -13.55 -7.97
N GLY B 33 -0.47 -14.03 -8.20
CA GLY B 33 0.68 -13.14 -8.21
C GLY B 33 0.60 -12.10 -9.29
N ALA B 34 0.21 -12.51 -10.51
CA ALA B 34 0.04 -11.56 -11.60
C ALA B 34 -1.08 -10.57 -11.30
N TYR B 35 -2.21 -11.08 -10.81
CA TYR B 35 -3.33 -10.22 -10.45
C TYR B 35 -2.91 -9.18 -9.41
N ALA B 36 -1.99 -9.54 -8.51
CA ALA B 36 -1.60 -8.63 -7.45
C ALA B 36 -0.97 -7.36 -8.03
N ILE B 37 -0.06 -7.52 -8.98
CA ILE B 37 0.58 -6.36 -9.60
C ILE B 37 -0.45 -5.51 -10.32
N THR B 38 -1.40 -6.14 -11.02
CA THR B 38 -2.45 -5.38 -11.69
C THR B 38 -3.35 -4.66 -10.68
N LYS B 39 -3.52 -5.24 -9.49
CA LYS B 39 -4.24 -4.56 -8.41
C LYS B 39 -3.40 -3.48 -7.74
N GLN B 40 -2.08 -3.48 -7.98
CA GLN B 40 -1.23 -2.43 -7.46
C GLN B 40 -1.38 -1.16 -8.29
N ALA B 41 -1.16 -0.02 -7.65
CA ALA B 41 -1.36 1.28 -8.27
C ALA B 41 -0.02 1.95 -8.53
N ILE B 42 0.08 2.60 -9.67
CA ILE B 42 1.26 3.40 -9.99
C ILE B 42 0.95 4.88 -9.83
N SER B 43 1.23 5.42 -8.64
CA SER B 43 1.04 6.85 -8.42
C SER B 43 2.06 7.63 -9.24
N ASP B 44 1.59 8.70 -9.88
CA ASP B 44 2.46 9.48 -10.77
C ASP B 44 3.60 10.12 -9.98
N ALA B 45 3.31 10.68 -8.81
CA ALA B 45 4.32 11.40 -8.05
C ALA B 45 5.42 10.50 -7.52
N GLU B 46 5.26 9.18 -7.57
CA GLU B 46 6.36 8.28 -7.20
C GLU B 46 7.54 8.41 -8.15
N TYR B 47 7.33 8.99 -9.33
CA TYR B 47 8.38 9.20 -10.32
C TYR B 47 8.67 10.66 -10.60
N ILE B 48 7.64 11.50 -10.67
CA ILE B 48 7.86 12.92 -10.91
C ILE B 48 8.59 13.55 -9.73
N GLY B 49 8.16 13.24 -8.51
CA GLY B 49 8.83 13.75 -7.34
C GLY B 49 8.49 15.20 -7.05
N ASP B 50 9.39 15.86 -6.32
CA ASP B 50 9.19 17.24 -5.91
C ASP B 50 9.30 18.18 -7.11
N THR B 51 8.36 19.12 -7.20
CA THR B 51 8.31 20.05 -8.32
C THR B 51 8.47 21.50 -7.90
N THR B 52 8.87 21.76 -6.65
CA THR B 52 9.02 23.14 -6.19
C THR B 52 10.28 23.80 -6.74
N GLY B 53 11.26 23.02 -7.19
CA GLY B 53 12.48 23.57 -7.76
C GLY B 53 12.54 23.38 -9.26
N ASP B 54 11.55 22.67 -9.82
CA ASP B 54 11.48 22.46 -11.26
C ASP B 54 11.34 23.76 -12.04
N PRO B 55 10.44 24.70 -11.70
CA PRO B 55 10.28 25.90 -12.53
C PRO B 55 11.51 26.80 -12.51
N ARG B 56 11.43 27.92 -13.24
CA ARG B 56 12.50 28.90 -13.22
C ARG B 56 12.66 29.46 -11.81
N PRO B 57 13.86 29.43 -11.24
CA PRO B 57 14.02 29.90 -9.86
C PRO B 57 13.64 31.37 -9.75
N LYS B 58 12.90 31.70 -8.69
CA LYS B 58 12.49 33.08 -8.50
C LYS B 58 13.69 33.99 -8.22
N GLU B 59 14.78 33.45 -7.70
CA GLU B 59 15.97 34.27 -7.45
C GLU B 59 16.56 34.79 -8.75
N VAL B 60 16.66 33.96 -9.78
CA VAL B 60 17.21 34.44 -11.04
C VAL B 60 16.27 35.45 -11.69
N GLU B 61 14.95 35.25 -11.54
CA GLU B 61 14.01 36.26 -12.02
C GLU B 61 14.18 37.56 -11.24
N ASP B 62 14.19 37.46 -9.90
CA ASP B 62 14.31 38.66 -9.08
C ASP B 62 15.60 39.42 -9.37
N LEU B 63 16.68 38.69 -9.64
CA LEU B 63 17.93 39.34 -10.00
C LEU B 63 17.81 40.03 -11.37
N TYR B 64 16.96 39.51 -12.25
CA TYR B 64 16.85 40.09 -13.59
C TYR B 64 16.17 41.46 -13.55
N ILE B 65 15.20 41.64 -12.66
CA ILE B 65 14.57 42.95 -12.52
C ILE B 65 15.57 43.98 -12.03
N MET B 66 16.50 43.55 -11.16
CA MET B 66 17.50 44.46 -10.61
C MET B 66 18.32 45.12 -11.72
N THR B 67 19.03 44.31 -12.51
CA THR B 67 19.89 44.83 -13.56
C THR B 67 19.04 45.25 -14.76
N LEU B 68 18.25 46.30 -14.55
CA LEU B 68 17.40 46.84 -15.61
C LEU B 68 17.38 48.36 -15.70
N SER B 69 17.89 49.07 -14.69
CA SER B 69 17.90 50.54 -14.65
C SER B 69 16.49 51.11 -14.60
N ASP B 70 16.37 52.44 -14.63
CA ASP B 70 15.06 53.08 -14.51
C ASP B 70 14.16 52.75 -15.69
N GLU B 71 14.70 52.81 -16.91
CA GLU B 71 13.96 52.40 -18.08
C GLU B 71 13.80 50.88 -18.10
N ASP B 72 12.72 50.43 -18.75
CA ASP B 72 12.30 49.03 -18.82
C ASP B 72 11.83 48.50 -17.47
N TYR B 73 11.92 49.31 -16.41
CA TYR B 73 11.47 48.94 -15.07
C TYR B 73 10.22 49.76 -14.78
N ASN B 74 9.07 49.21 -15.17
CA ASN B 74 7.78 49.87 -15.00
C ASN B 74 6.69 48.91 -15.40
N ASN B 75 5.49 49.14 -14.86
CA ASN B 75 4.35 48.32 -15.23
C ASN B 75 3.96 48.52 -16.69
N LYS B 76 4.20 49.72 -17.23
CA LYS B 76 3.80 50.05 -18.59
C LYS B 76 4.74 49.48 -19.65
N THR B 77 5.57 48.50 -19.29
CA THR B 77 6.40 47.77 -20.24
C THR B 77 5.63 46.64 -20.91
N LEU B 78 4.30 46.75 -20.93
CA LEU B 78 3.37 45.70 -21.36
C LEU B 78 3.82 44.96 -22.61
N THR B 79 4.49 45.66 -23.52
CA THR B 79 5.00 45.00 -24.72
C THR B 79 5.98 43.89 -24.36
N GLY B 80 6.83 44.12 -23.38
CA GLY B 80 7.66 43.05 -22.84
C GLY B 80 7.56 42.92 -21.33
N VAL B 81 6.98 41.83 -20.86
CA VAL B 81 6.85 41.52 -19.44
C VAL B 81 7.17 40.04 -19.24
N THR B 82 7.91 39.73 -18.18
CA THR B 82 8.39 38.36 -18.00
C THR B 82 7.30 37.47 -17.38
N GLU B 83 6.95 37.74 -16.12
CA GLU B 83 5.84 37.10 -15.44
C GLU B 83 5.09 38.12 -14.60
N GLU B 84 5.02 39.36 -15.10
CA GLU B 84 4.45 40.47 -14.36
C GLU B 84 2.92 40.51 -14.43
N GLY B 85 2.28 39.38 -14.72
CA GLY B 85 0.83 39.30 -14.70
C GLY B 85 0.24 39.51 -13.33
N GLY B 86 1.08 39.45 -12.29
CA GLY B 86 0.64 39.80 -10.96
C GLY B 86 0.64 41.30 -10.77
N LEU B 87 0.45 42.04 -11.87
CA LEU B 87 0.43 43.50 -11.88
C LEU B 87 1.72 44.09 -11.29
N GLU B 88 2.86 43.52 -11.69
CA GLU B 88 4.17 43.95 -11.20
C GLU B 88 4.23 43.93 -9.68
N LYS B 89 4.07 45.10 -9.06
CA LYS B 89 3.99 45.22 -7.60
C LYS B 89 5.25 44.71 -6.92
N ARG B 90 5.54 43.41 -7.06
CA ARG B 90 6.72 42.83 -6.44
C ARG B 90 8.01 43.41 -7.01
N LYS B 91 7.92 44.10 -8.15
CA LYS B 91 9.09 44.73 -8.75
C LYS B 91 9.84 45.60 -7.72
N SER B 92 9.09 46.33 -6.89
CA SER B 92 9.69 47.12 -5.83
C SER B 92 9.72 46.40 -4.49
N ASP B 93 8.95 45.33 -4.33
CA ASP B 93 8.88 44.59 -3.07
C ASP B 93 9.78 43.36 -3.04
N ILE B 94 10.50 43.09 -4.14
CA ILE B 94 11.46 42.00 -4.14
C ILE B 94 12.60 42.29 -3.18
N LEU B 95 12.96 43.57 -3.02
CA LEU B 95 14.06 43.99 -2.14
C LEU B 95 13.61 43.80 -0.69
N GLN B 96 13.61 42.55 -0.26
CA GLN B 96 13.17 42.13 1.07
C GLN B 96 14.38 42.08 2.01
N ARG B 97 14.21 41.44 3.17
CA ARG B 97 15.26 41.37 4.18
C ARG B 97 15.40 39.98 4.78
N ARG B 98 15.16 38.93 3.99
CA ARG B 98 15.16 37.56 4.48
C ARG B 98 16.59 37.07 4.65
N ASP B 99 17.10 37.12 5.88
CA ASP B 99 18.47 36.76 6.20
C ASP B 99 18.51 36.21 7.62
N THR B 100 19.70 36.22 8.23
CA THR B 100 19.92 35.82 9.61
C THR B 100 19.42 36.91 10.54
N TYR B 101 19.89 36.93 11.79
CA TYR B 101 19.50 37.99 12.73
C TYR B 101 19.60 39.38 12.10
N GLY B 102 20.46 39.55 11.09
CA GLY B 102 20.54 40.78 10.34
C GLY B 102 19.83 40.71 8.99
N ARG B 103 19.93 41.80 8.24
CA ARG B 103 19.26 41.95 6.96
C ARG B 103 20.29 42.36 5.90
N GLU B 104 20.47 41.52 4.88
CA GLU B 104 21.52 41.82 3.91
C GLU B 104 21.09 41.75 2.45
N ILE B 105 20.27 40.77 2.07
CA ILE B 105 20.15 40.35 0.67
C ILE B 105 19.33 41.32 -0.17
N HIS B 106 19.44 41.18 -1.49
CA HIS B 106 18.61 41.89 -2.46
C HIS B 106 18.75 43.40 -2.34
N ILE B 108 20.09 46.51 -5.16
CA ILE B 108 20.50 46.84 -6.52
C ILE B 108 21.62 47.88 -6.53
N ALA B 110 23.28 50.67 -7.88
CA ALA B 110 23.35 51.88 -8.69
C ALA B 110 22.99 51.60 -10.14
N ASN B 111 23.58 52.37 -11.05
CA ASN B 111 23.28 52.28 -12.48
C ASN B 111 24.57 52.31 -13.30
N SER B 112 25.59 51.59 -12.84
CA SER B 112 26.87 51.57 -13.53
C SER B 112 26.78 50.76 -14.82
N GLU B 113 27.87 50.79 -15.59
CA GLU B 113 27.96 49.95 -16.78
C GLU B 113 27.93 48.47 -16.40
N ALA B 114 28.39 48.14 -15.19
CA ALA B 114 28.32 46.75 -14.72
C ALA B 114 26.88 46.28 -14.56
N ARG B 115 25.96 47.19 -14.21
CA ARG B 115 24.55 46.84 -14.10
C ARG B 115 24.03 46.31 -15.43
N ALA B 116 24.31 47.03 -16.52
CA ALA B 116 23.91 46.55 -17.84
C ALA B 116 24.69 45.30 -18.24
N ALA B 117 26.00 45.27 -17.97
CA ALA B 117 26.81 44.12 -18.35
C ALA B 117 26.41 42.87 -17.58
N ALA B 118 25.85 43.02 -16.38
CA ALA B 118 25.37 41.87 -15.63
C ALA B 118 24.02 41.38 -16.17
N HIS B 119 23.24 42.27 -16.78
CA HIS B 119 21.90 41.88 -17.24
C HIS B 119 21.98 40.78 -18.29
N VAL B 120 22.90 40.91 -19.26
CA VAL B 120 23.00 39.91 -20.32
C VAL B 120 23.48 38.58 -19.76
N ALA B 121 24.37 38.61 -18.76
CA ALA B 121 24.81 37.38 -18.13
C ALA B 121 23.64 36.69 -17.43
N ILE B 122 22.81 37.45 -16.73
CA ILE B 122 21.58 36.91 -16.18
C ILE B 122 20.62 36.51 -17.30
N LYS B 123 20.50 37.37 -18.32
CA LYS B 123 19.57 37.10 -19.42
C LYS B 123 19.89 35.77 -20.10
N ARG B 124 21.16 35.42 -20.20
CA ARG B 124 21.54 34.13 -20.78
C ARG B 124 21.00 32.98 -19.94
N LEU B 125 21.24 33.01 -18.63
CA LEU B 125 20.73 31.98 -17.74
C LEU B 125 19.23 32.15 -17.50
N PHE B 126 18.72 33.38 -17.54
CA PHE B 126 17.28 33.59 -17.44
C PHE B 126 16.55 32.87 -18.56
N TYR B 127 17.08 32.96 -19.78
CA TYR B 127 16.51 32.20 -20.89
C TYR B 127 16.68 30.70 -20.67
N LYS B 128 17.88 30.26 -20.30
CA LYS B 128 18.16 28.83 -20.17
C LYS B 128 17.29 28.19 -19.10
N ALA B 129 17.09 28.89 -17.97
CA ALA B 129 16.22 28.35 -16.93
C ALA B 129 14.80 28.17 -17.43
N GLY B 130 14.28 29.15 -18.17
CA GLY B 130 12.94 29.03 -18.71
C GLY B 130 12.83 27.93 -19.75
N ASN B 131 13.83 27.82 -20.63
CA ASN B 131 13.84 26.72 -21.58
C ASN B 131 13.87 25.38 -20.86
N LEU B 132 14.70 25.27 -19.83
CA LEU B 132 14.76 24.03 -19.07
C LEU B 132 13.42 23.74 -18.39
N SER B 133 12.75 24.79 -17.92
CA SER B 133 11.44 24.61 -17.31
C SER B 133 10.47 23.96 -18.30
N ALA B 134 10.50 24.39 -19.56
CA ALA B 134 9.72 23.74 -20.59
C ALA B 134 10.20 22.31 -20.83
N ASN B 135 11.51 22.10 -20.85
CA ASN B 135 12.04 20.75 -21.02
C ASN B 135 11.73 19.88 -19.80
N ILE B 136 11.79 20.46 -18.61
CA ILE B 136 11.42 19.72 -17.40
C ILE B 136 9.96 19.29 -17.48
N ALA B 137 9.08 20.22 -17.86
CA ALA B 137 7.66 19.89 -17.98
C ALA B 137 7.42 18.87 -19.08
N ALA B 138 8.22 18.90 -20.15
CA ALA B 138 8.07 17.93 -21.23
C ALA B 138 8.38 16.52 -20.75
N ALA B 139 9.42 16.36 -19.93
CA ALA B 139 9.72 15.06 -19.37
C ALA B 139 8.64 14.59 -18.41
N ILE B 140 8.01 15.51 -17.68
CA ILE B 140 6.91 15.15 -16.79
C ILE B 140 5.73 14.61 -17.59
N SER B 141 5.40 15.27 -18.71
CA SER B 141 4.31 14.80 -19.56
C SER B 141 4.59 13.41 -20.13
N SER B 142 5.86 13.12 -20.45
CA SER B 142 6.21 11.77 -20.88
C SER B 142 5.96 10.75 -19.78
N ILE B 143 6.29 11.10 -18.54
CA ILE B 143 6.02 10.22 -17.40
C ILE B 143 4.52 10.04 -17.20
N LYS B 144 3.75 11.13 -17.28
CA LYS B 144 2.31 11.03 -17.09
C LYS B 144 1.67 10.13 -18.15
N ALA B 145 2.10 10.26 -19.41
CA ALA B 145 1.54 9.44 -20.48
C ALA B 145 1.96 7.98 -20.34
N ASP B 146 3.24 7.75 -20.08
CA ASP B 146 3.74 6.38 -19.99
C ASP B 146 3.07 5.63 -18.84
N THR B 147 2.97 6.27 -17.67
CA THR B 147 2.37 5.63 -16.51
C THR B 147 0.89 5.30 -16.75
N ARG B 148 0.14 6.26 -17.31
CA ARG B 148 -1.25 5.99 -17.64
C ARG B 148 -1.35 4.94 -18.75
N SER B 149 -0.43 4.98 -19.71
CA SER B 149 -0.40 3.93 -20.73
C SER B 149 -0.06 2.59 -20.09
N ALA B 150 0.92 2.58 -19.19
CA ALA B 150 1.25 1.37 -18.46
C ALA B 150 0.10 0.92 -17.57
N GLY B 151 -0.54 1.87 -16.89
CA GLY B 151 -1.68 1.53 -16.06
C GLY B 151 -2.81 0.88 -16.86
N GLU B 152 -3.03 1.36 -18.08
CA GLU B 152 -4.01 0.75 -18.97
C GLU B 152 -3.62 -0.68 -19.33
N ALA B 153 -2.32 -0.96 -19.42
CA ALA B 153 -1.87 -2.30 -19.81
C ALA B 153 -2.17 -3.32 -18.73
N LEU B 154 -1.84 -3.00 -17.47
CA LEU B 154 -2.12 -3.91 -16.37
C LEU B 154 -3.60 -4.23 -16.30
N ASN B 155 -4.44 -3.20 -16.43
CA ASN B 155 -5.88 -3.40 -16.46
C ASN B 155 -6.27 -4.35 -17.60
N ARG B 156 -5.78 -4.07 -18.80
CA ARG B 156 -6.01 -4.87 -19.99
C ARG B 156 -5.62 -6.34 -19.82
N ALA B 157 -4.89 -6.67 -18.76
CA ALA B 157 -4.61 -8.05 -18.42
C ALA B 157 -5.60 -8.59 -17.41
N ARG B 158 -5.93 -7.78 -16.40
CA ARG B 158 -6.89 -8.20 -15.39
C ARG B 158 -8.29 -8.24 -15.96
N CYS B 159 -8.68 -7.21 -16.70
CA CYS B 159 -9.91 -7.20 -17.45
C CYS B 159 -9.61 -7.15 -18.94
N GLY B 160 -10.64 -6.95 -19.75
CA GLY B 160 -10.45 -6.73 -21.18
C GLY B 160 -10.49 -5.27 -21.54
N GLN B 161 -10.28 -4.40 -20.55
CA GLN B 161 -10.39 -2.96 -20.75
C GLN B 161 -9.23 -2.25 -20.04
N ALA B 162 -9.15 -0.94 -20.25
CA ALA B 162 -8.15 -0.10 -19.62
C ALA B 162 -8.63 0.50 -18.31
N ASP B 163 -9.81 0.09 -17.83
CA ASP B 163 -10.44 0.68 -16.66
C ASP B 163 -10.59 -0.29 -15.50
N CYS B 164 -11.00 -1.53 -15.75
CA CYS B 164 -11.05 -2.57 -14.73
C CYS B 164 -11.83 -2.13 -13.49
N LYS B 165 -13.08 -1.73 -13.71
CA LYS B 165 -13.83 -1.16 -12.60
C LYS B 165 -14.71 -2.19 -11.90
N ALA B 166 -15.72 -2.65 -12.58
CA ALA B 166 -16.72 -3.43 -11.87
C ALA B 166 -16.56 -4.90 -12.21
N PRO B 167 -16.47 -5.79 -11.23
CA PRO B 167 -16.27 -7.21 -11.55
C PRO B 167 -17.47 -7.80 -12.26
N ASP B 168 -17.87 -7.14 -13.34
CA ASP B 168 -19.07 -7.45 -14.12
C ASP B 168 -18.77 -7.07 -15.57
N GLN B 169 -19.82 -6.90 -16.37
CA GLN B 169 -19.75 -6.38 -17.72
C GLN B 169 -19.06 -7.34 -18.69
N LYS B 170 -18.99 -8.62 -18.36
CA LYS B 170 -18.60 -9.67 -19.29
C LYS B 170 -17.20 -9.41 -19.88
N TRP B 171 -16.20 -9.40 -19.00
CA TRP B 171 -14.83 -9.42 -19.46
C TRP B 171 -14.22 -10.83 -19.41
N PHE B 172 -15.08 -11.85 -19.49
CA PHE B 172 -14.72 -13.26 -19.68
C PHE B 172 -15.33 -13.71 -21.01
N GLU B 173 -15.30 -15.01 -21.26
CA GLU B 173 -15.92 -15.57 -22.45
C GLU B 173 -16.42 -16.98 -22.13
N THR B 174 -16.97 -17.66 -23.13
CA THR B 174 -17.53 -18.98 -22.92
C THR B 174 -16.44 -19.96 -22.51
N ARG B 175 -16.84 -20.97 -21.76
CA ARG B 175 -15.88 -21.99 -21.33
C ARG B 175 -15.20 -22.65 -22.53
N SER B 176 -15.98 -22.97 -23.57
CA SER B 176 -15.42 -23.65 -24.73
C SER B 176 -14.36 -22.79 -25.41
N LYS B 177 -14.62 -21.49 -25.50
CA LYS B 177 -13.69 -20.61 -26.19
C LYS B 177 -12.49 -20.24 -25.31
N ALA B 178 -12.72 -20.03 -24.02
CA ALA B 178 -11.68 -19.41 -23.19
C ALA B 178 -10.77 -20.43 -22.52
N CYS B 179 -11.28 -21.60 -22.14
CA CYS B 179 -10.47 -22.57 -21.42
C CYS B 179 -9.89 -23.63 -22.33
N SER B 180 -10.68 -24.18 -23.25
CA SER B 180 -10.22 -25.24 -24.13
C SER B 180 -9.92 -24.75 -25.55
N GLY B 181 -10.38 -23.56 -25.90
CA GLY B 181 -10.11 -23.01 -27.22
C GLY B 181 -10.74 -23.79 -28.36
N THR B 182 -11.94 -24.33 -28.14
CA THR B 182 -12.58 -25.18 -29.14
C THR B 182 -13.20 -24.34 -30.25
N GLY B 183 -14.14 -23.47 -29.90
CA GLY B 183 -14.80 -22.67 -30.90
C GLY B 183 -13.91 -21.58 -31.47
N GLU B 184 -13.57 -20.61 -30.63
CA GLU B 184 -12.73 -19.48 -31.03
C GLU B 184 -11.61 -19.34 -30.02
N GLN B 185 -10.37 -19.32 -30.51
CA GLN B 185 -9.22 -19.33 -29.61
C GLN B 185 -9.22 -18.07 -28.76
N LYS B 186 -9.54 -18.21 -27.48
CA LYS B 186 -9.72 -17.06 -26.59
C LYS B 186 -9.13 -17.36 -25.23
N GLN B 187 -8.02 -18.09 -25.19
CA GLN B 187 -7.34 -18.40 -23.94
C GLN B 187 -6.33 -17.30 -23.60
N GLY B 188 -6.21 -17.01 -22.32
CA GLY B 188 -5.35 -15.93 -21.89
C GLY B 188 -5.91 -14.55 -22.12
N MET B 189 -7.18 -14.43 -22.54
CA MET B 189 -7.80 -13.13 -22.79
C MET B 189 -7.65 -12.21 -21.58
N THR B 190 -7.98 -12.72 -20.41
CA THR B 190 -7.82 -11.98 -19.16
C THR B 190 -7.23 -12.92 -18.13
N ILE B 191 -6.53 -12.36 -17.15
CA ILE B 191 -6.08 -13.16 -16.02
C ILE B 191 -7.29 -13.78 -15.31
N ALA B 192 -8.43 -13.07 -15.34
CA ALA B 192 -9.64 -13.58 -14.72
C ALA B 192 -10.11 -14.85 -15.44
N SER B 193 -10.22 -14.81 -16.77
CA SER B 193 -10.66 -15.98 -17.52
C SER B 193 -9.82 -17.20 -17.19
N ASP B 194 -8.50 -17.03 -17.11
CA ASP B 194 -7.62 -18.12 -16.71
C ASP B 194 -7.85 -18.51 -15.26
N ILE B 195 -8.12 -17.52 -14.39
CA ILE B 195 -8.49 -17.85 -13.01
C ILE B 195 -9.84 -18.54 -12.96
N SER B 196 -10.83 -18.00 -13.69
CA SER B 196 -12.16 -18.59 -13.67
C SER B 196 -12.14 -20.01 -14.21
N CYS B 197 -11.47 -20.25 -15.33
CA CYS B 197 -11.45 -21.60 -15.89
C CYS B 197 -10.77 -22.58 -14.95
N LEU B 198 -9.69 -22.14 -14.29
CA LEU B 198 -8.90 -23.04 -13.45
C LEU B 198 -9.55 -23.31 -12.10
N CYS B 199 -10.40 -22.41 -11.62
CA CYS B 199 -10.99 -22.52 -10.28
C CYS B 199 -12.51 -22.65 -10.32
N SER B 200 -13.06 -23.25 -11.37
CA SER B 200 -14.51 -23.40 -11.47
C SER B 200 -14.81 -24.70 -12.21
N ALA B 201 -15.36 -25.68 -11.48
CA ALA B 201 -15.75 -26.96 -12.06
C ALA B 201 -16.78 -27.61 -11.15
N ALA B 202 -17.35 -28.72 -11.62
CA ALA B 202 -18.34 -29.44 -10.83
C ALA B 202 -17.72 -30.04 -9.58
N THR B 203 -16.60 -30.74 -9.72
CA THR B 203 -15.92 -31.32 -8.58
C THR B 203 -15.18 -30.23 -7.81
N GLY B 204 -15.48 -30.10 -6.52
CA GLY B 204 -14.98 -29.01 -5.71
C GLY B 204 -14.07 -29.49 -4.60
N GLU B 205 -13.10 -28.64 -4.26
CA GLU B 205 -12.14 -28.88 -3.18
C GLU B 205 -11.44 -27.55 -2.91
N THR B 206 -10.37 -27.59 -2.12
CA THR B 206 -9.51 -26.43 -2.02
C THR B 206 -8.54 -26.41 -3.20
N LEU B 207 -9.10 -26.52 -4.41
CA LEU B 207 -8.31 -26.60 -5.63
C LEU B 207 -7.45 -25.38 -5.81
N CYS B 208 -8.08 -24.23 -6.03
CA CYS B 208 -7.36 -22.97 -6.19
C CYS B 208 -7.17 -22.28 -4.85
N SER B 209 -8.28 -21.93 -4.20
CA SER B 209 -8.25 -21.21 -2.94
C SER B 209 -9.08 -21.96 -1.92
N ALA B 210 -9.38 -21.33 -0.78
CA ALA B 210 -10.23 -21.98 0.23
C ALA B 210 -11.62 -22.24 -0.32
N ALA B 211 -12.35 -21.18 -0.67
CA ALA B 211 -13.71 -21.32 -1.19
C ALA B 211 -13.67 -21.46 -2.71
N ALA B 212 -13.17 -22.61 -3.17
CA ALA B 212 -12.89 -22.84 -4.58
C ALA B 212 -13.74 -24.01 -5.08
N THR B 213 -14.95 -23.72 -5.50
CA THR B 213 -15.73 -24.74 -6.18
C THR B 213 -16.14 -24.31 -7.58
N GLY B 214 -16.50 -23.04 -7.77
CA GLY B 214 -16.86 -22.53 -9.08
C GLY B 214 -17.92 -23.34 -9.80
N GLY B 215 -19.13 -23.41 -9.24
CA GLY B 215 -20.14 -24.29 -9.83
C GLY B 215 -20.78 -23.74 -11.09
N THR B 216 -20.82 -22.42 -11.24
CA THR B 216 -21.50 -21.83 -12.38
C THR B 216 -20.75 -22.12 -13.67
N TYR B 217 -19.49 -21.71 -13.74
CA TYR B 217 -18.65 -21.88 -14.93
C TYR B 217 -18.22 -23.34 -15.03
N ARG B 218 -19.16 -24.20 -15.46
CA ARG B 218 -18.89 -25.63 -15.53
C ARG B 218 -19.06 -26.21 -16.92
N GLY B 219 -20.15 -25.89 -17.61
CA GLY B 219 -20.37 -26.46 -18.92
C GLY B 219 -19.60 -25.74 -20.02
N GLY B 220 -19.34 -26.47 -21.11
CA GLY B 220 -18.70 -25.85 -22.25
C GLY B 220 -19.45 -24.63 -22.75
N GLU B 221 -20.79 -24.69 -22.70
CA GLU B 221 -21.64 -23.55 -23.01
C GLU B 221 -21.68 -22.52 -21.89
N GLY B 222 -21.11 -22.84 -20.73
CA GLY B 222 -21.07 -21.90 -19.62
C GLY B 222 -20.57 -20.53 -20.04
N THR B 223 -21.47 -19.56 -20.01
CA THR B 223 -21.17 -18.24 -20.53
C THR B 223 -20.31 -17.45 -19.54
N ALA B 224 -19.82 -16.29 -20.00
CA ALA B 224 -19.04 -15.41 -19.15
C ALA B 224 -19.85 -14.88 -17.99
N ALA B 225 -21.19 -14.84 -18.11
CA ALA B 225 -22.03 -14.42 -17.00
C ALA B 225 -21.87 -15.38 -15.81
N ASN B 226 -21.82 -16.68 -16.09
CA ASN B 226 -21.63 -17.66 -15.01
C ASN B 226 -20.31 -17.43 -14.29
N ALA B 227 -19.25 -17.15 -15.05
CA ALA B 227 -17.96 -16.88 -14.42
C ALA B 227 -18.04 -15.65 -13.52
N GLN B 228 -18.72 -14.60 -13.97
CA GLN B 228 -18.89 -13.41 -13.15
C GLN B 228 -19.62 -13.73 -11.86
N THR B 229 -20.62 -14.62 -11.94
CA THR B 229 -21.38 -14.98 -10.75
C THR B 229 -20.54 -15.73 -9.72
N ASP B 230 -19.50 -16.43 -10.17
CA ASP B 230 -18.59 -17.09 -9.24
C ASP B 230 -17.19 -16.50 -9.32
N TRP B 231 -17.09 -15.25 -9.79
CA TRP B 231 -15.83 -14.53 -9.79
C TRP B 231 -15.46 -14.02 -8.39
N SER B 232 -16.30 -13.15 -7.81
CA SER B 232 -15.95 -12.54 -6.52
C SER B 232 -16.37 -13.48 -5.43
N THR B 233 -16.00 -14.76 -5.60
CA THR B 233 -15.98 -15.75 -4.55
C THR B 233 -14.67 -16.52 -4.43
N THR B 234 -13.96 -16.78 -5.52
CA THR B 234 -12.67 -17.46 -5.56
C THR B 234 -11.49 -16.49 -5.64
N ILE B 235 -11.75 -15.19 -5.79
CA ILE B 235 -10.70 -14.19 -5.85
C ILE B 235 -10.48 -13.51 -4.49
N ALA B 236 -11.09 -14.04 -3.44
CA ALA B 236 -11.09 -13.35 -2.15
C ALA B 236 -9.68 -13.22 -1.59
N ASP B 237 -8.94 -14.33 -1.51
CA ASP B 237 -7.63 -14.32 -0.86
C ASP B 237 -6.68 -13.36 -1.58
N CYS B 238 -6.75 -13.30 -2.90
CA CYS B 238 -5.85 -12.44 -3.67
C CYS B 238 -5.99 -10.98 -3.24
N ASP B 239 -7.22 -10.48 -3.17
CA ASP B 239 -7.44 -9.07 -2.84
C ASP B 239 -7.05 -8.76 -1.40
N ARG B 240 -7.03 -9.75 -0.51
CA ARG B 240 -6.52 -9.54 0.84
C ARG B 240 -5.01 -9.65 0.91
N ASN B 241 -4.34 -10.08 -0.16
CA ASN B 241 -2.91 -10.27 -0.17
C ASN B 241 -2.14 -9.21 -0.95
N VAL B 242 -2.83 -8.39 -1.74
CA VAL B 242 -2.16 -7.30 -2.47
C VAL B 242 -1.62 -6.31 -1.45
N GLU B 243 -0.31 -6.22 -1.35
CA GLU B 243 0.32 -5.36 -0.34
C GLU B 243 0.51 -3.94 -0.86
N GLY B 244 0.79 -3.04 0.08
CA GLY B 244 0.91 -1.63 -0.24
C GLY B 244 2.23 -1.25 -0.88
N LYS B 245 2.53 -1.85 -2.03
CA LYS B 245 3.73 -1.55 -2.79
C LYS B 245 3.35 -0.98 -4.15
N ALA B 246 4.34 -0.82 -5.01
CA ALA B 246 4.13 -0.37 -6.37
C ALA B 246 4.63 -1.40 -7.36
N PRO B 247 4.04 -1.48 -8.55
CA PRO B 247 4.54 -2.42 -9.56
C PRO B 247 5.97 -2.12 -9.94
N SER B 248 6.74 -3.18 -10.16
CA SER B 248 8.13 -3.07 -10.56
C SER B 248 8.40 -3.96 -11.76
N PRO B 249 9.22 -3.51 -12.72
CA PRO B 249 9.46 -4.32 -13.91
C PRO B 249 10.04 -5.68 -13.60
N ALA B 250 10.77 -5.81 -12.50
CA ALA B 250 11.20 -7.13 -12.06
C ALA B 250 10.02 -7.96 -11.54
N ALA B 251 9.04 -7.30 -10.90
CA ALA B 251 7.87 -8.01 -10.39
C ALA B 251 7.05 -8.60 -11.52
N ILE B 252 6.92 -7.87 -12.63
CA ILE B 252 6.24 -8.43 -13.80
C ILE B 252 6.98 -9.65 -14.32
N GLU B 253 8.31 -9.55 -14.46
CA GLU B 253 9.09 -10.69 -14.92
C GLU B 253 9.06 -11.81 -13.89
N ALA B 254 9.00 -11.48 -12.61
CA ALA B 254 8.83 -12.52 -11.60
C ALA B 254 7.48 -13.20 -11.73
N ALA B 255 6.43 -12.43 -12.04
CA ALA B 255 5.10 -13.01 -12.16
C ALA B 255 5.03 -14.02 -13.29
N ILE B 256 5.71 -13.75 -14.39
CA ILE B 256 5.77 -14.69 -15.50
C ILE B 256 6.56 -15.94 -15.10
N ALA B 257 7.59 -15.77 -14.28
CA ALA B 257 8.43 -16.90 -13.89
C ALA B 257 7.66 -17.95 -13.11
N VAL B 258 6.86 -17.52 -12.12
CA VAL B 258 6.04 -18.49 -11.39
C VAL B 258 4.95 -19.07 -12.28
N PHE B 259 4.44 -18.27 -13.23
CA PHE B 259 3.42 -18.77 -14.14
C PHE B 259 3.96 -19.91 -14.99
N ARG B 260 5.11 -19.68 -15.65
CA ARG B 260 5.66 -20.71 -16.52
C ARG B 260 6.10 -21.93 -15.72
N ALA B 261 6.45 -21.74 -14.45
CA ALA B 261 6.87 -22.88 -13.64
C ALA B 261 5.73 -23.84 -13.38
N ALA B 262 4.49 -23.33 -13.35
CA ALA B 262 3.34 -24.16 -13.01
C ALA B 262 2.68 -24.79 -14.23
N LEU B 263 2.97 -24.29 -15.43
CA LEU B 263 2.30 -24.77 -16.63
C LEU B 263 2.71 -26.21 -16.93
N GLY B 264 1.77 -27.13 -16.75
CA GLY B 264 2.04 -28.55 -17.06
C GLY B 264 0.93 -29.49 -16.61
N ASN B 265 0.57 -30.46 -17.44
CA ASN B 265 -0.43 -31.49 -17.07
C ASN B 265 -0.24 -32.66 -18.04
N ALA B 266 0.60 -33.63 -17.69
CA ALA B 266 0.91 -34.72 -18.62
C ALA B 266 -0.29 -35.66 -18.79
N GLU B 267 -1.36 -35.20 -19.44
CA GLU B 267 -2.56 -36.02 -19.70
C GLU B 267 -3.58 -35.17 -20.47
N PHE B 268 -3.96 -35.57 -21.69
CA PHE B 268 -4.87 -34.70 -22.48
C PHE B 268 -5.40 -35.36 -23.76
N THR B 269 -5.43 -34.61 -24.87
CA THR B 269 -6.07 -35.09 -26.12
C THR B 269 -5.10 -35.33 -27.28
N LYS B 270 -3.89 -35.83 -27.01
CA LYS B 270 -2.89 -36.14 -28.07
C LYS B 270 -2.60 -34.91 -28.93
N ALA B 271 -3.25 -34.80 -30.08
CA ALA B 271 -3.06 -33.59 -30.90
C ALA B 271 -3.74 -32.42 -30.19
N ASN B 272 -3.30 -31.19 -30.45
CA ASN B 272 -3.86 -30.02 -29.72
C ASN B 272 -3.75 -30.32 -28.23
N SER B 273 -2.76 -31.13 -27.85
CA SER B 273 -2.53 -31.38 -26.42
C SER B 273 -1.10 -31.01 -26.09
N ARG B 274 -0.51 -30.11 -26.86
CA ARG B 274 0.84 -29.67 -26.46
C ARG B 274 0.72 -29.28 -24.99
N LYS B 275 1.28 -30.10 -24.13
CA LYS B 275 1.24 -29.82 -22.67
C LYS B 275 2.19 -28.65 -22.40
N ALA B 276 2.58 -28.48 -21.15
CA ALA B 276 3.42 -27.30 -20.82
C ALA B 276 2.65 -26.05 -21.22
N PHE B 277 1.59 -26.18 -22.02
CA PHE B 277 0.71 -25.04 -22.33
C PHE B 277 -0.63 -25.36 -21.67
N VAL B 278 -0.63 -26.27 -20.69
CA VAL B 278 -1.87 -26.66 -19.96
C VAL B 278 -1.72 -26.25 -18.49
N LEU B 279 -2.71 -25.55 -17.95
CA LEU B 279 -2.69 -25.14 -16.53
C LEU B 279 -3.73 -26.02 -15.82
N GLY B 280 -3.37 -27.24 -15.47
CA GLY B 280 -4.33 -28.18 -14.90
C GLY B 280 -3.66 -29.42 -14.36
N HIS B 281 -4.47 -30.46 -14.18
CA HIS B 281 -4.02 -31.69 -13.54
C HIS B 281 -4.81 -32.86 -14.09
N GLY B 282 -4.21 -34.05 -14.01
CA GLY B 282 -4.91 -35.30 -14.28
C GLY B 282 -5.41 -35.52 -15.70
N SER B 283 -5.87 -36.74 -15.95
CA SER B 283 -6.45 -37.05 -17.28
C SER B 283 -7.55 -36.05 -17.56
N ALA B 284 -7.58 -35.45 -18.75
CA ALA B 284 -8.58 -34.39 -18.96
C ALA B 284 -9.43 -34.67 -20.19
N SER B 285 -8.84 -34.72 -21.38
CA SER B 285 -9.59 -34.89 -22.65
C SER B 285 -10.40 -33.62 -22.93
N ASP B 286 -10.53 -32.72 -21.96
CA ASP B 286 -11.28 -31.45 -22.13
C ASP B 286 -11.03 -30.55 -20.92
N CYS B 287 -11.23 -29.25 -21.07
CA CYS B 287 -11.10 -28.31 -19.95
C CYS B 287 -12.39 -27.48 -19.91
N ASN B 288 -13.37 -27.90 -20.71
CA ASN B 288 -14.67 -27.20 -20.75
C ASN B 288 -15.73 -28.12 -20.12
N GLY B 289 -15.37 -28.87 -19.09
CA GLY B 289 -16.28 -29.82 -18.49
C GLY B 289 -16.44 -29.66 -17.00
N GLY B 290 -16.94 -30.71 -16.35
CA GLY B 290 -17.22 -30.66 -14.94
C GLY B 290 -16.18 -31.34 -14.06
N THR B 291 -15.43 -32.27 -14.62
CA THR B 291 -14.45 -32.98 -13.81
C THR B 291 -13.42 -32.02 -13.23
N SER B 292 -12.92 -32.36 -12.04
CA SER B 292 -11.90 -31.54 -11.39
C SER B 292 -10.72 -31.30 -12.32
N SER B 293 -10.42 -32.28 -13.17
CA SER B 293 -9.33 -32.14 -14.13
C SER B 293 -9.64 -31.06 -15.15
N ALA B 294 -10.90 -31.01 -15.61
CA ALA B 294 -11.31 -30.00 -16.58
C ALA B 294 -11.19 -28.57 -16.07
N ALA B 295 -10.79 -28.44 -14.80
CA ALA B 295 -10.50 -27.10 -14.28
C ALA B 295 -9.12 -26.76 -14.82
N CYS B 296 -9.03 -26.57 -16.13
CA CYS B 296 -7.72 -26.29 -16.77
C CYS B 296 -7.87 -25.32 -17.92
N VAL B 297 -6.76 -24.78 -18.42
CA VAL B 297 -6.80 -23.89 -19.62
C VAL B 297 -5.70 -24.39 -20.55
N ASP B 298 -6.06 -24.87 -21.75
CA ASP B 298 -5.04 -25.30 -22.74
C ASP B 298 -4.78 -24.12 -23.67
N TYR B 299 -3.51 -23.76 -23.85
CA TYR B 299 -3.21 -22.54 -24.65
C TYR B 299 -2.66 -22.94 -26.02
N THR B 300 -2.58 -24.24 -26.30
CA THR B 300 -1.96 -24.67 -27.55
C THR B 300 -2.54 -23.93 -28.75
N ASN B 301 -3.84 -23.65 -28.73
CA ASN B 301 -4.50 -22.99 -29.85
C ASN B 301 -4.19 -21.50 -29.94
N LYS B 302 -3.48 -20.94 -28.95
CA LYS B 302 -3.09 -19.50 -29.03
C LYS B 302 -1.58 -19.39 -29.06
N LEU B 303 -0.91 -20.20 -28.23
CA LEU B 303 0.57 -20.16 -28.15
C LEU B 303 1.12 -20.96 -29.32
N ALA B 304 0.90 -20.47 -30.54
CA ALA B 304 1.39 -21.18 -31.74
C ALA B 304 2.89 -20.93 -31.87
N ARG B 305 3.26 -19.65 -31.86
CA ARG B 305 4.68 -19.35 -32.04
C ARG B 305 5.55 -20.24 -31.17
N GLY B 306 5.00 -20.74 -30.06
CA GLY B 306 5.69 -21.60 -29.14
C GLY B 306 6.07 -20.97 -27.82
N THR B 307 5.66 -19.72 -27.58
CA THR B 307 6.10 -18.96 -26.43
C THR B 307 4.92 -18.63 -25.53
N ILE B 308 5.13 -18.76 -24.22
CA ILE B 308 4.14 -18.36 -23.24
C ILE B 308 3.88 -16.87 -23.35
N ASN B 309 4.89 -16.10 -23.76
CA ASN B 309 4.78 -14.65 -23.86
C ASN B 309 3.74 -14.22 -24.88
N ASP B 310 3.15 -15.19 -25.59
CA ASP B 310 2.10 -14.90 -26.56
C ASP B 310 0.71 -14.91 -25.93
N ILE B 311 0.59 -15.25 -24.65
CA ILE B 311 -0.69 -15.15 -23.94
C ILE B 311 -1.06 -13.67 -23.79
N PRO B 312 -2.31 -13.29 -24.09
CA PRO B 312 -2.64 -11.85 -24.16
C PRO B 312 -2.33 -11.05 -22.91
N TRP B 313 -2.55 -11.60 -21.71
CA TRP B 313 -2.23 -10.84 -20.52
C TRP B 313 -0.75 -10.87 -20.18
N ILE B 314 0.01 -11.81 -20.76
CA ILE B 314 1.47 -11.75 -20.59
C ILE B 314 2.05 -10.59 -21.38
N GLU B 315 1.59 -10.40 -22.62
CA GLU B 315 2.07 -9.27 -23.41
C GLU B 315 1.74 -7.94 -22.76
N GLN B 316 0.52 -7.80 -22.23
CA GLN B 316 0.16 -6.57 -21.54
C GLN B 316 0.99 -6.41 -20.26
N LEU B 317 1.27 -7.51 -19.56
CA LEU B 317 2.18 -7.44 -18.43
C LEU B 317 3.54 -6.96 -18.88
N ARG B 318 4.06 -7.50 -19.98
CA ARG B 318 5.34 -7.06 -20.48
C ARG B 318 5.27 -5.64 -21.05
N THR B 319 4.14 -5.27 -21.66
CA THR B 319 3.98 -3.90 -22.14
C THR B 319 4.01 -2.91 -20.99
N ALA B 320 3.33 -3.22 -19.88
CA ALA B 320 3.35 -2.33 -18.72
C ALA B 320 4.73 -2.27 -18.09
N ALA B 321 5.42 -3.41 -17.99
CA ALA B 321 6.77 -3.43 -17.42
C ALA B 321 7.74 -2.62 -18.28
N ALA B 322 7.60 -2.72 -19.60
CA ALA B 322 8.45 -1.93 -20.49
C ALA B 322 8.25 -0.44 -20.27
N LYS B 323 6.99 0.00 -20.17
CA LYS B 323 6.74 1.42 -19.92
C LYS B 323 7.25 1.85 -18.56
N LEU B 324 7.17 0.95 -17.57
CA LEU B 324 7.69 1.27 -16.25
C LEU B 324 9.21 1.34 -16.24
N ALA B 325 9.87 0.70 -17.19
CA ALA B 325 11.31 0.91 -17.37
C ALA B 325 11.61 2.23 -18.08
N GLY B 326 10.72 2.67 -18.96
CA GLY B 326 10.95 3.93 -19.65
C GLY B 326 10.90 5.13 -18.72
N VAL B 327 9.99 5.13 -17.75
CA VAL B 327 9.86 6.28 -16.86
C VAL B 327 11.08 6.41 -15.94
N ALA B 328 11.79 5.32 -15.68
CA ALA B 328 13.00 5.42 -14.86
C ALA B 328 14.06 6.27 -15.55
N GLY B 329 14.24 6.07 -16.85
CA GLY B 329 15.19 6.90 -17.59
C GLY B 329 14.78 8.36 -17.64
N THR B 330 13.49 8.63 -17.87
CA THR B 330 13.01 10.01 -17.87
C THR B 330 13.15 10.64 -16.49
N ARG B 331 13.04 9.83 -15.43
CA ARG B 331 13.31 10.34 -14.09
C ARG B 331 14.76 10.79 -13.97
N ALA B 332 15.69 10.00 -14.53
CA ALA B 332 17.09 10.40 -14.52
C ALA B 332 17.29 11.71 -15.29
N GLN B 333 16.60 11.86 -16.42
CA GLN B 333 16.64 13.13 -17.14
C GLN B 333 16.01 14.24 -16.33
N LEU B 334 14.91 13.95 -15.63
CA LEU B 334 14.25 14.98 -14.82
C LEU B 334 15.14 15.44 -13.68
N ASP B 335 15.80 14.49 -12.99
CA ASP B 335 16.69 14.85 -11.89
C ASP B 335 17.87 15.67 -12.38
N GLY B 336 18.44 15.29 -13.54
CA GLY B 336 19.57 16.04 -14.07
C GLY B 336 19.23 17.46 -14.42
N MET B 337 18.03 17.68 -14.97
CA MET B 337 17.61 19.04 -15.34
C MET B 337 17.50 19.93 -14.11
N ARG B 338 16.98 19.40 -13.00
CA ARG B 338 16.87 20.19 -11.78
C ARG B 338 18.24 20.55 -11.23
N GLN B 339 19.24 19.69 -11.45
CA GLN B 339 20.60 20.04 -11.09
C GLN B 339 21.11 21.23 -11.89
N GLU B 340 20.82 21.26 -13.19
CA GLU B 340 21.19 22.41 -14.01
C GLU B 340 20.47 23.66 -13.56
N MET B 341 19.18 23.53 -13.21
CA MET B 341 18.42 24.68 -12.74
C MET B 341 19.01 25.25 -11.46
N ARG B 342 19.41 24.38 -10.53
CA ARG B 342 19.95 24.84 -9.26
C ARG B 342 21.30 25.55 -9.45
N ILE B 343 22.16 25.02 -10.31
CA ILE B 343 23.44 25.67 -10.56
C ILE B 343 23.26 26.92 -11.43
N ILE B 344 22.17 27.02 -12.18
CA ILE B 344 21.84 28.28 -12.85
C ILE B 344 21.51 29.34 -11.81
N GLU B 345 20.83 28.97 -10.73
CA GLU B 345 20.52 29.93 -9.68
C GLU B 345 21.79 30.46 -9.03
N ASP B 346 22.76 29.58 -8.74
CA ASP B 346 24.01 30.03 -8.15
C ASP B 346 24.78 30.93 -9.11
N GLN B 347 24.82 30.57 -10.40
CA GLN B 347 25.58 31.37 -11.36
C GLN B 347 24.97 32.75 -11.53
N ALA B 348 23.67 32.89 -11.30
CA ALA B 348 23.04 34.20 -11.39
C ALA B 348 23.59 35.16 -10.33
N TRP B 349 23.82 34.66 -9.11
CA TRP B 349 24.40 35.50 -8.08
C TRP B 349 25.83 35.91 -8.45
N GLN B 350 26.58 35.01 -9.08
CA GLN B 350 27.92 35.36 -9.54
C GLN B 350 27.87 36.48 -10.57
N ALA B 351 26.92 36.42 -11.50
CA ALA B 351 26.74 37.50 -12.45
C ALA B 351 26.21 38.76 -11.78
N PHE B 352 25.42 38.60 -10.72
CA PHE B 352 24.92 39.76 -9.99
C PHE B 352 26.06 40.49 -9.27
N ALA B 353 27.08 39.76 -8.83
CA ALA B 353 28.22 40.38 -8.16
C ALA B 353 29.04 41.28 -9.07
N LEU B 354 28.85 41.19 -10.40
CA LEU B 354 29.54 42.08 -11.31
C LEU B 354 29.13 43.53 -11.09
N ALA B 355 27.85 43.75 -10.78
CA ALA B 355 27.36 45.12 -10.63
C ALA B 355 27.86 45.79 -9.36
N THR B 356 28.19 45.01 -8.33
CA THR B 356 28.64 45.56 -7.05
C THR B 356 30.14 45.90 -7.11
N ILE B 357 30.47 46.73 -8.09
CA ILE B 357 31.85 47.16 -8.33
C ILE B 357 31.88 48.68 -8.42
N PRO B 358 32.78 49.36 -7.70
CA PRO B 358 32.86 50.83 -7.78
C PRO B 358 33.43 51.31 -9.11
N ALA C 21 6.74 -36.79 -27.62
CA ALA C 21 6.70 -35.67 -28.58
C ALA C 21 7.47 -34.50 -28.00
N TYR C 22 6.96 -33.28 -28.14
CA TYR C 22 7.62 -32.14 -27.48
C TYR C 22 7.98 -32.57 -26.06
N GLU C 23 9.25 -32.90 -25.81
CA GLU C 23 9.63 -33.42 -24.47
C GLU C 23 10.83 -32.64 -23.96
N ASN C 24 11.30 -31.65 -24.70
CA ASN C 24 12.51 -30.88 -24.31
C ASN C 24 12.29 -29.40 -24.56
N ALA C 25 11.09 -29.00 -24.95
CA ALA C 25 10.84 -27.61 -25.31
C ALA C 25 11.05 -26.68 -24.12
N LYS C 26 10.65 -27.11 -22.93
CA LYS C 26 10.94 -26.33 -21.73
C LYS C 26 12.44 -26.11 -21.58
N GLN C 27 13.23 -27.13 -21.93
CA GLN C 27 14.67 -26.98 -21.97
C GLN C 27 15.12 -26.20 -23.20
N TYR C 28 14.46 -26.43 -24.34
CA TYR C 28 14.83 -25.72 -25.57
C TYR C 28 14.56 -24.23 -25.45
N GLU C 29 13.42 -23.84 -24.89
CA GLU C 29 13.06 -22.43 -24.84
C GLU C 29 14.06 -21.64 -24.02
N ALA C 30 14.59 -22.26 -22.96
CA ALA C 30 15.60 -21.59 -22.16
C ALA C 30 16.86 -21.32 -22.97
N LEU C 31 17.30 -22.30 -23.76
CA LEU C 31 18.43 -22.08 -24.65
C LEU C 31 18.08 -21.10 -25.76
N CYS C 32 16.83 -21.11 -26.23
CA CYS C 32 16.45 -20.25 -27.35
C CYS C 32 16.41 -18.79 -26.92
N GLY C 33 16.09 -18.51 -25.66
CA GLY C 33 16.12 -17.15 -25.19
C GLY C 33 17.51 -16.54 -25.24
N ALA C 34 18.52 -17.32 -24.83
CA ALA C 34 19.90 -16.87 -24.93
C ALA C 34 20.29 -16.64 -26.39
N TYR C 35 19.97 -17.59 -27.26
CA TYR C 35 20.23 -17.41 -28.69
C TYR C 35 19.56 -16.15 -29.21
N ALA C 36 18.39 -15.80 -28.67
CA ALA C 36 17.75 -14.57 -29.10
C ALA C 36 18.58 -13.35 -28.76
N ILE C 37 19.16 -13.32 -27.57
CA ILE C 37 19.96 -12.16 -27.17
C ILE C 37 21.27 -12.09 -27.95
N THR C 38 21.89 -13.23 -28.21
CA THR C 38 23.13 -13.22 -29.00
C THR C 38 22.86 -12.72 -30.41
N LYS C 39 21.71 -13.06 -30.99
CA LYS C 39 21.35 -12.61 -32.33
C LYS C 39 20.83 -11.18 -32.35
N GLN C 40 21.10 -10.40 -31.31
CA GLN C 40 20.61 -9.02 -31.20
C GLN C 40 21.78 -8.04 -31.32
N ALA C 41 21.47 -6.83 -31.80
CA ALA C 41 22.47 -5.80 -32.05
C ALA C 41 22.45 -4.75 -30.95
N ILE C 42 23.65 -4.32 -30.54
CA ILE C 42 23.76 -3.36 -29.45
C ILE C 42 23.75 -1.91 -29.94
N SER C 43 24.07 -1.67 -31.20
CA SER C 43 23.95 -0.34 -31.82
C SER C 43 24.80 0.69 -31.07
N ASP C 44 26.13 0.58 -31.30
CA ASP C 44 27.13 1.39 -30.60
C ASP C 44 26.80 2.87 -30.54
N ALA C 45 25.92 3.37 -31.42
CA ALA C 45 25.54 4.78 -31.40
C ALA C 45 24.40 5.11 -30.45
N GLU C 46 23.66 4.10 -29.98
CA GLU C 46 22.54 4.38 -29.07
C GLU C 46 23.01 4.94 -27.74
N TYR C 47 24.26 4.69 -27.35
CA TYR C 47 24.79 5.15 -26.07
C TYR C 47 25.51 6.49 -26.17
N ILE C 48 25.50 7.12 -27.33
CA ILE C 48 26.06 8.45 -27.52
C ILE C 48 24.92 9.43 -27.79
N GLY C 49 25.11 10.67 -27.35
CA GLY C 49 24.07 11.68 -27.51
C GLY C 49 24.20 12.50 -28.78
N ASP C 50 25.35 13.14 -28.98
CA ASP C 50 25.60 13.98 -30.14
C ASP C 50 27.06 14.41 -30.10
N THR C 51 27.57 14.79 -31.28
CA THR C 51 28.90 15.37 -31.42
C THR C 51 28.89 16.89 -31.33
N THR C 52 27.92 17.46 -30.62
CA THR C 52 27.84 18.90 -30.44
C THR C 52 28.57 19.35 -29.18
N GLY C 53 28.16 18.82 -28.02
CA GLY C 53 28.82 19.15 -26.77
C GLY C 53 30.14 18.45 -26.55
N ASP C 54 30.38 17.33 -27.23
CA ASP C 54 31.65 16.62 -27.08
C ASP C 54 32.85 17.46 -27.48
N PRO C 55 32.89 18.10 -28.65
CA PRO C 55 34.05 18.91 -28.99
C PRO C 55 34.13 20.18 -28.16
N ARG C 56 35.31 20.78 -28.17
CA ARG C 56 35.55 22.00 -27.42
C ARG C 56 34.63 23.11 -27.91
N PRO C 57 33.95 23.83 -27.01
CA PRO C 57 33.04 24.89 -27.45
C PRO C 57 33.81 25.99 -28.16
N LYS C 58 33.49 26.20 -29.44
CA LYS C 58 34.18 27.21 -30.22
C LYS C 58 33.96 28.60 -29.63
N GLU C 59 32.84 28.82 -28.93
CA GLU C 59 32.59 30.11 -28.31
C GLU C 59 33.66 30.45 -27.28
N VAL C 60 34.04 29.48 -26.46
CA VAL C 60 35.15 29.68 -25.53
C VAL C 60 36.44 29.94 -26.30
N GLU C 61 36.66 29.17 -27.37
CA GLU C 61 37.79 29.45 -28.25
C GLU C 61 37.63 30.81 -28.93
N ASP C 62 36.40 31.20 -29.25
CA ASP C 62 36.16 32.53 -29.80
C ASP C 62 36.46 33.61 -28.77
N LEU C 63 35.92 33.45 -27.55
CA LEU C 63 36.17 34.42 -26.48
C LEU C 63 37.64 34.44 -26.07
N TYR C 64 38.38 33.36 -26.34
CA TYR C 64 39.81 33.35 -26.04
C TYR C 64 40.54 34.43 -26.83
N ILE C 65 40.20 34.59 -28.11
CA ILE C 65 40.89 35.55 -28.97
C ILE C 65 40.46 36.98 -28.72
N MET C 66 39.24 37.20 -28.20
CA MET C 66 38.80 38.57 -27.91
C MET C 66 39.57 39.20 -26.77
N THR C 67 40.25 38.39 -25.95
CA THR C 67 41.09 38.88 -24.88
C THR C 67 42.46 38.23 -24.93
N LEU C 68 42.92 37.85 -26.12
CA LEU C 68 44.16 37.12 -26.28
C LEU C 68 45.39 38.03 -26.25
N SER C 69 45.29 39.18 -25.57
CA SER C 69 46.35 40.19 -25.46
C SER C 69 46.57 40.88 -26.81
N ASP C 70 47.40 41.92 -26.83
CA ASP C 70 47.78 42.56 -28.08
C ASP C 70 49.10 42.03 -28.62
N GLU C 71 50.02 41.65 -27.73
CA GLU C 71 51.15 40.82 -28.12
C GLU C 71 50.71 39.36 -28.13
N ASP C 72 51.30 38.57 -29.03
CA ASP C 72 50.93 37.18 -29.26
C ASP C 72 49.50 37.12 -29.84
N TYR C 73 48.92 38.28 -30.11
CA TYR C 73 47.56 38.33 -30.63
C TYR C 73 47.51 37.85 -32.07
N ASN C 74 48.58 38.05 -32.84
CA ASN C 74 48.70 37.51 -34.18
C ASN C 74 50.02 36.75 -34.36
N ASN C 75 50.72 36.48 -33.27
CA ASN C 75 52.01 35.78 -33.30
C ASN C 75 51.74 34.29 -33.06
N LYS C 76 51.42 33.58 -34.14
CA LYS C 76 51.24 32.13 -34.06
C LYS C 76 52.58 31.49 -33.74
N THR C 77 52.71 30.92 -32.54
CA THR C 77 53.90 30.18 -32.16
C THR C 77 53.78 28.76 -32.71
N LEU C 78 54.48 28.50 -33.81
CA LEU C 78 54.38 27.21 -34.48
C LEU C 78 55.03 26.11 -33.66
N GLY C 86 45.03 32.20 -40.83
CA GLY C 86 45.18 31.58 -39.52
C GLY C 86 44.56 32.41 -38.42
N LEU C 87 45.42 32.92 -37.52
CA LEU C 87 44.93 33.75 -36.42
C LEU C 87 44.18 34.98 -36.94
N GLU C 88 44.69 35.59 -38.01
CA GLU C 88 44.02 36.75 -38.61
C GLU C 88 42.67 36.36 -39.20
N LYS C 89 42.59 35.19 -39.84
CA LYS C 89 41.31 34.73 -40.38
C LYS C 89 40.32 34.45 -39.25
N ARG C 90 40.81 33.91 -38.13
CA ARG C 90 39.94 33.66 -36.98
C ARG C 90 39.58 34.97 -36.25
N LYS C 91 40.46 35.97 -36.30
CA LYS C 91 40.16 37.25 -35.65
C LYS C 91 39.16 38.06 -36.47
N SER C 92 39.08 37.82 -37.79
CA SER C 92 38.01 38.37 -38.61
C SER C 92 36.83 37.42 -38.74
N ASP C 93 36.97 36.18 -38.25
CA ASP C 93 35.86 35.24 -38.27
C ASP C 93 34.72 35.74 -37.37
N ILE C 94 35.07 36.35 -36.23
CA ILE C 94 34.09 36.79 -35.26
C ILE C 94 33.09 37.79 -35.82
N LEU C 95 33.31 38.29 -37.04
CA LEU C 95 32.40 39.22 -37.68
C LEU C 95 31.00 38.61 -37.81
N GLN C 96 30.04 39.13 -37.04
CA GLN C 96 28.68 38.62 -36.99
C GLN C 96 28.63 37.11 -36.76
N SER C 107 33.32 41.61 -28.35
CA SER C 107 33.10 42.96 -28.81
C SER C 107 34.37 43.54 -29.42
N ILE C 108 35.15 44.26 -28.61
CA ILE C 108 36.41 44.86 -29.05
C ILE C 108 37.54 44.24 -28.24
N PRO C 109 38.64 43.83 -28.87
CA PRO C 109 39.83 43.38 -28.11
C PRO C 109 40.64 44.57 -27.60
N ALA C 110 39.99 45.41 -26.79
CA ALA C 110 40.64 46.62 -26.30
C ALA C 110 41.70 46.29 -25.26
N ASN C 111 42.83 46.99 -25.34
CA ASN C 111 43.96 46.76 -24.43
C ASN C 111 43.66 47.44 -23.09
N SER C 112 43.05 46.67 -22.19
CA SER C 112 42.83 47.11 -20.81
C SER C 112 43.39 46.05 -19.88
N GLU C 113 43.07 46.13 -18.58
CA GLU C 113 43.49 45.08 -17.66
C GLU C 113 42.87 43.75 -18.03
N ALA C 114 41.57 43.76 -18.35
CA ALA C 114 40.87 42.52 -18.66
C ALA C 114 41.39 41.87 -19.93
N ARG C 115 42.06 42.63 -20.81
CA ARG C 115 42.75 42.01 -21.94
C ARG C 115 43.77 40.98 -21.47
N ALA C 116 44.28 41.14 -20.25
CA ALA C 116 45.10 40.15 -19.59
C ALA C 116 44.53 39.71 -18.24
N ALA C 117 43.41 40.29 -17.80
CA ALA C 117 42.77 39.88 -16.56
C ALA C 117 41.50 39.08 -16.80
N ALA C 118 40.94 39.09 -18.00
CA ALA C 118 39.89 38.15 -18.38
C ALA C 118 40.43 36.98 -19.18
N HIS C 119 41.58 37.15 -19.83
CA HIS C 119 42.22 36.02 -20.51
C HIS C 119 42.59 34.92 -19.53
N VAL C 120 43.11 35.31 -18.36
CA VAL C 120 43.50 34.33 -17.35
C VAL C 120 42.31 33.51 -16.90
N ALA C 121 41.17 34.17 -16.67
CA ALA C 121 39.95 33.44 -16.33
C ALA C 121 39.50 32.57 -17.48
N ILE C 122 39.59 33.09 -18.72
CA ILE C 122 39.27 32.28 -19.88
C ILE C 122 40.29 31.16 -20.05
N LYS C 123 41.58 31.46 -19.83
CA LYS C 123 42.60 30.42 -19.88
C LYS C 123 42.28 29.29 -18.92
N ARG C 124 41.90 29.63 -17.68
CA ARG C 124 41.54 28.60 -16.71
C ARG C 124 40.40 27.74 -17.23
N LEU C 125 39.40 28.37 -17.84
CA LEU C 125 38.31 27.61 -18.44
C LEU C 125 38.75 26.94 -19.74
N PHE C 126 39.62 27.60 -20.50
CA PHE C 126 39.95 27.13 -21.85
C PHE C 126 40.55 25.73 -21.81
N TYR C 127 41.57 25.53 -20.97
CA TYR C 127 42.20 24.22 -20.89
C TYR C 127 41.42 23.23 -20.04
N LYS C 128 40.51 23.71 -19.17
CA LYS C 128 39.63 22.79 -18.46
C LYS C 128 38.68 22.11 -19.41
N ALA C 129 38.04 22.88 -20.29
CA ALA C 129 37.29 22.28 -21.39
C ALA C 129 38.19 21.55 -22.36
N GLY C 130 39.47 21.94 -22.46
CA GLY C 130 40.40 21.22 -23.29
C GLY C 130 40.64 19.80 -22.81
N ASN C 131 40.86 19.62 -21.50
CA ASN C 131 40.98 18.27 -20.95
C ASN C 131 39.64 17.55 -20.97
N LEU C 132 38.55 18.27 -20.70
CA LEU C 132 37.23 17.63 -20.61
C LEU C 132 36.84 16.98 -21.94
N SER C 133 37.04 17.69 -23.05
CA SER C 133 36.74 17.10 -24.35
C SER C 133 37.68 15.93 -24.66
N ALA C 134 38.93 15.99 -24.20
CA ALA C 134 39.82 14.84 -24.34
C ALA C 134 39.32 13.65 -23.52
N ASN C 135 38.87 13.89 -22.29
CA ASN C 135 38.30 12.81 -21.48
C ASN C 135 37.01 12.29 -22.11
N ILE C 136 36.22 13.19 -22.71
CA ILE C 136 34.99 12.78 -23.38
C ILE C 136 35.31 11.84 -24.52
N ALA C 137 36.34 12.16 -25.31
CA ALA C 137 36.73 11.30 -26.42
C ALA C 137 37.19 9.94 -25.92
N ALA C 138 37.95 9.92 -24.81
CA ALA C 138 38.34 8.64 -24.22
C ALA C 138 37.13 7.86 -23.72
N ALA C 139 36.15 8.56 -23.13
CA ALA C 139 34.95 7.90 -22.67
C ALA C 139 34.17 7.29 -23.82
N ILE C 140 34.10 8.00 -24.95
CA ILE C 140 33.43 7.46 -26.13
C ILE C 140 34.16 6.24 -26.66
N SER C 141 35.50 6.32 -26.74
CA SER C 141 36.27 5.16 -27.18
C SER C 141 36.12 4.00 -26.18
N SER C 142 36.08 4.32 -24.89
CA SER C 142 35.88 3.30 -23.88
C SER C 142 34.52 2.62 -24.05
N ILE C 143 33.50 3.39 -24.38
CA ILE C 143 32.18 2.80 -24.65
C ILE C 143 32.26 1.88 -25.85
N LYS C 144 32.83 2.37 -26.96
CA LYS C 144 32.87 1.58 -28.18
C LYS C 144 33.65 0.28 -27.99
N ALA C 145 34.76 0.34 -27.26
CA ALA C 145 35.49 -0.88 -26.97
C ALA C 145 34.69 -1.82 -26.09
N ASP C 146 33.94 -1.27 -25.13
CA ASP C 146 33.15 -2.11 -24.24
C ASP C 146 32.00 -2.79 -24.98
N THR C 147 31.31 -2.06 -25.86
CA THR C 147 30.20 -2.67 -26.59
C THR C 147 30.69 -3.74 -27.55
N ARG C 148 31.81 -3.50 -28.24
CA ARG C 148 32.33 -4.52 -29.15
C ARG C 148 32.73 -5.78 -28.41
N SER C 149 33.41 -5.63 -27.27
CA SER C 149 33.77 -6.80 -26.47
C SER C 149 32.53 -7.52 -25.97
N ALA C 150 31.47 -6.78 -25.64
CA ALA C 150 30.20 -7.41 -25.27
C ALA C 150 29.59 -8.16 -26.45
N GLY C 151 29.55 -7.50 -27.62
CA GLY C 151 28.99 -8.15 -28.79
C GLY C 151 29.79 -9.37 -29.23
N GLU C 152 31.10 -9.30 -29.08
CA GLU C 152 31.95 -10.45 -29.38
C GLU C 152 31.62 -11.62 -28.45
N ALA C 153 31.37 -11.31 -27.16
CA ALA C 153 31.05 -12.37 -26.21
C ALA C 153 29.76 -13.08 -26.58
N LEU C 154 28.73 -12.32 -26.98
CA LEU C 154 27.47 -12.93 -27.38
C LEU C 154 27.68 -13.88 -28.56
N ASN C 155 28.46 -13.46 -29.56
CA ASN C 155 28.80 -14.33 -30.67
C ASN C 155 29.65 -15.50 -30.21
N ARG C 156 30.48 -15.29 -29.19
CA ARG C 156 31.30 -16.38 -28.67
C ARG C 156 30.46 -17.44 -27.96
N ALA C 157 29.36 -17.03 -27.32
CA ALA C 157 28.49 -18.00 -26.65
C ALA C 157 27.64 -18.76 -27.66
N ARG C 158 27.12 -18.06 -28.67
CA ARG C 158 26.30 -18.71 -29.69
C ARG C 158 27.13 -19.62 -30.59
N CYS C 159 28.28 -19.12 -31.09
CA CYS C 159 29.03 -19.79 -32.14
C CYS C 159 30.34 -20.43 -31.69
N GLY C 160 30.97 -19.88 -30.66
CA GLY C 160 32.31 -20.24 -30.28
C GLY C 160 33.37 -19.25 -30.72
N GLN C 161 33.05 -18.40 -31.69
CA GLN C 161 33.93 -17.34 -32.17
C GLN C 161 33.16 -16.03 -32.23
N ALA C 162 33.91 -14.94 -32.19
CA ALA C 162 33.28 -13.62 -32.24
C ALA C 162 32.75 -13.27 -33.62
N ASP C 163 32.75 -14.21 -34.57
CA ASP C 163 32.31 -13.96 -35.94
C ASP C 163 31.24 -14.99 -36.30
N CYS C 164 29.98 -14.64 -36.06
CA CYS C 164 28.87 -15.51 -36.41
C CYS C 164 28.38 -15.17 -37.82
N LYS C 165 29.20 -15.54 -38.80
CA LYS C 165 28.90 -15.24 -40.19
C LYS C 165 27.97 -16.27 -40.80
N ALA C 166 28.40 -17.53 -40.85
CA ALA C 166 27.63 -18.60 -41.46
C ALA C 166 27.83 -19.87 -40.65
N PRO C 167 26.87 -20.79 -40.69
CA PRO C 167 27.03 -22.06 -39.94
C PRO C 167 28.26 -22.83 -40.40
N ASP C 168 29.16 -23.07 -39.45
CA ASP C 168 30.42 -23.77 -39.70
C ASP C 168 30.50 -24.99 -38.81
N GLN C 169 31.35 -25.94 -39.22
CA GLN C 169 31.56 -27.13 -38.41
C GLN C 169 32.34 -26.83 -37.14
N LYS C 170 33.04 -25.68 -37.09
CA LYS C 170 33.74 -25.28 -35.88
C LYS C 170 32.79 -24.94 -34.74
N TRP C 171 31.53 -24.64 -35.05
CA TRP C 171 30.55 -24.28 -34.01
C TRP C 171 30.32 -25.43 -33.04
N PHE C 172 30.16 -26.64 -33.55
CA PHE C 172 29.81 -27.80 -32.75
C PHE C 172 31.01 -28.74 -32.61
N GLU C 173 30.79 -29.84 -31.92
CA GLU C 173 31.79 -30.90 -31.77
C GLU C 173 31.05 -32.23 -31.68
N THR C 174 31.75 -33.24 -31.18
CA THR C 174 31.16 -34.60 -31.16
C THR C 174 30.35 -34.84 -29.89
N ARG C 175 29.40 -35.78 -29.98
CA ARG C 175 28.55 -36.13 -28.81
C ARG C 175 29.48 -36.37 -27.62
N SER C 176 30.43 -37.27 -27.80
CA SER C 176 31.41 -37.56 -26.74
C SER C 176 31.83 -36.28 -26.03
N LYS C 177 31.92 -35.16 -26.74
CA LYS C 177 32.44 -33.95 -26.14
C LYS C 177 31.35 -32.95 -25.82
N ALA C 178 30.50 -32.66 -26.81
CA ALA C 178 29.51 -31.60 -26.64
C ALA C 178 28.39 -32.00 -25.68
N CYS C 179 27.97 -33.27 -25.70
CA CYS C 179 26.79 -33.67 -24.94
C CYS C 179 27.11 -34.64 -23.81
N SER C 180 27.69 -35.81 -24.10
CA SER C 180 27.82 -36.83 -23.07
C SER C 180 29.04 -36.60 -22.18
N GLY C 181 30.05 -35.92 -22.69
CA GLY C 181 31.29 -35.80 -21.94
C GLY C 181 32.03 -37.11 -21.80
N THR C 182 32.04 -37.94 -22.84
CA THR C 182 32.71 -39.24 -22.84
C THR C 182 33.90 -39.19 -23.78
N GLY C 183 35.03 -38.69 -23.27
CA GLY C 183 36.23 -38.60 -24.07
C GLY C 183 36.89 -37.24 -23.99
N GLU C 184 36.09 -36.18 -23.98
CA GLU C 184 36.61 -34.84 -23.74
C GLU C 184 35.46 -33.98 -23.23
N GLN C 185 35.82 -32.86 -22.61
CA GLN C 185 34.88 -32.06 -21.85
C GLN C 185 34.53 -30.74 -22.55
N LYS C 186 34.51 -30.73 -23.88
CA LYS C 186 34.08 -29.56 -24.62
C LYS C 186 32.56 -29.55 -24.76
N GLN C 187 31.89 -29.39 -23.61
CA GLN C 187 30.44 -29.62 -23.54
C GLN C 187 29.63 -28.36 -23.78
N GLY C 188 29.78 -27.37 -22.92
CA GLY C 188 28.95 -26.19 -23.01
C GLY C 188 29.54 -25.16 -23.95
N MET C 189 30.43 -25.61 -24.85
CA MET C 189 31.15 -24.73 -25.76
C MET C 189 30.28 -23.63 -26.33
N THR C 190 29.19 -24.00 -26.98
CA THR C 190 28.28 -23.07 -27.63
C THR C 190 26.85 -23.41 -27.24
N ILE C 191 26.00 -22.39 -27.20
CA ILE C 191 24.57 -22.67 -27.15
C ILE C 191 24.17 -23.50 -28.36
N ALA C 192 24.85 -23.30 -29.48
CA ALA C 192 24.52 -24.02 -30.70
C ALA C 192 24.78 -25.51 -30.55
N SER C 193 25.84 -25.90 -29.84
CA SER C 193 26.11 -27.32 -29.63
C SER C 193 25.10 -27.94 -28.66
N ASP C 194 24.76 -27.22 -27.59
CA ASP C 194 23.77 -27.73 -26.64
C ASP C 194 22.40 -27.85 -27.28
N ILE C 195 22.03 -26.88 -28.12
CA ILE C 195 20.77 -26.99 -28.87
C ILE C 195 20.82 -28.23 -29.76
N SER C 196 21.92 -28.43 -30.48
CA SER C 196 22.01 -29.60 -31.34
C SER C 196 22.04 -30.89 -30.53
N CYS C 197 22.59 -30.86 -29.32
CA CYS C 197 22.62 -32.08 -28.50
C CYS C 197 21.23 -32.39 -27.95
N LEU C 198 20.49 -31.35 -27.53
CA LEU C 198 19.22 -31.53 -26.86
C LEU C 198 18.07 -31.77 -27.84
N CYS C 199 18.17 -31.27 -29.06
CA CYS C 199 17.06 -31.28 -30.00
C CYS C 199 17.38 -32.11 -31.24
N SER C 200 18.22 -33.14 -31.09
CA SER C 200 18.55 -33.99 -32.23
C SER C 200 18.82 -35.40 -31.73
N ALA C 201 18.13 -36.37 -32.34
CA ALA C 201 18.28 -37.78 -32.01
C ALA C 201 17.52 -38.59 -33.06
N ALA C 202 17.67 -39.90 -33.02
CA ALA C 202 16.90 -40.76 -33.95
C ALA C 202 15.43 -40.69 -33.57
N THR C 203 15.06 -41.31 -32.45
CA THR C 203 13.65 -41.28 -31.98
C THR C 203 13.30 -39.84 -31.59
N GLY C 204 12.35 -39.23 -32.28
CA GLY C 204 12.09 -37.81 -31.97
C GLY C 204 10.99 -37.21 -32.81
N GLU C 205 9.80 -37.05 -32.22
CA GLU C 205 8.73 -36.36 -32.93
C GLU C 205 8.64 -34.96 -32.35
N THR C 206 8.90 -33.95 -33.18
CA THR C 206 8.91 -32.54 -32.71
C THR C 206 9.44 -32.51 -31.28
N LEU C 207 10.64 -33.06 -31.08
CA LEU C 207 11.27 -33.04 -29.73
C LEU C 207 11.32 -31.61 -29.23
N CYS C 208 11.37 -30.64 -30.16
CA CYS C 208 11.36 -29.21 -29.77
C CYS C 208 11.29 -28.38 -31.04
N SER C 209 11.36 -27.06 -30.90
CA SER C 209 11.48 -26.18 -32.07
C SER C 209 10.22 -26.18 -32.93
N ALA C 210 9.18 -26.87 -32.48
CA ALA C 210 7.89 -26.92 -33.15
C ALA C 210 7.97 -27.49 -34.56
N ALA C 211 9.11 -28.05 -34.98
CA ALA C 211 9.22 -28.57 -36.34
C ALA C 211 10.38 -29.56 -36.38
N ALA C 212 10.05 -30.84 -36.56
CA ALA C 212 11.02 -31.90 -36.84
C ALA C 212 12.08 -32.07 -35.76
N THR C 213 12.91 -33.11 -35.92
CA THR C 213 14.01 -33.38 -35.02
C THR C 213 15.22 -33.76 -35.85
N GLY C 214 16.40 -33.27 -35.46
CA GLY C 214 17.62 -33.56 -36.20
C GLY C 214 17.86 -35.05 -36.35
N GLY C 215 18.13 -35.50 -37.57
CA GLY C 215 18.23 -36.93 -37.84
C GLY C 215 19.58 -37.43 -38.32
N THR C 216 20.63 -36.63 -38.15
CA THR C 216 21.98 -37.04 -38.51
C THR C 216 22.94 -37.11 -37.33
N TYR C 217 22.79 -36.19 -36.38
CA TYR C 217 23.61 -36.25 -35.15
C TYR C 217 23.09 -37.42 -34.33
N ARG C 218 23.39 -38.64 -34.76
CA ARG C 218 22.80 -39.82 -34.06
C ARG C 218 23.86 -40.64 -33.35
N GLY C 219 24.16 -40.33 -32.09
CA GLY C 219 25.07 -41.19 -31.31
C GLY C 219 26.53 -40.87 -31.50
N GLY C 220 27.41 -41.85 -31.26
CA GLY C 220 28.86 -41.65 -31.39
C GLY C 220 29.23 -40.90 -32.65
N GLU C 221 28.39 -40.98 -33.68
CA GLU C 221 28.63 -40.18 -34.91
C GLU C 221 28.55 -38.70 -34.54
N GLY C 222 29.51 -38.19 -33.78
CA GLY C 222 29.51 -36.77 -33.42
C GLY C 222 29.36 -35.94 -34.68
N THR C 223 30.05 -36.35 -35.74
CA THR C 223 29.92 -35.67 -37.04
C THR C 223 29.49 -34.22 -36.84
N ALA C 224 30.38 -33.35 -36.38
CA ALA C 224 30.02 -31.94 -36.28
C ALA C 224 29.41 -31.41 -37.57
N ALA C 225 29.76 -32.02 -38.72
CA ALA C 225 29.06 -31.71 -39.97
C ALA C 225 27.61 -32.15 -39.92
N ASN C 226 27.31 -33.27 -39.25
CA ASN C 226 25.92 -33.70 -39.12
C ASN C 226 25.14 -32.79 -38.20
N ALA C 227 25.78 -32.25 -37.15
CA ALA C 227 25.16 -31.19 -36.36
C ALA C 227 24.93 -29.92 -37.18
N GLN C 228 25.71 -29.71 -38.25
CA GLN C 228 25.47 -28.58 -39.15
C GLN C 228 24.26 -28.84 -40.04
N THR C 229 24.07 -30.08 -40.49
CA THR C 229 22.84 -30.42 -41.21
C THR C 229 21.62 -30.33 -40.30
N ASP C 230 21.79 -30.66 -39.02
CA ASP C 230 20.71 -30.54 -38.04
C ASP C 230 20.75 -29.20 -37.32
N TRP C 231 20.89 -28.10 -38.09
CA TRP C 231 20.96 -26.77 -37.49
C TRP C 231 19.87 -25.84 -38.00
N SER C 232 19.78 -25.62 -39.31
CA SER C 232 18.81 -24.65 -39.83
C SER C 232 17.39 -25.14 -39.61
N THR C 233 17.17 -26.44 -39.73
CA THR C 233 15.87 -27.02 -39.42
C THR C 233 15.51 -26.81 -37.96
N THR C 234 16.45 -27.07 -37.06
CA THR C 234 16.16 -26.94 -35.64
C THR C 234 16.06 -25.48 -35.23
N ILE C 235 16.96 -24.63 -35.70
CA ILE C 235 16.94 -23.20 -35.38
C ILE C 235 16.24 -22.49 -36.53
N ALA C 236 14.93 -22.42 -36.44
CA ALA C 236 14.14 -21.46 -37.19
C ALA C 236 13.06 -20.79 -36.35
N ASP C 237 12.63 -21.43 -35.26
CA ASP C 237 11.75 -20.77 -34.30
C ASP C 237 12.47 -19.59 -33.65
N CYS C 238 13.73 -19.79 -33.22
CA CYS C 238 14.47 -18.71 -32.57
C CYS C 238 14.70 -17.55 -33.53
N ASP C 239 14.88 -17.84 -34.81
CA ASP C 239 15.01 -16.79 -35.81
C ASP C 239 13.69 -16.14 -36.14
N ARG C 240 12.68 -16.41 -35.33
CA ARG C 240 11.45 -15.66 -35.30
C ARG C 240 11.17 -15.03 -33.94
N ASN C 241 11.65 -15.65 -32.85
CA ASN C 241 11.52 -15.06 -31.51
C ASN C 241 12.36 -13.80 -31.34
N VAL C 242 13.38 -13.57 -32.18
CA VAL C 242 14.16 -12.35 -32.07
C VAL C 242 13.25 -11.14 -32.21
N GLU C 243 13.53 -10.11 -31.41
CA GLU C 243 12.70 -8.91 -31.41
C GLU C 243 13.62 -7.71 -31.32
N GLY C 244 13.04 -6.53 -31.10
CA GLY C 244 13.81 -5.32 -30.96
C GLY C 244 14.16 -5.05 -29.50
N LYS C 245 14.47 -6.11 -28.76
CA LYS C 245 14.86 -5.99 -27.35
C LYS C 245 16.36 -5.74 -27.30
N ALA C 246 16.75 -4.50 -27.01
CA ALA C 246 18.16 -4.16 -26.97
C ALA C 246 18.89 -5.02 -25.96
N PRO C 247 20.04 -5.63 -26.33
CA PRO C 247 20.78 -6.47 -25.37
C PRO C 247 21.00 -5.76 -24.04
N SER C 248 20.42 -6.30 -22.97
CA SER C 248 20.46 -5.66 -21.67
C SER C 248 21.20 -6.54 -20.67
N PRO C 249 21.87 -5.94 -19.68
CA PRO C 249 22.50 -6.77 -18.64
C PRO C 249 21.51 -7.61 -17.87
N ALA C 250 20.32 -7.08 -17.62
CA ALA C 250 19.35 -7.83 -16.82
C ALA C 250 18.78 -9.01 -17.60
N ALA C 251 18.50 -8.81 -18.89
CA ALA C 251 17.90 -9.88 -19.68
C ALA C 251 18.84 -11.08 -19.78
N ILE C 252 20.14 -10.84 -19.84
CA ILE C 252 21.11 -11.93 -19.86
C ILE C 252 21.04 -12.71 -18.55
N GLU C 253 20.97 -12.00 -17.42
CA GLU C 253 20.82 -12.67 -16.14
C GLU C 253 19.46 -13.35 -16.02
N ALA C 254 18.43 -12.81 -16.70
CA ALA C 254 17.11 -13.42 -16.67
C ALA C 254 17.08 -14.72 -17.45
N ALA C 255 17.65 -14.72 -18.66
CA ALA C 255 17.66 -15.93 -19.46
C ALA C 255 18.45 -17.03 -18.77
N ILE C 256 19.50 -16.67 -18.04
CA ILE C 256 20.25 -17.66 -17.25
C ILE C 256 19.34 -18.30 -16.22
N ALA C 257 18.48 -17.49 -15.59
CA ALA C 257 17.52 -18.05 -14.64
C ALA C 257 16.56 -19.02 -15.32
N VAL C 258 16.17 -18.71 -16.56
CA VAL C 258 15.30 -19.62 -17.32
C VAL C 258 15.99 -20.96 -17.55
N PHE C 259 17.26 -20.91 -17.94
CA PHE C 259 18.03 -22.14 -18.13
C PHE C 259 18.16 -22.90 -16.81
N ARG C 260 18.36 -22.17 -15.71
CA ARG C 260 18.47 -22.81 -14.40
C ARG C 260 17.26 -23.69 -14.11
N ALA C 261 16.06 -23.20 -14.43
CA ALA C 261 14.86 -23.97 -14.16
C ALA C 261 14.82 -25.26 -14.99
N ALA C 262 15.21 -25.18 -16.26
CA ALA C 262 15.14 -26.32 -17.16
C ALA C 262 16.25 -27.33 -16.94
N LEU C 263 17.30 -26.96 -16.19
CA LEU C 263 18.43 -27.86 -15.98
C LEU C 263 18.01 -28.95 -14.99
N GLY C 264 17.73 -30.14 -15.51
CA GLY C 264 17.38 -31.25 -14.64
C GLY C 264 17.03 -32.54 -15.38
N ASN C 265 17.50 -33.66 -14.85
CA ASN C 265 17.06 -34.98 -15.31
C ASN C 265 17.28 -35.96 -14.15
N ALA C 266 16.20 -36.29 -13.43
CA ALA C 266 16.32 -36.95 -12.13
C ALA C 266 16.58 -38.45 -12.21
N GLU C 267 16.45 -39.07 -13.38
CA GLU C 267 16.66 -40.52 -13.49
C GLU C 267 18.08 -40.87 -13.95
N PHE C 268 18.44 -40.47 -15.17
CA PHE C 268 19.74 -40.68 -15.80
C PHE C 268 20.44 -41.98 -15.39
N THR C 269 21.71 -41.92 -14.98
CA THR C 269 22.52 -43.14 -14.91
C THR C 269 23.55 -43.01 -13.78
N LYS C 270 24.62 -43.80 -13.90
CA LYS C 270 25.51 -44.20 -12.81
C LYS C 270 26.47 -43.07 -12.43
N ALA C 271 27.52 -43.41 -11.67
CA ALA C 271 28.36 -42.45 -10.98
C ALA C 271 28.83 -41.31 -11.90
N ASN C 272 29.00 -40.14 -11.30
CA ASN C 272 29.24 -38.88 -12.01
C ASN C 272 28.20 -38.65 -13.11
N SER C 273 26.94 -38.67 -12.68
CA SER C 273 25.80 -38.29 -13.50
C SER C 273 24.88 -37.39 -12.70
N ARG C 274 25.46 -36.33 -12.11
CA ARG C 274 24.69 -35.42 -11.27
C ARG C 274 23.38 -35.07 -11.95
N LYS C 275 22.27 -35.52 -11.35
CA LYS C 275 20.97 -35.47 -12.01
C LYS C 275 20.43 -34.05 -12.13
N ALA C 276 20.87 -33.14 -11.27
CA ALA C 276 20.48 -31.74 -11.39
C ALA C 276 21.15 -31.02 -12.55
N PHE C 277 22.32 -31.48 -12.98
CA PHE C 277 23.09 -30.83 -14.04
C PHE C 277 22.94 -31.53 -15.39
N VAL C 278 21.76 -32.08 -15.68
CA VAL C 278 21.47 -32.70 -16.96
C VAL C 278 20.31 -31.95 -17.61
N LEU C 279 20.27 -31.98 -18.94
CA LEU C 279 19.23 -31.30 -19.72
C LEU C 279 18.67 -32.30 -20.72
N GLY C 280 17.62 -33.02 -20.33
CA GLY C 280 17.05 -34.06 -21.21
C GLY C 280 15.71 -34.58 -20.76
N HIS C 281 15.15 -35.54 -21.50
CA HIS C 281 13.82 -36.12 -21.16
C HIS C 281 13.97 -36.89 -19.86
N GLY C 282 14.77 -37.96 -19.89
CA GLY C 282 15.00 -38.76 -18.68
C GLY C 282 15.13 -40.25 -18.93
N SER C 283 15.60 -41.00 -17.94
CA SER C 283 15.71 -42.46 -18.05
C SER C 283 16.65 -42.85 -19.20
N ALA C 284 17.88 -42.35 -19.13
CA ALA C 284 18.90 -42.65 -20.12
C ALA C 284 20.16 -43.16 -19.43
N SER C 285 21.13 -43.58 -20.26
CA SER C 285 22.45 -43.92 -19.78
C SER C 285 23.57 -43.20 -20.52
N ASP C 286 23.30 -42.65 -21.69
CA ASP C 286 24.23 -41.89 -22.49
C ASP C 286 23.62 -40.52 -22.79
N CYS C 287 24.26 -39.80 -23.71
CA CYS C 287 23.66 -38.52 -24.17
C CYS C 287 23.93 -38.46 -25.68
N ASN C 288 23.13 -37.69 -26.43
CA ASN C 288 23.21 -37.65 -27.90
C ASN C 288 23.47 -39.06 -28.43
N GLY C 289 22.49 -39.94 -28.28
CA GLY C 289 22.60 -41.30 -28.84
C GLY C 289 21.52 -41.51 -29.87
N GLY C 290 20.62 -42.46 -29.63
CA GLY C 290 19.50 -42.64 -30.58
C GLY C 290 18.19 -42.24 -29.94
N THR C 291 18.03 -42.54 -28.66
CA THR C 291 16.73 -42.27 -28.01
C THR C 291 16.51 -40.76 -27.89
N SER C 292 15.26 -40.34 -27.89
CA SER C 292 14.98 -38.91 -27.65
C SER C 292 15.61 -38.57 -26.31
N SER C 293 15.35 -39.40 -25.31
CA SER C 293 15.96 -39.18 -23.99
C SER C 293 17.45 -38.91 -24.15
N ALA C 294 18.11 -39.67 -25.02
CA ALA C 294 19.58 -39.52 -25.18
C ALA C 294 19.91 -38.07 -25.52
N ALA C 295 18.98 -37.36 -26.13
CA ALA C 295 19.22 -35.95 -26.46
C ALA C 295 19.32 -35.20 -25.13
N CYS C 296 20.51 -35.27 -24.53
CA CYS C 296 20.80 -34.63 -23.25
C CYS C 296 22.22 -34.09 -23.27
N VAL C 297 22.52 -33.22 -22.32
CA VAL C 297 23.84 -32.65 -22.15
C VAL C 297 24.24 -32.85 -20.70
N ASP C 298 25.13 -33.80 -20.43
CA ASP C 298 25.57 -34.12 -19.07
C ASP C 298 26.83 -33.32 -18.73
N TYR C 299 26.64 -32.12 -18.17
CA TYR C 299 27.74 -31.22 -17.86
C TYR C 299 28.59 -31.70 -16.69
N THR C 300 28.30 -32.86 -16.10
CA THR C 300 28.97 -33.30 -14.88
C THR C 300 30.48 -33.29 -15.03
N ASN C 301 30.98 -33.73 -16.18
CA ASN C 301 32.42 -33.79 -16.40
C ASN C 301 33.02 -32.40 -16.65
N LYS C 302 32.32 -31.55 -17.39
CA LYS C 302 32.81 -30.19 -17.62
C LYS C 302 32.61 -29.31 -16.40
N LEU C 303 31.52 -29.50 -15.67
CA LEU C 303 31.19 -28.62 -14.56
C LEU C 303 32.05 -28.95 -13.34
N ALA C 304 32.29 -27.92 -12.54
CA ALA C 304 32.99 -28.05 -11.27
C ALA C 304 32.31 -27.13 -10.26
N ARG C 305 32.57 -27.41 -8.98
CA ARG C 305 32.05 -26.62 -7.85
C ARG C 305 30.57 -26.26 -8.02
N GLY C 306 29.82 -27.09 -8.75
CA GLY C 306 28.39 -26.93 -8.92
C GLY C 306 27.91 -25.59 -9.46
N THR C 307 28.79 -24.84 -10.13
CA THR C 307 28.48 -23.49 -10.58
C THR C 307 28.23 -23.52 -12.09
N ILE C 308 26.96 -23.37 -12.49
CA ILE C 308 26.62 -23.35 -13.90
C ILE C 308 27.24 -22.16 -14.60
N ASN C 309 27.67 -21.15 -13.85
CA ASN C 309 28.32 -19.97 -14.41
C ASN C 309 29.72 -20.28 -14.89
N ASP C 310 30.03 -21.58 -14.97
CA ASP C 310 31.28 -22.07 -15.51
C ASP C 310 31.13 -22.79 -16.84
N ILE C 311 29.90 -22.97 -17.34
CA ILE C 311 29.74 -23.55 -18.68
C ILE C 311 30.08 -22.46 -19.70
N PRO C 312 30.76 -22.79 -20.79
CA PRO C 312 31.35 -21.76 -21.64
C PRO C 312 30.39 -20.65 -22.07
N TRP C 313 29.17 -20.98 -22.49
CA TRP C 313 28.31 -19.94 -23.05
C TRP C 313 27.80 -18.98 -21.98
N ILE C 314 27.41 -19.48 -20.80
CA ILE C 314 27.01 -18.58 -19.73
C ILE C 314 28.16 -17.67 -19.32
N GLU C 315 29.38 -18.19 -19.31
CA GLU C 315 30.55 -17.36 -19.02
C GLU C 315 30.58 -16.15 -19.94
N GLN C 316 30.52 -16.40 -21.25
CA GLN C 316 30.56 -15.32 -22.23
C GLN C 316 29.36 -14.39 -22.05
N LEU C 317 28.18 -14.96 -21.78
CA LEU C 317 27.01 -14.14 -21.51
C LEU C 317 27.25 -13.22 -20.33
N ARG C 318 27.89 -13.72 -19.28
CA ARG C 318 28.22 -12.87 -18.14
C ARG C 318 29.24 -11.81 -18.54
N THR C 319 30.22 -12.17 -19.39
CA THR C 319 31.17 -11.19 -19.88
C THR C 319 30.48 -10.09 -20.67
N ALA C 320 29.53 -10.48 -21.53
CA ALA C 320 28.78 -9.48 -22.29
C ALA C 320 27.95 -8.60 -21.37
N ALA C 321 27.27 -9.21 -20.39
CA ALA C 321 26.46 -8.43 -19.47
C ALA C 321 27.31 -7.46 -18.65
N ALA C 322 28.48 -7.91 -18.19
CA ALA C 322 29.35 -7.05 -17.39
C ALA C 322 29.81 -5.85 -18.20
N LYS C 323 30.24 -6.07 -19.45
CA LYS C 323 30.70 -4.98 -20.28
C LYS C 323 29.56 -4.00 -20.56
N LEU C 324 28.35 -4.53 -20.79
N LEU C 324 28.35 -4.53 -20.79
CA LEU C 324 27.20 -3.67 -21.06
CA LEU C 324 27.20 -3.67 -21.06
C LEU C 324 26.90 -2.77 -19.88
C LEU C 324 26.90 -2.77 -19.88
N ALA C 325 27.03 -3.28 -18.65
CA ALA C 325 26.84 -2.45 -17.48
C ALA C 325 27.88 -1.33 -17.43
N GLY C 326 29.13 -1.64 -17.78
CA GLY C 326 30.17 -0.63 -17.83
C GLY C 326 29.91 0.42 -18.89
N VAL C 327 29.18 0.06 -19.94
CA VAL C 327 28.74 1.04 -20.91
C VAL C 327 27.80 2.05 -20.26
N ALA C 328 26.89 1.57 -19.42
CA ALA C 328 25.98 2.48 -18.74
C ALA C 328 26.75 3.44 -17.83
N GLY C 329 27.73 2.93 -17.10
CA GLY C 329 28.51 3.78 -16.22
C GLY C 329 29.30 4.83 -16.99
N THR C 330 29.98 4.42 -18.06
CA THR C 330 30.75 5.39 -18.84
C THR C 330 29.84 6.40 -19.53
N ARG C 331 28.64 5.99 -19.95
CA ARG C 331 27.70 6.92 -20.54
C ARG C 331 27.22 7.93 -19.50
N ALA C 332 27.04 7.49 -18.25
CA ALA C 332 26.69 8.41 -17.18
C ALA C 332 27.78 9.45 -16.98
N GLN C 333 29.05 9.03 -17.08
CA GLN C 333 30.14 10.00 -17.05
C GLN C 333 30.06 10.95 -18.24
N LEU C 334 29.74 10.42 -19.44
CA LEU C 334 29.75 11.25 -20.64
C LEU C 334 28.76 12.39 -20.55
N ASP C 335 27.54 12.12 -20.08
CA ASP C 335 26.55 13.18 -19.94
C ASP C 335 26.97 14.18 -18.87
N GLY C 336 27.63 13.69 -17.81
CA GLY C 336 28.13 14.60 -16.78
C GLY C 336 29.21 15.52 -17.29
N MET C 337 30.12 14.99 -18.11
CA MET C 337 31.16 15.82 -18.71
C MET C 337 30.56 16.86 -19.66
N ARG C 338 29.58 16.47 -20.47
CA ARG C 338 28.93 17.43 -21.37
C ARG C 338 28.26 18.53 -20.56
N GLN C 339 27.72 18.18 -19.39
CA GLN C 339 27.11 19.20 -18.53
C GLN C 339 28.14 20.21 -18.07
N GLU C 340 29.34 19.75 -17.70
CA GLU C 340 30.36 20.68 -17.24
C GLU C 340 30.88 21.56 -18.37
N MET C 341 30.90 21.05 -19.60
CA MET C 341 31.37 21.86 -20.72
C MET C 341 30.42 23.02 -20.99
N ARG C 342 29.11 22.79 -20.92
CA ARG C 342 28.16 23.85 -21.20
C ARG C 342 28.21 24.94 -20.13
N ILE C 343 28.42 24.55 -18.87
CA ILE C 343 28.54 25.56 -17.82
C ILE C 343 29.85 26.33 -17.96
N ILE C 344 30.90 25.69 -18.48
CA ILE C 344 32.17 26.39 -18.70
C ILE C 344 31.95 27.53 -19.67
N GLU C 345 31.18 27.29 -20.73
CA GLU C 345 30.89 28.34 -21.71
C GLU C 345 30.10 29.49 -21.07
N ASP C 346 29.17 29.17 -20.16
CA ASP C 346 28.45 30.22 -19.46
C ASP C 346 29.39 31.03 -18.57
N GLN C 347 30.36 30.36 -17.93
CA GLN C 347 31.31 31.07 -17.09
C GLN C 347 32.20 32.00 -17.92
N ALA C 348 32.38 31.69 -19.20
CA ALA C 348 33.25 32.50 -20.04
C ALA C 348 32.71 33.91 -20.19
N TRP C 349 31.40 34.05 -20.42
CA TRP C 349 30.82 35.38 -20.54
C TRP C 349 30.92 36.15 -19.23
N GLN C 350 30.67 35.47 -18.11
CA GLN C 350 30.78 36.13 -16.81
C GLN C 350 32.22 36.60 -16.57
N ALA C 351 33.21 35.79 -16.97
CA ALA C 351 34.58 36.23 -16.91
C ALA C 351 34.86 37.33 -17.94
N PHE C 352 34.29 37.21 -19.14
CA PHE C 352 34.53 38.20 -20.19
C PHE C 352 33.78 39.50 -19.92
N ALA C 353 32.65 39.45 -19.21
CA ALA C 353 31.89 40.65 -18.92
C ALA C 353 32.65 41.65 -18.06
N LEU C 354 33.74 41.23 -17.40
CA LEU C 354 34.59 42.17 -16.68
C LEU C 354 35.21 43.20 -17.62
N ALA C 355 35.38 42.85 -18.89
CA ALA C 355 35.96 43.75 -19.89
C ALA C 355 34.89 44.67 -20.47
N THR C 356 34.26 45.44 -19.60
CA THR C 356 33.25 46.41 -20.02
C THR C 356 32.99 47.43 -18.93
N TYR D 22 -18.45 39.05 13.45
CA TYR D 22 -19.22 37.79 13.35
C TYR D 22 -18.41 36.65 13.99
N GLU D 23 -17.87 35.76 13.15
CA GLU D 23 -17.14 34.56 13.65
C GLU D 23 -18.03 33.75 14.60
N ASN D 24 -17.42 32.92 15.43
CA ASN D 24 -18.17 32.08 16.40
C ASN D 24 -19.05 31.07 15.66
N ALA D 25 -18.96 31.02 14.34
CA ALA D 25 -19.79 30.11 13.52
C ALA D 25 -19.13 28.72 13.52
N LYS D 26 -17.99 28.58 12.84
CA LYS D 26 -17.26 27.30 12.87
C LYS D 26 -17.21 26.83 14.31
N GLN D 27 -17.03 27.78 15.23
CA GLN D 27 -17.02 27.44 16.67
C GLN D 27 -18.39 26.86 17.05
N TYR D 28 -19.45 27.64 16.89
CA TYR D 28 -20.82 27.13 17.18
C TYR D 28 -20.98 25.73 16.62
N GLU D 29 -20.76 25.55 15.32
CA GLU D 29 -20.99 24.24 14.67
C GLU D 29 -20.33 23.13 15.49
N ALA D 30 -19.12 23.36 16.01
CA ALA D 30 -18.53 22.34 16.84
C ALA D 30 -19.37 22.08 18.09
N LEU D 31 -19.74 23.17 18.79
CA LEU D 31 -20.61 23.03 19.95
C LEU D 31 -22.00 22.54 19.56
N CYS D 32 -22.52 23.03 18.44
CA CYS D 32 -23.83 22.60 17.96
C CYS D 32 -23.83 21.13 17.57
N GLY D 33 -22.75 20.65 16.96
CA GLY D 33 -22.65 19.24 16.66
C GLY D 33 -22.69 18.37 17.90
N ALA D 34 -22.04 18.83 18.98
CA ALA D 34 -22.13 18.13 20.26
C ALA D 34 -23.55 18.17 20.79
N TYR D 35 -24.26 19.27 20.57
CA TYR D 35 -25.65 19.38 21.00
C TYR D 35 -26.52 18.32 20.32
N ALA D 36 -26.24 18.04 19.04
CA ALA D 36 -27.06 17.08 18.31
C ALA D 36 -26.94 15.68 18.90
N ILE D 37 -25.74 15.29 19.33
CA ILE D 37 -25.54 13.97 19.92
C ILE D 37 -26.31 13.85 21.23
N THR D 38 -26.28 14.89 22.06
CA THR D 38 -27.06 14.92 23.29
C THR D 38 -28.48 15.41 23.07
N LYS D 39 -28.89 15.61 21.82
CA LYS D 39 -30.29 15.83 21.48
C LYS D 39 -30.89 14.61 20.78
N GLN D 40 -30.22 13.46 20.84
CA GLN D 40 -30.68 12.24 20.20
C GLN D 40 -31.06 11.23 21.28
N ALA D 41 -31.82 10.21 20.86
CA ALA D 41 -32.22 9.12 21.75
C ALA D 41 -31.46 7.86 21.39
N ILE D 42 -31.22 7.03 22.40
CA ILE D 42 -30.34 5.87 22.24
C ILE D 42 -31.20 4.65 22.00
N SER D 43 -32.40 4.86 21.46
CA SER D 43 -33.30 3.79 21.05
C SER D 43 -33.72 2.90 22.22
N ASP D 44 -32.78 2.19 22.82
CA ASP D 44 -33.04 1.18 23.84
C ASP D 44 -33.96 0.07 23.33
N ALA D 45 -34.15 -0.01 22.02
CA ALA D 45 -34.86 -1.12 21.39
C ALA D 45 -34.18 -1.60 20.12
N GLU D 46 -33.25 -0.82 19.55
CA GLU D 46 -32.47 -1.31 18.42
C GLU D 46 -31.46 -2.38 18.85
N TYR D 47 -31.04 -2.35 20.11
CA TYR D 47 -30.12 -3.34 20.65
C TYR D 47 -30.84 -4.53 21.28
N ILE D 48 -32.17 -4.50 21.33
CA ILE D 48 -32.97 -5.59 21.92
C ILE D 48 -33.76 -6.31 20.84
N GLY D 49 -34.62 -5.59 20.12
CA GLY D 49 -35.32 -6.18 19.00
C GLY D 49 -36.31 -7.24 19.42
N ASP D 50 -36.56 -8.17 18.49
CA ASP D 50 -37.48 -9.27 18.75
C ASP D 50 -36.97 -10.10 19.93
N THR D 51 -37.84 -10.29 20.92
CA THR D 51 -37.58 -11.23 21.99
C THR D 51 -38.78 -12.15 22.17
N THR D 52 -39.33 -12.63 21.04
CA THR D 52 -40.29 -13.72 21.06
C THR D 52 -39.60 -15.07 21.05
N GLY D 53 -38.49 -15.18 20.33
CA GLY D 53 -37.72 -16.40 20.31
C GLY D 53 -36.70 -16.48 21.42
N ASP D 54 -36.39 -15.34 22.02
CA ASP D 54 -35.45 -15.31 23.15
C ASP D 54 -35.92 -16.16 24.34
N PRO D 55 -37.19 -16.14 24.75
CA PRO D 55 -37.63 -17.04 25.82
C PRO D 55 -37.37 -18.50 25.46
N ARG D 56 -37.55 -19.36 26.45
CA ARG D 56 -37.33 -20.78 26.25
C ARG D 56 -38.27 -21.29 25.15
N PRO D 57 -37.76 -21.99 24.14
CA PRO D 57 -38.63 -22.44 23.04
C PRO D 57 -39.78 -23.27 23.57
N LYS D 58 -41.00 -22.79 23.30
CA LYS D 58 -42.18 -23.48 23.80
C LYS D 58 -42.25 -24.92 23.31
N GLU D 59 -41.77 -25.17 22.09
CA GLU D 59 -41.79 -26.52 21.53
C GLU D 59 -41.03 -27.50 22.42
N VAL D 60 -39.97 -27.04 23.10
CA VAL D 60 -39.29 -27.90 24.06
C VAL D 60 -40.23 -28.26 25.21
N GLU D 61 -40.87 -27.25 25.79
CA GLU D 61 -41.86 -27.49 26.85
C GLU D 61 -43.07 -28.25 26.34
N ASP D 62 -43.42 -28.06 25.07
CA ASP D 62 -44.45 -28.85 24.42
C ASP D 62 -43.93 -30.15 23.83
N LEU D 63 -42.73 -30.55 24.20
CA LEU D 63 -42.15 -31.85 23.87
C LEU D 63 -41.59 -32.55 25.10
N TYR D 64 -41.01 -31.79 26.03
CA TYR D 64 -40.46 -32.37 27.25
C TYR D 64 -41.53 -33.10 28.05
N ILE D 65 -42.78 -32.64 27.97
CA ILE D 65 -43.87 -33.31 28.67
C ILE D 65 -44.25 -34.62 27.98
N MET D 66 -44.12 -34.66 26.65
CA MET D 66 -44.56 -35.87 25.92
C MET D 66 -43.61 -37.02 26.28
N THR D 67 -42.35 -36.72 26.60
CA THR D 67 -41.37 -37.79 26.86
C THR D 67 -41.18 -37.92 28.36
N LEU D 68 -42.17 -37.47 29.13
CA LEU D 68 -42.00 -37.47 30.60
C LEU D 68 -42.49 -38.79 31.20
N SER D 69 -41.75 -39.31 32.19
CA SER D 69 -42.21 -40.53 32.90
C SER D 69 -43.68 -40.35 33.23
N ASP D 70 -44.51 -41.29 32.78
CA ASP D 70 -45.96 -41.17 33.01
C ASP D 70 -46.18 -40.75 34.47
N GLU D 71 -45.22 -41.03 35.34
CA GLU D 71 -45.40 -40.60 36.73
C GLU D 71 -45.80 -39.13 36.80
N ASP D 72 -45.22 -38.28 35.95
CA ASP D 72 -45.53 -36.86 35.93
C ASP D 72 -46.11 -36.42 34.59
N TYR D 73 -46.87 -37.30 33.94
CA TYR D 73 -47.65 -36.89 32.77
C TYR D 73 -48.86 -36.05 33.16
N ASN D 74 -48.99 -35.71 34.45
CA ASN D 74 -50.12 -34.95 34.96
C ASN D 74 -49.68 -34.22 36.23
N ASN D 75 -50.44 -33.19 36.58
CA ASN D 75 -50.28 -32.42 37.84
C ASN D 75 -48.89 -31.77 37.85
N LYS D 76 -48.24 -31.67 39.01
CA LYS D 76 -46.96 -30.99 39.13
C LYS D 76 -45.92 -31.60 38.19
N THR D 77 -45.19 -30.74 37.50
CA THR D 77 -44.21 -31.18 36.52
C THR D 77 -42.93 -30.38 36.62
N GLU D 84 -48.06 -24.02 35.55
CA GLU D 84 -49.00 -23.26 36.40
C GLU D 84 -49.51 -24.18 37.52
N GLY D 85 -50.76 -24.62 37.45
CA GLY D 85 -51.34 -25.48 38.50
C GLY D 85 -50.89 -26.92 38.34
N GLY D 86 -51.25 -27.54 37.22
CA GLY D 86 -50.81 -28.93 36.94
C GLY D 86 -50.93 -29.27 35.47
N LEU D 87 -49.91 -28.92 34.68
CA LEU D 87 -49.91 -29.25 33.22
C LEU D 87 -51.20 -28.77 32.58
N GLU D 88 -52.23 -29.63 32.52
CA GLU D 88 -53.56 -29.22 31.98
C GLU D 88 -53.41 -28.63 30.59
N LYS D 89 -53.67 -27.33 30.43
CA LYS D 89 -53.61 -26.69 29.08
C LYS D 89 -52.53 -27.37 28.26
N ARG D 90 -51.31 -27.42 28.78
CA ARG D 90 -50.20 -28.10 28.07
C ARG D 90 -50.73 -29.41 27.47
N LYS D 91 -51.10 -30.36 28.32
CA LYS D 91 -51.58 -31.67 27.81
C LYS D 91 -52.53 -31.45 26.64
N SER D 92 -53.56 -30.63 26.83
CA SER D 92 -54.53 -30.34 25.74
C SER D 92 -53.80 -29.63 24.59
N ASP D 93 -53.24 -28.46 24.85
CA ASP D 93 -52.56 -27.67 23.80
C ASP D 93 -51.56 -28.55 23.04
N ILE D 94 -50.68 -29.25 23.74
CA ILE D 94 -49.68 -30.01 23.01
C ILE D 94 -50.34 -30.82 21.90
N LEU D 95 -51.50 -31.41 22.19
CA LEU D 95 -52.27 -32.17 21.22
C LEU D 95 -53.26 -31.31 20.44
N GLN D 96 -53.61 -30.14 20.97
CA GLN D 96 -54.53 -29.22 20.24
C GLN D 96 -53.68 -28.33 19.34
N ARG D 97 -52.64 -28.90 18.72
CA ARG D 97 -51.72 -28.11 17.87
C ARG D 97 -51.19 -28.99 16.74
N ARG D 98 -50.03 -28.63 16.19
CA ARG D 98 -49.40 -29.41 15.09
C ARG D 98 -50.35 -29.48 13.88
N ASP D 99 -50.12 -30.44 12.98
CA ASP D 99 -50.97 -30.63 11.78
C ASP D 99 -51.62 -29.30 11.38
N THR D 100 -50.80 -28.33 10.96
CA THR D 100 -51.32 -26.99 10.59
C THR D 100 -51.93 -27.04 9.19
N TYR D 101 -51.86 -28.18 8.51
CA TYR D 101 -52.54 -28.33 7.20
C TYR D 101 -53.87 -29.04 7.41
N HIS D 106 -49.20 -33.71 18.20
CA HIS D 106 -48.02 -34.62 18.12
C HIS D 106 -48.49 -36.06 18.31
N SER D 107 -47.69 -36.88 19.01
CA SER D 107 -48.07 -38.29 19.26
C SER D 107 -47.44 -38.82 20.55
N ILE D 108 -48.23 -39.53 21.37
CA ILE D 108 -47.74 -40.09 22.63
C ILE D 108 -46.69 -41.15 22.34
N PRO D 109 -45.47 -41.00 22.87
CA PRO D 109 -44.45 -42.04 22.64
C PRO D 109 -44.85 -43.34 23.32
N ALA D 110 -44.65 -44.43 22.59
CA ALA D 110 -44.91 -45.76 23.18
C ALA D 110 -43.93 -45.95 24.35
N ASN D 111 -44.42 -46.39 25.50
CA ASN D 111 -43.50 -46.48 26.67
C ASN D 111 -42.46 -47.56 26.44
N SER D 112 -41.22 -47.30 26.84
CA SER D 112 -40.09 -48.25 26.69
C SER D 112 -38.88 -47.51 27.25
N GLU D 113 -37.67 -47.85 26.80
CA GLU D 113 -36.51 -47.03 27.23
C GLU D 113 -36.59 -45.77 26.37
N ALA D 114 -37.36 -45.85 25.28
CA ALA D 114 -37.53 -44.70 24.39
C ALA D 114 -37.85 -43.46 25.23
N ARG D 115 -38.86 -43.55 26.08
CA ARG D 115 -39.22 -42.41 26.95
C ARG D 115 -37.93 -41.73 27.41
N ALA D 116 -37.06 -42.48 28.08
CA ALA D 116 -35.79 -41.90 28.59
C ALA D 116 -34.94 -41.47 27.40
N ALA D 117 -34.61 -42.42 26.53
CA ALA D 117 -33.73 -42.12 25.37
C ALA D 117 -34.13 -40.75 24.80
N ALA D 118 -35.43 -40.51 24.62
CA ALA D 118 -35.86 -39.18 24.17
C ALA D 118 -35.61 -38.21 25.31
N HIS D 119 -36.23 -38.47 26.46
CA HIS D 119 -36.11 -37.51 27.59
C HIS D 119 -34.67 -37.06 27.77
N VAL D 120 -33.76 -37.94 28.16
CA VAL D 120 -32.38 -37.48 28.46
C VAL D 120 -31.98 -36.41 27.43
N ALA D 121 -31.84 -36.78 26.17
CA ALA D 121 -31.43 -35.83 25.15
C ALA D 121 -32.26 -34.56 25.24
N ILE D 122 -33.58 -34.69 25.40
CA ILE D 122 -34.44 -33.52 25.54
C ILE D 122 -34.23 -32.85 26.90
N LYS D 123 -33.88 -33.64 27.93
CA LYS D 123 -33.65 -33.05 29.25
C LYS D 123 -32.49 -32.06 29.22
N ARG D 124 -31.39 -32.42 28.56
CA ARG D 124 -30.28 -31.49 28.41
C ARG D 124 -30.68 -30.28 27.56
N LEU D 125 -31.43 -30.53 26.48
CA LEU D 125 -31.90 -29.42 25.65
C LEU D 125 -32.86 -28.52 26.41
N PHE D 126 -33.73 -29.11 27.23
CA PHE D 126 -34.59 -28.33 28.11
C PHE D 126 -33.77 -27.45 29.02
N TYR D 127 -32.73 -28.02 29.65
CA TYR D 127 -31.90 -27.25 30.56
C TYR D 127 -31.14 -26.15 29.83
N LYS D 128 -30.66 -26.44 28.62
CA LYS D 128 -29.87 -25.46 27.88
C LYS D 128 -30.67 -24.18 27.64
N ALA D 129 -31.95 -24.30 27.28
CA ALA D 129 -32.79 -23.13 27.13
C ALA D 129 -32.97 -22.40 28.45
N GLY D 130 -32.92 -23.12 29.57
CA GLY D 130 -33.09 -22.48 30.87
C GLY D 130 -31.99 -21.48 31.19
N ASN D 131 -30.73 -21.89 30.98
CA ASN D 131 -29.63 -20.97 31.24
C ASN D 131 -29.55 -19.88 30.19
N LEU D 132 -29.81 -20.22 28.93
CA LEU D 132 -29.79 -19.21 27.88
C LEU D 132 -30.82 -18.12 28.15
N SER D 133 -32.00 -18.51 28.66
CA SER D 133 -33.02 -17.52 28.99
C SER D 133 -32.52 -16.52 30.02
N ALA D 134 -31.93 -17.03 31.11
CA ALA D 134 -31.38 -16.13 32.12
C ALA D 134 -30.22 -15.32 31.55
N ASN D 135 -29.31 -15.98 30.82
CA ASN D 135 -28.19 -15.27 30.22
C ASN D 135 -28.66 -14.29 29.15
N ILE D 136 -29.81 -14.55 28.52
CA ILE D 136 -30.41 -13.55 27.65
C ILE D 136 -31.02 -12.41 28.46
N ALA D 137 -31.75 -12.76 29.53
CA ALA D 137 -32.35 -11.72 30.38
C ALA D 137 -31.27 -10.91 31.08
N ALA D 138 -30.21 -11.57 31.56
CA ALA D 138 -29.11 -10.84 32.19
C ALA D 138 -28.43 -9.90 31.21
N ALA D 139 -28.25 -10.35 29.96
CA ALA D 139 -27.71 -9.48 28.92
C ALA D 139 -28.67 -8.32 28.62
N ILE D 140 -29.97 -8.59 28.65
CA ILE D 140 -30.96 -7.55 28.37
C ILE D 140 -30.91 -6.47 29.46
N SER D 141 -30.86 -6.89 30.72
CA SER D 141 -30.81 -5.92 31.83
C SER D 141 -29.55 -5.07 31.78
N SER D 142 -28.42 -5.69 31.42
CA SER D 142 -27.17 -4.94 31.28
C SER D 142 -27.27 -3.93 30.14
N ILE D 143 -27.91 -4.32 29.03
CA ILE D 143 -28.04 -3.41 27.89
C ILE D 143 -28.89 -2.20 28.27
N LYS D 144 -30.07 -2.45 28.84
CA LYS D 144 -30.95 -1.35 29.22
C LYS D 144 -30.30 -0.47 30.29
N ALA D 145 -29.60 -1.08 31.24
CA ALA D 145 -28.89 -0.30 32.24
C ALA D 145 -27.75 0.50 31.61
N ASP D 146 -26.95 -0.15 30.76
CA ASP D 146 -25.86 0.55 30.08
C ASP D 146 -26.40 1.63 29.14
N THR D 147 -27.46 1.32 28.39
CA THR D 147 -28.03 2.30 27.48
C THR D 147 -28.58 3.50 28.21
N ARG D 148 -29.31 3.28 29.31
CA ARG D 148 -29.94 4.38 30.02
C ARG D 148 -28.91 5.22 30.77
N SER D 149 -27.90 4.56 31.35
CA SER D 149 -26.84 5.29 32.05
C SER D 149 -26.12 6.24 31.10
N ALA D 150 -25.94 5.83 29.85
CA ALA D 150 -25.30 6.69 28.86
C ALA D 150 -26.14 7.94 28.59
N GLY D 151 -27.46 7.79 28.51
CA GLY D 151 -28.32 8.93 28.26
C GLY D 151 -28.22 9.99 29.34
N GLU D 152 -28.07 9.56 30.60
CA GLU D 152 -27.86 10.50 31.68
C GLU D 152 -26.59 11.31 31.44
N ALA D 153 -25.53 10.65 30.99
CA ALA D 153 -24.27 11.34 30.74
C ALA D 153 -24.41 12.34 29.60
N LEU D 154 -25.01 11.94 28.48
CA LEU D 154 -25.22 12.86 27.37
C LEU D 154 -26.08 14.04 27.79
N ASN D 155 -27.14 13.78 28.56
CA ASN D 155 -27.93 14.89 29.09
C ASN D 155 -27.12 15.71 30.08
N ARG D 156 -26.26 15.07 30.89
CA ARG D 156 -25.38 15.76 31.83
C ARG D 156 -24.37 16.63 31.08
N ALA D 157 -24.45 16.62 29.76
CA ALA D 157 -23.70 17.55 28.94
C ALA D 157 -24.56 18.67 28.39
N ARG D 158 -25.70 18.35 27.79
CA ARG D 158 -26.58 19.39 27.27
C ARG D 158 -27.04 20.31 28.40
N CYS D 159 -27.40 19.73 29.54
CA CYS D 159 -27.62 20.48 30.77
C CYS D 159 -26.75 19.85 31.85
N GLY D 160 -26.99 20.20 33.11
CA GLY D 160 -26.20 19.64 34.19
C GLY D 160 -26.73 18.37 34.85
N GLN D 161 -27.93 17.93 34.53
CA GLN D 161 -28.58 16.83 35.25
C GLN D 161 -28.96 15.69 34.30
N ALA D 162 -29.66 14.69 34.85
CA ALA D 162 -29.98 13.48 34.10
C ALA D 162 -31.03 13.71 33.02
N ASP D 163 -32.00 14.59 33.27
CA ASP D 163 -33.00 14.96 32.28
C ASP D 163 -32.90 16.45 32.00
N CYS D 164 -32.86 16.82 30.73
CA CYS D 164 -32.57 18.18 30.30
C CYS D 164 -33.50 18.60 29.17
N LYS D 165 -34.79 18.31 29.32
CA LYS D 165 -35.77 18.65 28.30
C LYS D 165 -36.64 19.83 28.71
N ALA D 166 -36.27 20.55 29.77
CA ALA D 166 -36.95 21.75 30.19
C ALA D 166 -35.99 22.94 30.14
N PRO D 167 -36.37 24.05 29.50
CA PRO D 167 -35.45 25.20 29.43
C PRO D 167 -35.28 25.88 30.78
N ASP D 168 -34.73 25.16 31.74
CA ASP D 168 -34.55 25.70 33.09
C ASP D 168 -33.46 26.76 33.08
N GLN D 169 -33.67 27.80 33.89
CA GLN D 169 -32.63 28.81 34.11
C GLN D 169 -31.66 28.39 35.21
N LYS D 170 -31.16 27.18 35.12
CA LYS D 170 -30.28 26.61 36.13
C LYS D 170 -28.97 26.08 35.55
N TRP D 171 -29.01 25.45 34.37
CA TRP D 171 -27.80 24.85 33.82
C TRP D 171 -26.95 25.80 33.01
N PHE D 172 -27.45 27.00 32.69
CA PHE D 172 -26.53 28.09 32.39
C PHE D 172 -25.88 28.60 33.69
N GLU D 173 -24.94 29.52 33.53
CA GLU D 173 -24.34 30.18 34.68
C GLU D 173 -24.07 31.64 34.32
N THR D 174 -23.32 32.32 35.18
CA THR D 174 -22.95 33.71 35.01
C THR D 174 -21.87 33.84 33.95
N ARG D 175 -21.67 35.06 33.45
CA ARG D 175 -20.56 35.31 32.54
C ARG D 175 -19.22 35.33 33.27
N SER D 176 -19.21 35.83 34.52
CA SER D 176 -17.98 35.83 35.31
C SER D 176 -17.60 34.45 35.82
N LYS D 177 -18.46 33.45 35.67
CA LYS D 177 -18.19 32.11 36.16
C LYS D 177 -18.28 31.02 35.09
N ALA D 178 -18.97 31.25 33.98
CA ALA D 178 -19.04 30.30 32.89
C ALA D 178 -18.29 30.75 31.64
N CYS D 179 -18.55 31.98 31.18
CA CYS D 179 -17.83 32.50 30.02
C CYS D 179 -16.39 32.86 30.34
N SER D 180 -16.15 33.31 31.57
CA SER D 180 -14.83 33.79 31.98
C SER D 180 -14.20 32.93 33.05
N GLY D 181 -14.97 32.47 34.03
CA GLY D 181 -14.39 31.77 35.16
C GLY D 181 -13.61 32.67 36.10
N THR D 182 -13.97 33.95 36.16
CA THR D 182 -13.27 34.88 37.03
C THR D 182 -13.42 34.49 38.50
N GLY D 183 -14.65 34.22 38.92
CA GLY D 183 -14.90 33.86 40.31
C GLY D 183 -14.97 32.37 40.55
N GLU D 184 -15.78 31.68 39.75
CA GLU D 184 -15.98 30.24 39.88
C GLU D 184 -15.59 29.55 38.58
N GLN D 185 -14.93 28.40 38.70
CA GLN D 185 -14.47 27.64 37.54
C GLN D 185 -15.60 26.77 36.99
N LYS D 186 -16.69 27.43 36.59
CA LYS D 186 -17.84 26.74 36.01
C LYS D 186 -17.74 26.74 34.48
N GLN D 187 -16.65 26.16 33.99
CA GLN D 187 -16.35 26.12 32.57
C GLN D 187 -16.70 24.76 32.00
N GLY D 188 -17.53 24.75 30.96
CA GLY D 188 -17.90 23.52 30.32
C GLY D 188 -18.77 22.60 31.14
N MET D 189 -19.47 23.13 32.15
CA MET D 189 -20.41 22.30 32.91
C MET D 189 -21.49 21.74 32.00
N THR D 190 -22.09 22.59 31.17
CA THR D 190 -23.07 22.20 30.18
C THR D 190 -22.65 22.74 28.83
N ILE D 191 -23.06 22.02 27.77
CA ILE D 191 -22.85 22.52 26.41
C ILE D 191 -23.53 23.87 26.24
N ALA D 192 -24.60 24.11 27.00
CA ALA D 192 -25.33 25.37 26.89
C ALA D 192 -24.48 26.56 27.34
N SER D 193 -23.76 26.41 28.46
CA SER D 193 -22.98 27.53 28.98
C SER D 193 -21.98 28.02 27.95
N ASP D 194 -21.24 27.09 27.34
CA ASP D 194 -20.31 27.46 26.28
C ASP D 194 -21.06 28.04 25.08
N ILE D 195 -22.20 27.44 24.72
CA ILE D 195 -22.99 27.94 23.60
C ILE D 195 -23.54 29.33 23.91
N SER D 196 -24.09 29.50 25.11
CA SER D 196 -24.69 30.78 25.48
C SER D 196 -23.66 31.89 25.48
N CYS D 197 -22.51 31.61 26.07
CA CYS D 197 -21.45 32.63 26.06
C CYS D 197 -21.04 32.92 24.62
N LEU D 198 -20.45 31.94 23.93
CA LEU D 198 -19.92 32.17 22.55
C LEU D 198 -20.97 32.78 21.65
N CYS D 199 -22.24 32.35 21.75
CA CYS D 199 -23.24 32.82 20.77
C CYS D 199 -24.01 34.06 21.26
N SER D 200 -24.13 34.25 22.57
CA SER D 200 -24.95 35.41 23.03
C SER D 200 -24.13 36.30 23.95
N ALA D 201 -23.50 37.34 23.39
CA ALA D 201 -22.82 38.31 24.26
C ALA D 201 -23.32 39.72 24.05
N ALA D 202 -22.98 40.37 22.94
CA ALA D 202 -23.40 41.74 22.62
C ALA D 202 -22.76 42.25 21.32
N THR D 203 -23.18 43.42 20.85
CA THR D 203 -22.53 44.12 19.73
C THR D 203 -22.25 43.16 18.56
N GLY D 204 -23.30 42.55 18.05
CA GLY D 204 -23.11 41.46 17.10
C GLY D 204 -24.09 41.35 15.96
N GLU D 205 -23.55 41.13 14.76
CA GLU D 205 -24.42 40.88 13.60
C GLU D 205 -24.49 39.36 13.43
N THR D 206 -25.66 38.76 13.65
CA THR D 206 -25.80 37.28 13.59
C THR D 206 -24.56 36.61 14.20
N LEU D 207 -24.06 37.13 15.32
CA LEU D 207 -22.89 36.51 15.98
C LEU D 207 -23.15 35.01 16.13
N CYS D 208 -22.19 34.17 15.75
CA CYS D 208 -22.28 32.70 15.95
C CYS D 208 -23.36 32.06 15.07
N SER D 209 -24.64 32.27 15.39
CA SER D 209 -25.70 31.53 14.66
C SER D 209 -25.91 32.06 13.25
N ALA D 210 -26.57 31.26 12.42
CA ALA D 210 -26.87 31.68 11.04
C ALA D 210 -27.96 32.75 11.10
N ALA D 211 -28.83 32.65 12.10
CA ALA D 211 -29.95 33.62 12.20
C ALA D 211 -30.32 33.80 13.68
N ALA D 212 -29.34 34.11 14.52
CA ALA D 212 -29.62 34.35 15.94
C ALA D 212 -28.46 35.05 16.63
N THR D 213 -28.78 36.08 17.41
CA THR D 213 -27.84 36.73 18.31
C THR D 213 -28.45 36.76 19.71
N GLY D 214 -27.80 37.43 20.66
CA GLY D 214 -28.33 37.49 22.01
C GLY D 214 -28.02 38.82 22.68
N GLY D 215 -28.92 39.23 23.57
CA GLY D 215 -28.65 40.44 24.33
C GLY D 215 -28.61 40.39 25.85
N THR D 216 -29.47 39.59 26.49
CA THR D 216 -29.59 39.68 27.94
C THR D 216 -28.36 39.10 28.65
N TYR D 217 -27.69 38.15 28.01
CA TYR D 217 -26.40 37.62 28.46
C TYR D 217 -25.27 38.53 27.96
N ARG D 218 -25.18 39.72 28.58
CA ARG D 218 -24.21 40.71 28.10
C ARG D 218 -23.33 41.26 29.21
N GLY D 219 -23.42 40.72 30.43
CA GLY D 219 -22.68 41.28 31.54
C GLY D 219 -21.94 40.22 32.35
N GLY D 220 -20.73 40.58 32.81
CA GLY D 220 -19.95 39.65 33.60
C GLY D 220 -20.68 39.15 34.82
N GLU D 221 -21.35 40.05 35.54
CA GLU D 221 -22.22 39.67 36.65
C GLU D 221 -23.65 39.43 36.18
N GLY D 222 -23.81 38.58 35.18
CA GLY D 222 -25.12 38.28 34.63
C GLY D 222 -25.88 37.28 35.49
N THR D 223 -26.99 36.80 34.94
CA THR D 223 -27.82 35.81 35.60
C THR D 223 -28.01 34.61 34.69
N ALA D 224 -28.21 33.44 35.29
CA ALA D 224 -28.55 32.27 34.48
C ALA D 224 -29.84 32.47 33.72
N ALA D 225 -30.76 33.29 34.27
CA ALA D 225 -31.99 33.62 33.55
C ALA D 225 -31.68 34.42 32.29
N ASN D 226 -30.65 35.26 32.33
CA ASN D 226 -30.28 36.04 31.15
C ASN D 226 -30.01 35.13 29.97
N ALA D 227 -29.27 34.04 30.18
CA ALA D 227 -28.98 33.13 29.07
C ALA D 227 -30.25 32.46 28.56
N GLN D 228 -31.15 32.07 29.47
CA GLN D 228 -32.41 31.44 29.06
C GLN D 228 -33.19 32.34 28.11
N THR D 229 -33.21 33.65 28.38
CA THR D 229 -33.90 34.58 27.50
C THR D 229 -33.30 34.57 26.09
N ASP D 230 -32.00 34.36 25.99
CA ASP D 230 -31.30 34.29 24.71
C ASP D 230 -31.03 32.86 24.26
N TRP D 231 -31.63 31.87 24.93
CA TRP D 231 -31.28 30.47 24.66
C TRP D 231 -32.04 29.91 23.47
N SER D 232 -33.36 29.80 23.58
CA SER D 232 -34.15 29.18 22.52
C SER D 232 -34.13 30.00 21.24
N THR D 233 -33.71 31.27 21.30
CA THR D 233 -33.46 32.04 20.08
C THR D 233 -32.27 31.47 19.32
N THR D 234 -31.24 31.00 20.02
CA THR D 234 -29.96 30.68 19.41
C THR D 234 -29.79 29.21 19.04
N ILE D 235 -30.56 28.29 19.63
CA ILE D 235 -30.34 26.87 19.44
C ILE D 235 -31.35 26.23 18.50
N ALA D 236 -32.31 26.99 17.97
CA ALA D 236 -33.25 26.40 17.03
C ALA D 236 -32.54 25.87 15.79
N ASP D 237 -31.40 26.46 15.43
CA ASP D 237 -30.61 25.95 14.33
C ASP D 237 -30.05 24.56 14.65
N CYS D 238 -29.59 24.35 15.89
CA CYS D 238 -29.18 23.01 16.31
C CYS D 238 -30.34 22.03 16.28
N ASP D 239 -31.52 22.45 16.75
CA ASP D 239 -32.67 21.56 16.83
C ASP D 239 -33.13 21.07 15.45
N ARG D 240 -32.57 21.59 14.37
CA ARG D 240 -32.69 20.90 13.09
C ARG D 240 -32.12 19.50 13.19
N ASN D 241 -30.95 19.37 13.84
CA ASN D 241 -30.32 18.09 14.17
C ASN D 241 -29.83 17.35 12.93
N VAL D 242 -28.86 16.47 13.15
CA VAL D 242 -28.31 15.61 12.10
C VAL D 242 -29.32 14.48 11.86
N GLU D 243 -30.49 14.63 12.49
CA GLU D 243 -31.64 13.72 12.43
C GLU D 243 -31.39 12.53 13.35
N GLY D 244 -32.44 12.08 14.05
CA GLY D 244 -32.30 11.01 15.01
C GLY D 244 -31.76 9.76 14.37
N LYS D 245 -30.49 9.46 14.65
CA LYS D 245 -29.80 8.35 14.00
C LYS D 245 -28.93 7.60 14.99
N ALA D 246 -29.46 7.31 16.18
CA ALA D 246 -28.87 6.32 17.08
C ALA D 246 -27.43 6.66 17.43
N PRO D 247 -27.20 7.63 18.35
CA PRO D 247 -25.83 8.06 18.69
C PRO D 247 -24.82 6.91 18.69
N SER D 248 -23.66 7.14 18.06
CA SER D 248 -22.68 6.10 17.87
C SER D 248 -21.36 6.52 18.51
N PRO D 249 -20.58 5.56 19.02
CA PRO D 249 -19.34 5.93 19.70
C PRO D 249 -18.39 6.74 18.84
N ALA D 250 -18.33 6.46 17.54
CA ALA D 250 -17.49 7.25 16.64
C ALA D 250 -18.05 8.66 16.44
N ALA D 251 -19.38 8.81 16.48
CA ALA D 251 -19.98 10.12 16.29
C ALA D 251 -19.55 11.10 17.37
N ILE D 252 -19.49 10.64 18.62
CA ILE D 252 -18.96 11.47 19.69
C ILE D 252 -17.49 11.78 19.45
N GLU D 253 -16.70 10.74 19.13
CA GLU D 253 -15.27 10.95 18.87
C GLU D 253 -15.05 11.89 17.70
N ALA D 254 -15.91 11.81 16.68
CA ALA D 254 -15.84 12.78 15.58
C ALA D 254 -16.21 14.18 16.05
N ALA D 255 -17.12 14.28 17.03
CA ALA D 255 -17.51 15.60 17.53
C ALA D 255 -16.37 16.25 18.31
N ILE D 256 -15.59 15.47 19.06
CA ILE D 256 -14.44 16.05 19.76
C ILE D 256 -13.42 16.58 18.76
N ALA D 257 -13.20 15.84 17.66
CA ALA D 257 -12.25 16.28 16.65
C ALA D 257 -12.62 17.63 16.08
N VAL D 258 -13.91 17.86 15.83
CA VAL D 258 -14.36 19.14 15.33
C VAL D 258 -14.09 20.25 16.34
N PHE D 259 -14.32 19.96 17.63
CA PHE D 259 -14.18 20.98 18.66
C PHE D 259 -12.73 21.44 18.77
N ARG D 260 -11.79 20.51 18.79
CA ARG D 260 -10.39 20.88 18.97
C ARG D 260 -9.88 21.70 17.79
N ALA D 261 -10.45 21.50 16.60
CA ALA D 261 -10.03 22.27 15.43
C ALA D 261 -10.40 23.74 15.57
N ALA D 262 -11.65 24.02 15.93
CA ALA D 262 -12.11 25.39 16.04
C ALA D 262 -11.63 26.08 17.32
N LEU D 263 -11.09 25.33 18.27
CA LEU D 263 -10.67 25.88 19.56
C LEU D 263 -9.40 26.68 19.35
N GLY D 264 -9.54 28.01 19.24
CA GLY D 264 -8.39 28.86 19.05
C GLY D 264 -8.73 30.23 18.53
N ASN D 265 -8.06 31.26 19.04
CA ASN D 265 -8.28 32.65 18.64
C ASN D 265 -7.00 33.43 18.86
N ALA D 266 -7.04 34.72 18.50
CA ALA D 266 -5.92 35.62 18.75
C ALA D 266 -5.81 35.88 20.25
N GLU D 267 -4.78 36.62 20.63
CA GLU D 267 -4.55 36.90 22.04
C GLU D 267 -5.72 37.65 22.66
N PHE D 268 -6.42 37.00 23.58
CA PHE D 268 -7.40 37.68 24.42
C PHE D 268 -6.75 38.42 25.59
N THR D 269 -5.41 38.36 25.68
CA THR D 269 -4.61 39.25 26.53
C THR D 269 -5.10 39.29 27.98
N LYS D 270 -5.11 38.11 28.60
CA LYS D 270 -5.45 38.00 30.00
C LYS D 270 -4.27 37.41 30.77
N ALA D 271 -4.39 37.42 32.11
CA ALA D 271 -3.35 36.84 32.94
C ALA D 271 -3.28 35.33 32.75
N ASN D 272 -4.42 34.65 32.86
CA ASN D 272 -4.53 33.23 32.55
C ASN D 272 -4.76 33.10 31.05
N SER D 273 -3.67 33.03 30.30
CA SER D 273 -3.70 33.14 28.85
C SER D 273 -3.05 31.92 28.21
N ARG D 274 -3.86 30.94 27.82
CA ARG D 274 -3.45 29.92 26.86
C ARG D 274 -4.28 30.15 25.62
N LYS D 275 -3.65 30.67 24.56
CA LYS D 275 -4.40 31.15 23.41
C LYS D 275 -5.14 30.03 22.68
N ALA D 276 -4.64 28.80 22.78
CA ALA D 276 -5.31 27.67 22.12
C ALA D 276 -6.63 27.32 22.81
N PHE D 277 -6.63 27.28 24.14
CA PHE D 277 -7.82 26.85 24.88
C PHE D 277 -8.77 28.01 25.17
N VAL D 278 -9.11 28.77 24.13
CA VAL D 278 -10.09 29.83 24.21
C VAL D 278 -10.85 29.84 22.89
N LEU D 279 -12.17 29.72 22.97
CA LEU D 279 -13.03 29.68 21.79
C LEU D 279 -13.71 31.04 21.64
N GLY D 280 -13.45 31.72 20.53
CA GLY D 280 -14.03 33.04 20.38
C GLY D 280 -13.59 33.72 19.10
N HIS D 281 -14.14 34.91 18.90
CA HIS D 281 -13.96 35.66 17.66
C HIS D 281 -12.58 36.30 17.58
N GLY D 282 -12.26 37.19 18.51
CA GLY D 282 -11.03 37.96 18.43
C GLY D 282 -10.45 38.28 19.77
N SER D 283 -9.81 39.46 19.86
CA SER D 283 -9.02 39.85 21.01
C SER D 283 -9.85 40.67 22.00
N ALA D 284 -9.83 40.25 23.27
CA ALA D 284 -10.49 41.00 24.33
C ALA D 284 -10.04 40.50 25.70
N SER D 285 -9.57 41.40 26.56
CA SER D 285 -9.23 41.00 27.92
C SER D 285 -10.48 40.95 28.81
N ASP D 286 -11.53 40.29 28.32
CA ASP D 286 -12.80 40.20 29.01
C ASP D 286 -13.70 39.17 28.34
N CYS D 287 -14.30 38.30 29.13
CA CYS D 287 -15.34 37.39 28.65
C CYS D 287 -16.68 37.75 29.28
N ASN D 288 -16.94 39.06 29.39
CA ASN D 288 -18.10 39.59 30.08
C ASN D 288 -19.18 40.09 29.11
N GLY D 289 -19.15 39.63 27.86
CA GLY D 289 -20.18 40.01 26.90
C GLY D 289 -20.20 41.47 26.53
N GLY D 290 -19.02 42.10 26.45
CA GLY D 290 -18.94 43.48 26.04
C GLY D 290 -19.02 43.65 24.54
N THR D 291 -18.09 43.00 23.85
CA THR D 291 -18.11 43.06 22.37
C THR D 291 -18.39 41.66 21.84
N SER D 292 -18.20 41.50 20.54
CA SER D 292 -18.44 40.19 19.90
C SER D 292 -17.24 39.29 20.16
N SER D 293 -16.08 39.89 20.45
CA SER D 293 -14.92 39.05 20.82
C SER D 293 -15.04 38.72 22.30
N ALA D 294 -15.72 39.57 23.06
CA ALA D 294 -15.93 39.15 24.43
C ALA D 294 -16.76 37.87 24.54
N ALA D 295 -17.35 37.43 23.43
CA ALA D 295 -17.98 36.12 23.39
C ALA D 295 -16.90 35.06 23.36
N CYS D 296 -16.14 34.98 24.45
CA CYS D 296 -15.04 34.05 24.60
C CYS D 296 -15.35 33.12 25.77
N VAL D 297 -14.81 31.92 25.71
CA VAL D 297 -14.97 30.93 26.78
C VAL D 297 -13.57 30.47 27.14
N ASP D 298 -12.96 31.11 28.14
CA ASP D 298 -11.62 30.75 28.60
C ASP D 298 -11.68 29.47 29.41
N TYR D 299 -10.88 28.48 29.03
CA TYR D 299 -10.77 27.22 29.76
C TYR D 299 -9.46 27.09 30.52
N THR D 300 -8.59 28.10 30.47
CA THR D 300 -7.26 27.97 31.04
C THR D 300 -7.29 27.86 32.56
N ASN D 301 -8.30 28.45 33.21
CA ASN D 301 -8.39 28.39 34.66
C ASN D 301 -8.88 27.03 35.14
N LYS D 302 -9.63 26.30 34.33
CA LYS D 302 -10.16 24.99 34.70
C LYS D 302 -9.30 23.84 34.19
N LEU D 303 -8.80 23.92 32.96
CA LEU D 303 -7.96 22.86 32.39
C LEU D 303 -6.55 22.98 32.95
N ALA D 304 -6.40 22.57 34.21
CA ALA D 304 -5.08 22.57 34.83
C ALA D 304 -4.16 21.56 34.15
N ARG D 305 -4.67 20.37 33.82
CA ARG D 305 -3.86 19.35 33.18
C ARG D 305 -3.43 19.73 31.77
N GLY D 306 -4.13 20.66 31.13
CA GLY D 306 -3.81 21.06 29.78
C GLY D 306 -4.47 20.25 28.69
N THR D 307 -5.51 19.48 29.01
CA THR D 307 -6.24 18.67 28.04
C THR D 307 -7.72 19.00 28.09
N ILE D 308 -8.36 19.03 26.93
CA ILE D 308 -9.81 19.28 26.86
C ILE D 308 -10.61 18.14 27.46
N ASN D 309 -9.99 16.99 27.71
CA ASN D 309 -10.69 15.86 28.32
C ASN D 309 -11.07 16.11 29.77
N ASP D 310 -10.55 17.16 30.40
CA ASP D 310 -10.90 17.52 31.76
C ASP D 310 -12.09 18.47 31.85
N ILE D 311 -12.67 18.85 30.72
CA ILE D 311 -13.89 19.66 30.72
C ILE D 311 -15.05 18.74 31.09
N PRO D 312 -16.07 19.23 31.80
CA PRO D 312 -17.13 18.31 32.27
C PRO D 312 -17.91 17.62 31.15
N TRP D 313 -18.37 18.36 30.15
CA TRP D 313 -19.26 17.75 29.15
C TRP D 313 -18.53 16.74 28.28
N ILE D 314 -17.24 16.94 28.01
CA ILE D 314 -16.46 15.93 27.30
C ILE D 314 -16.35 14.66 28.15
N GLU D 315 -16.15 14.83 29.46
CA GLU D 315 -16.08 13.67 30.34
C GLU D 315 -17.38 12.87 30.28
N GLN D 316 -18.53 13.57 30.30
CA GLN D 316 -19.82 12.88 30.20
C GLN D 316 -20.03 12.30 28.81
N LEU D 317 -19.57 12.99 27.77
CA LEU D 317 -19.64 12.43 26.43
C LEU D 317 -18.83 11.15 26.32
N ARG D 318 -17.64 11.12 26.90
CA ARG D 318 -16.79 9.94 26.81
C ARG D 318 -17.37 8.77 27.60
N THR D 319 -17.91 9.03 28.80
CA THR D 319 -18.43 7.95 29.63
C THR D 319 -19.55 7.21 28.93
N ALA D 320 -20.42 7.94 28.22
CA ALA D 320 -21.53 7.32 27.52
C ALA D 320 -21.05 6.53 26.31
N ALA D 321 -20.13 7.10 25.53
CA ALA D 321 -19.63 6.40 24.35
C ALA D 321 -18.95 5.08 24.72
N ALA D 322 -18.31 5.02 25.89
CA ALA D 322 -17.79 3.75 26.39
C ALA D 322 -18.91 2.77 26.69
N LYS D 323 -19.98 3.25 27.32
CA LYS D 323 -21.13 2.40 27.60
C LYS D 323 -21.77 1.91 26.31
N LEU D 324 -21.89 2.79 25.32
CA LEU D 324 -22.40 2.37 24.02
C LEU D 324 -21.51 1.34 23.35
N ALA D 325 -20.20 1.42 23.57
CA ALA D 325 -19.32 0.38 23.05
C ALA D 325 -19.61 -0.97 23.68
N GLY D 326 -19.89 -0.99 24.98
CA GLY D 326 -20.23 -2.23 25.66
C GLY D 326 -21.61 -2.76 25.31
N VAL D 327 -22.52 -1.88 24.89
CA VAL D 327 -23.84 -2.32 24.46
C VAL D 327 -23.72 -3.19 23.21
N ALA D 328 -22.89 -2.78 22.26
CA ALA D 328 -22.76 -3.53 21.01
C ALA D 328 -22.23 -4.93 21.27
N GLY D 329 -21.26 -5.07 22.18
CA GLY D 329 -20.74 -6.38 22.49
C GLY D 329 -21.78 -7.28 23.14
N THR D 330 -22.55 -6.72 24.09
CA THR D 330 -23.58 -7.52 24.74
C THR D 330 -24.71 -7.85 23.76
N ARG D 331 -24.94 -6.99 22.77
CA ARG D 331 -25.94 -7.31 21.76
C ARG D 331 -25.44 -8.40 20.82
N ALA D 332 -24.14 -8.41 20.53
CA ALA D 332 -23.60 -9.45 19.66
C ALA D 332 -23.72 -10.83 20.28
N GLN D 333 -23.42 -10.94 21.58
CA GLN D 333 -23.57 -12.23 22.25
C GLN D 333 -25.04 -12.58 22.45
N LEU D 334 -25.91 -11.57 22.54
CA LEU D 334 -27.34 -11.83 22.66
C LEU D 334 -27.88 -12.52 21.41
N ASP D 335 -27.56 -11.98 20.23
CA ASP D 335 -28.06 -12.57 19.00
C ASP D 335 -27.45 -13.94 18.74
N GLY D 336 -26.22 -14.17 19.22
CA GLY D 336 -25.65 -15.51 19.16
C GLY D 336 -26.42 -16.51 20.01
N MET D 337 -26.86 -16.07 21.20
CA MET D 337 -27.69 -16.91 22.05
C MET D 337 -29.08 -17.12 21.44
N ARG D 338 -29.59 -16.12 20.71
CA ARG D 338 -30.88 -16.29 20.06
C ARG D 338 -30.83 -17.37 18.98
N GLN D 339 -29.75 -17.41 18.19
CA GLN D 339 -29.64 -18.43 17.15
C GLN D 339 -29.48 -19.82 17.75
N GLU D 340 -28.74 -19.93 18.85
CA GLU D 340 -28.62 -21.23 19.52
C GLU D 340 -29.97 -21.73 20.02
N MET D 341 -30.87 -20.82 20.42
CA MET D 341 -32.18 -21.24 20.89
C MET D 341 -32.94 -22.03 19.82
N ARG D 342 -33.00 -21.49 18.60
CA ARG D 342 -33.71 -22.17 17.53
C ARG D 342 -33.09 -23.53 17.23
N ILE D 343 -31.76 -23.58 17.19
CA ILE D 343 -31.07 -24.84 16.94
C ILE D 343 -31.38 -25.85 18.04
N ILE D 344 -31.48 -25.38 19.29
CA ILE D 344 -31.87 -26.25 20.39
C ILE D 344 -33.26 -26.85 20.12
N GLU D 345 -34.19 -26.01 19.67
CA GLU D 345 -35.54 -26.49 19.40
C GLU D 345 -35.55 -27.56 18.31
N ASP D 346 -34.93 -27.26 17.16
CA ASP D 346 -34.94 -28.22 16.06
C ASP D 346 -34.28 -29.53 16.47
N GLN D 347 -33.24 -29.45 17.30
CA GLN D 347 -32.58 -30.65 17.78
C GLN D 347 -33.53 -31.53 18.59
N ALA D 348 -34.52 -30.91 19.27
CA ALA D 348 -35.44 -31.68 20.10
C ALA D 348 -36.27 -32.65 19.27
N TRP D 349 -36.77 -32.19 18.11
CA TRP D 349 -37.50 -33.10 17.23
C TRP D 349 -36.62 -34.27 16.81
N GLN D 350 -35.36 -33.98 16.47
CA GLN D 350 -34.43 -35.04 16.13
C GLN D 350 -34.27 -36.03 17.29
N ALA D 351 -34.19 -35.51 18.52
CA ALA D 351 -34.16 -36.37 19.70
C ALA D 351 -35.53 -36.97 20.00
N PHE D 352 -36.62 -36.23 19.73
CA PHE D 352 -37.96 -36.78 19.93
C PHE D 352 -38.19 -38.01 19.06
N ALA D 353 -37.67 -38.00 17.83
CA ALA D 353 -37.85 -39.13 16.93
C ALA D 353 -37.26 -40.42 17.50
N LEU D 354 -36.32 -40.32 18.44
CA LEU D 354 -35.71 -41.51 19.04
C LEU D 354 -36.77 -42.47 19.56
N ALA D 355 -37.83 -41.93 20.17
CA ALA D 355 -38.88 -42.78 20.71
C ALA D 355 -39.68 -43.38 19.57
N THR D 356 -39.20 -44.50 19.04
CA THR D 356 -39.79 -45.11 17.86
C THR D 356 -39.38 -46.59 17.77
N ALA E 21 3.37 34.59 24.97
CA ALA E 21 2.65 34.48 23.71
C ALA E 21 2.60 33.03 23.24
N TYR E 22 1.52 32.35 23.57
CA TYR E 22 1.38 30.93 23.26
C TYR E 22 1.06 30.72 21.79
N GLU E 23 1.87 31.25 20.87
CA GLU E 23 1.67 30.94 19.46
C GLU E 23 2.11 29.50 19.19
N ASN E 24 1.69 28.98 18.04
CA ASN E 24 1.95 27.59 17.67
C ASN E 24 1.42 26.62 18.72
N ALA E 25 0.27 26.97 19.31
CA ALA E 25 -0.36 26.14 20.32
C ALA E 25 -1.47 25.28 19.76
N LYS E 26 -2.29 25.82 18.85
CA LYS E 26 -3.29 25.00 18.19
C LYS E 26 -2.64 23.94 17.31
N GLN E 27 -1.37 24.12 16.97
CA GLN E 27 -0.64 23.10 16.22
C GLN E 27 -0.08 22.02 17.14
N TYR E 28 0.42 22.41 18.31
CA TYR E 28 0.94 21.43 19.26
C TYR E 28 -0.16 20.47 19.71
N GLU E 29 -1.33 21.00 20.06
CA GLU E 29 -2.41 20.16 20.56
C GLU E 29 -2.90 19.19 19.50
N ALA E 30 -2.80 19.57 18.22
CA ALA E 30 -3.13 18.64 17.15
C ALA E 30 -2.11 17.50 17.11
N LEU E 31 -0.83 17.86 17.11
CA LEU E 31 0.20 16.84 17.08
C LEU E 31 0.27 16.08 18.41
N CYS E 32 -0.03 16.74 19.51
CA CYS E 32 -0.02 16.04 20.80
C CYS E 32 -1.07 14.94 20.82
N GLY E 33 -2.23 15.20 20.23
CA GLY E 33 -3.25 14.16 20.15
C GLY E 33 -2.75 12.96 19.38
N ALA E 34 -2.10 13.20 18.24
CA ALA E 34 -1.55 12.09 17.47
C ALA E 34 -0.43 11.39 18.23
N TYR E 35 0.30 12.11 19.09
CA TYR E 35 1.28 11.46 19.96
C TYR E 35 0.59 10.52 20.93
N ALA E 36 -0.54 10.95 21.51
CA ALA E 36 -1.25 10.13 22.49
C ALA E 36 -1.86 8.89 21.84
N ILE E 37 -2.36 9.02 20.61
CA ILE E 37 -2.88 7.84 19.91
C ILE E 37 -1.76 6.82 19.66
N THR E 38 -0.51 7.29 19.51
CA THR E 38 0.64 6.41 19.35
C THR E 38 1.21 5.89 20.66
N LYS E 39 0.99 6.61 21.77
CA LYS E 39 1.39 6.12 23.08
C LYS E 39 0.28 5.33 23.78
N GLN E 40 -0.87 5.17 23.13
CA GLN E 40 -1.92 4.29 23.61
C GLN E 40 -1.62 2.86 23.19
N ALA E 41 -2.09 1.91 23.99
CA ALA E 41 -1.69 0.51 23.87
C ALA E 41 -2.81 -0.32 23.25
N ILE E 42 -2.46 -1.12 22.24
CA ILE E 42 -3.40 -2.08 21.64
C ILE E 42 -3.19 -3.40 22.36
N SER E 43 -4.01 -3.67 23.36
CA SER E 43 -3.91 -4.92 24.08
C SER E 43 -4.49 -6.05 23.23
N ASP E 44 -3.70 -7.09 23.00
CA ASP E 44 -4.21 -8.28 22.30
C ASP E 44 -5.24 -9.03 23.13
N ALA E 45 -5.35 -8.72 24.43
CA ALA E 45 -6.33 -9.37 25.29
C ALA E 45 -7.73 -8.86 25.03
N GLU E 46 -7.88 -7.61 24.58
CA GLU E 46 -9.20 -7.11 24.23
C GLU E 46 -9.78 -7.91 23.07
N TYR E 47 -8.95 -8.30 22.12
CA TYR E 47 -9.31 -9.26 21.11
C TYR E 47 -9.07 -10.67 21.63
N ILE E 48 -9.57 -11.67 20.90
CA ILE E 48 -9.59 -13.08 21.30
C ILE E 48 -9.85 -13.19 22.79
N GLY E 49 -10.85 -12.45 23.27
CA GLY E 49 -11.09 -12.21 24.68
C GLY E 49 -10.84 -13.37 25.64
N ASP E 50 -11.26 -14.57 25.25
CA ASP E 50 -11.05 -15.77 26.06
C ASP E 50 -10.56 -16.90 25.15
N THR E 51 -9.84 -17.84 25.75
CA THR E 51 -9.35 -19.03 25.07
C THR E 51 -9.88 -20.28 25.76
N THR E 52 -10.99 -20.15 26.47
CA THR E 52 -11.51 -21.29 27.22
C THR E 52 -12.24 -22.26 26.29
N GLY E 53 -13.33 -21.81 25.68
CA GLY E 53 -14.11 -22.63 24.76
C GLY E 53 -13.70 -22.56 23.31
N ASP E 54 -12.72 -21.72 22.99
CA ASP E 54 -12.22 -21.69 21.61
C ASP E 54 -11.63 -23.01 21.15
N PRO E 55 -10.81 -23.72 21.91
CA PRO E 55 -10.29 -25.01 21.44
C PRO E 55 -11.41 -26.00 21.21
N ARG E 56 -11.04 -27.17 20.68
CA ARG E 56 -12.01 -28.23 20.43
C ARG E 56 -12.58 -28.73 21.76
N PRO E 57 -13.91 -28.80 21.89
CA PRO E 57 -14.50 -29.14 23.19
C PRO E 57 -14.03 -30.50 23.69
N LYS E 58 -13.80 -30.57 25.01
CA LYS E 58 -13.33 -31.81 25.62
C LYS E 58 -14.44 -32.85 25.67
N GLU E 59 -15.69 -32.42 25.88
CA GLU E 59 -16.78 -33.38 26.01
C GLU E 59 -17.00 -34.18 24.73
N VAL E 60 -16.77 -33.56 23.57
CA VAL E 60 -16.94 -34.28 22.31
C VAL E 60 -15.88 -35.35 22.15
N GLU E 61 -14.62 -35.00 22.42
CA GLU E 61 -13.54 -35.98 22.27
C GLU E 61 -13.64 -37.08 23.33
N ASP E 62 -14.04 -36.72 24.55
CA ASP E 62 -14.23 -37.73 25.58
C ASP E 62 -15.34 -38.71 25.19
N LEU E 63 -16.46 -38.19 24.68
CA LEU E 63 -17.56 -39.06 24.29
C LEU E 63 -17.21 -39.89 23.07
N TYR E 64 -16.26 -39.42 22.24
CA TYR E 64 -15.81 -40.19 21.09
C TYR E 64 -15.01 -41.43 21.50
N ILE E 65 -14.47 -41.45 22.71
CA ILE E 65 -13.76 -42.63 23.19
C ILE E 65 -14.71 -43.60 23.92
N MET E 66 -15.75 -43.09 24.56
CA MET E 66 -16.74 -43.96 25.17
C MET E 66 -17.50 -44.77 24.12
N THR E 67 -17.59 -44.25 22.90
CA THR E 67 -18.17 -44.98 21.78
C THR E 67 -17.12 -45.65 20.90
N LEU E 68 -15.88 -45.70 21.36
CA LEU E 68 -14.86 -46.50 20.68
C LEU E 68 -15.26 -47.98 20.71
N SER E 69 -15.04 -48.66 19.59
CA SER E 69 -15.36 -50.07 19.52
C SER E 69 -14.50 -50.86 20.51
N ASP E 70 -15.07 -51.94 21.04
CA ASP E 70 -14.37 -52.72 22.05
C ASP E 70 -13.04 -53.25 21.52
N GLU E 71 -12.97 -53.58 20.24
CA GLU E 71 -11.70 -54.02 19.66
C GLU E 71 -10.70 -52.87 19.63
N ASP E 72 -11.18 -51.65 19.38
CA ASP E 72 -10.30 -50.47 19.42
C ASP E 72 -10.12 -49.91 20.83
N TYR E 73 -10.88 -50.40 21.81
CA TYR E 73 -10.68 -50.00 23.19
C TYR E 73 -9.53 -50.81 23.79
N ASN E 74 -8.42 -50.92 23.06
CA ASN E 74 -7.30 -51.74 23.48
C ASN E 74 -5.95 -51.05 23.37
N ASN E 75 -5.72 -50.26 22.33
CA ASN E 75 -4.38 -49.74 22.05
C ASN E 75 -4.49 -48.36 21.42
N LYS E 76 -3.39 -47.90 20.82
CA LYS E 76 -3.30 -46.55 20.27
C LYS E 76 -2.18 -46.55 19.24
N THR E 77 -2.54 -46.36 17.97
CA THR E 77 -1.54 -46.36 16.89
C THR E 77 -0.59 -45.18 17.01
N LEU E 87 -2.84 -43.82 27.36
CA LEU E 87 -4.04 -44.49 26.83
C LEU E 87 -5.10 -44.64 27.92
N GLU E 88 -4.87 -45.59 28.84
CA GLU E 88 -5.75 -45.73 29.99
C GLU E 88 -5.68 -44.51 30.90
N LYS E 89 -4.64 -43.68 30.75
CA LYS E 89 -4.59 -42.41 31.47
C LYS E 89 -5.70 -41.46 31.05
N ARG E 90 -6.25 -41.62 29.85
CA ARG E 90 -7.40 -40.85 29.40
C ARG E 90 -8.72 -41.50 29.79
N LYS E 91 -8.77 -42.83 29.81
CA LYS E 91 -9.98 -43.57 30.15
C LYS E 91 -10.12 -43.81 31.65
N SER E 92 -9.30 -43.17 32.48
CA SER E 92 -9.32 -43.40 33.92
C SER E 92 -10.25 -42.42 34.64
N ASP E 93 -10.03 -41.12 34.47
CA ASP E 93 -10.87 -40.13 35.14
C ASP E 93 -12.32 -40.22 34.68
N ILE E 94 -12.53 -40.37 33.38
CA ILE E 94 -13.85 -40.61 32.83
C ILE E 94 -14.05 -42.11 32.73
N LEU E 95 -15.15 -42.61 33.29
CA LEU E 95 -15.45 -44.05 33.35
C LEU E 95 -14.32 -44.80 34.07
N ALA E 110 -22.40 -52.35 24.45
CA ALA E 110 -21.19 -53.03 23.99
C ALA E 110 -21.05 -52.94 22.48
N ASN E 111 -20.16 -53.77 21.91
CA ASN E 111 -19.88 -53.74 20.49
C ASN E 111 -21.12 -54.24 19.73
N SER E 112 -21.80 -53.33 19.05
CA SER E 112 -23.01 -53.64 18.30
C SER E 112 -23.20 -52.55 17.25
N GLU E 113 -24.40 -52.52 16.65
CA GLU E 113 -24.73 -51.42 15.75
C GLU E 113 -24.87 -50.12 16.51
N ALA E 114 -25.23 -50.17 17.79
CA ALA E 114 -25.33 -48.96 18.60
C ALA E 114 -23.98 -48.30 18.78
N ARG E 115 -22.94 -49.10 19.03
CA ARG E 115 -21.59 -48.55 19.15
C ARG E 115 -21.14 -47.90 17.84
N ALA E 116 -21.42 -48.55 16.71
CA ALA E 116 -20.95 -48.03 15.43
C ALA E 116 -21.75 -46.80 15.01
N ALA E 117 -23.07 -46.80 15.23
CA ALA E 117 -23.90 -45.68 14.80
C ALA E 117 -23.54 -44.39 15.54
N ALA E 118 -23.34 -44.48 16.85
CA ALA E 118 -22.92 -43.30 17.61
C ALA E 118 -21.50 -42.89 17.25
N HIS E 119 -20.62 -43.86 17.01
CA HIS E 119 -19.23 -43.55 16.65
C HIS E 119 -19.15 -42.76 15.35
N VAL E 120 -19.88 -43.21 14.33
CA VAL E 120 -19.80 -42.59 13.02
C VAL E 120 -20.34 -41.15 13.07
N ALA E 121 -21.45 -40.95 13.75
CA ALA E 121 -22.01 -39.60 13.88
C ALA E 121 -21.07 -38.68 14.66
N ILE E 122 -20.50 -39.17 15.75
CA ILE E 122 -19.56 -38.37 16.52
C ILE E 122 -18.26 -38.16 15.75
N LYS E 123 -17.83 -39.15 14.95
CA LYS E 123 -16.60 -39.00 14.20
C LYS E 123 -16.65 -37.80 13.28
N ARG E 124 -17.79 -37.55 12.63
CA ARG E 124 -17.93 -36.37 11.80
C ARG E 124 -17.76 -35.10 12.62
N LEU E 125 -18.40 -35.05 13.78
CA LEU E 125 -18.27 -33.88 14.64
C LEU E 125 -16.87 -33.77 15.22
N PHE E 126 -16.26 -34.91 15.58
CA PHE E 126 -14.88 -34.90 16.02
C PHE E 126 -13.96 -34.38 14.92
N TYR E 127 -14.19 -34.81 13.67
CA TYR E 127 -13.44 -34.26 12.55
C TYR E 127 -13.71 -32.77 12.39
N LYS E 128 -14.99 -32.39 12.37
CA LYS E 128 -15.35 -30.99 12.10
C LYS E 128 -14.76 -30.07 13.15
N ALA E 129 -14.92 -30.42 14.43
CA ALA E 129 -14.32 -29.61 15.48
C ALA E 129 -12.81 -29.66 15.43
N GLY E 130 -12.24 -30.74 14.88
CA GLY E 130 -10.80 -30.81 14.74
C GLY E 130 -10.25 -29.75 13.80
N ASN E 131 -10.88 -29.60 12.63
CA ASN E 131 -10.49 -28.54 11.72
C ASN E 131 -11.00 -27.18 12.19
N LEU E 132 -12.12 -27.16 12.92
CA LEU E 132 -12.63 -25.90 13.44
C LEU E 132 -11.64 -25.27 14.43
N SER E 133 -11.15 -26.07 15.38
CA SER E 133 -10.17 -25.54 16.33
C SER E 133 -8.89 -25.12 15.63
N ALA E 134 -8.47 -25.88 14.62
CA ALA E 134 -7.28 -25.51 13.87
C ALA E 134 -7.47 -24.19 13.13
N ASN E 135 -8.64 -23.99 12.51
CA ASN E 135 -8.90 -22.71 11.86
C ASN E 135 -9.12 -21.60 12.88
N ILE E 136 -9.63 -21.94 14.07
CA ILE E 136 -9.66 -20.97 15.16
C ILE E 136 -8.24 -20.62 15.58
N ALA E 137 -7.36 -21.62 15.67
CA ALA E 137 -5.98 -21.35 16.05
C ALA E 137 -5.29 -20.41 15.06
N ALA E 138 -5.61 -20.52 13.77
CA ALA E 138 -5.05 -19.59 12.79
C ALA E 138 -5.69 -18.21 12.90
N ALA E 139 -6.97 -18.15 13.26
CA ALA E 139 -7.64 -16.85 13.37
C ALA E 139 -7.02 -15.98 14.46
N ILE E 140 -6.71 -16.56 15.62
CA ILE E 140 -6.07 -15.78 16.67
C ILE E 140 -4.68 -15.33 16.25
N SER E 141 -3.97 -16.16 15.47
CA SER E 141 -2.66 -15.75 14.98
C SER E 141 -2.77 -14.54 14.07
N SER E 142 -3.81 -14.49 13.24
CA SER E 142 -4.03 -13.32 12.39
C SER E 142 -4.27 -12.07 13.22
N ILE E 143 -5.07 -12.19 14.29
CA ILE E 143 -5.29 -11.06 15.19
C ILE E 143 -3.99 -10.66 15.86
N LYS E 144 -3.22 -11.65 16.35
CA LYS E 144 -1.95 -11.35 17.00
C LYS E 144 -1.00 -10.61 16.06
N ALA E 145 -0.95 -11.03 14.79
CA ALA E 145 -0.06 -10.37 13.84
C ALA E 145 -0.60 -9.00 13.45
N ASP E 146 -1.90 -8.89 13.19
CA ASP E 146 -2.45 -7.62 12.76
C ASP E 146 -2.36 -6.57 13.85
N THR E 147 -2.60 -6.95 15.12
CA THR E 147 -2.41 -6.01 16.20
C THR E 147 -0.95 -5.62 16.33
N ARG E 148 -0.02 -6.58 16.20
CA ARG E 148 1.40 -6.25 16.25
C ARG E 148 1.79 -5.34 15.09
N SER E 149 1.31 -5.65 13.89
CA SER E 149 1.59 -4.78 12.75
C SER E 149 1.00 -3.40 12.94
N ALA E 150 -0.22 -3.34 13.47
CA ALA E 150 -0.81 -2.03 13.80
C ALA E 150 -0.02 -1.36 14.91
N GLY E 151 0.37 -2.11 15.94
CA GLY E 151 1.17 -1.53 17.01
C GLY E 151 2.49 -0.99 16.52
N GLU E 152 3.16 -1.74 15.63
CA GLU E 152 4.41 -1.26 15.05
C GLU E 152 4.19 0.07 14.33
N ALA E 153 3.12 0.17 13.56
CA ALA E 153 2.86 1.39 12.80
C ALA E 153 2.69 2.60 13.71
N LEU E 154 1.96 2.45 14.82
CA LEU E 154 1.80 3.56 15.75
C LEU E 154 3.14 4.02 16.29
N ASN E 155 3.94 3.07 16.79
CA ASN E 155 5.25 3.45 17.28
C ASN E 155 6.13 3.96 16.14
N ARG E 156 5.98 3.38 14.95
CA ARG E 156 6.69 3.90 13.78
C ARG E 156 6.15 5.27 13.32
N ALA E 157 5.25 5.89 14.08
CA ALA E 157 4.84 7.27 13.85
C ALA E 157 5.35 8.23 14.93
N ARG E 158 5.30 7.82 16.19
CA ARG E 158 5.96 8.61 17.23
C ARG E 158 7.45 8.71 16.94
N CYS E 159 8.05 7.59 16.52
CA CYS E 159 9.44 7.52 16.12
C CYS E 159 9.54 6.90 14.73
N GLY E 160 10.73 6.50 14.34
CA GLY E 160 10.88 5.84 13.07
C GLY E 160 11.02 4.34 13.21
N GLN E 161 11.19 3.85 14.43
CA GLN E 161 11.33 2.42 14.69
C GLN E 161 10.02 1.86 15.22
N ALA E 162 9.94 0.54 15.27
CA ALA E 162 8.75 -0.13 15.76
C ALA E 162 8.79 -0.41 17.26
N ASP E 163 9.86 -0.01 17.95
CA ASP E 163 10.02 -0.32 19.38
C ASP E 163 9.69 0.88 20.28
N CYS E 164 10.39 2.00 20.09
CA CYS E 164 10.06 3.28 20.72
C CYS E 164 9.96 3.17 22.23
N LYS E 165 11.11 2.87 22.84
CA LYS E 165 11.19 2.76 24.30
C LYS E 165 11.76 4.00 24.96
N ALA E 166 12.76 4.63 24.34
CA ALA E 166 13.34 5.87 24.84
C ALA E 166 14.01 6.60 23.67
N PRO E 167 14.20 7.91 23.78
CA PRO E 167 14.90 8.61 22.69
C PRO E 167 16.36 8.18 22.64
N ASP E 168 16.67 7.29 21.70
CA ASP E 168 17.97 6.62 21.69
C ASP E 168 18.77 6.87 20.42
N GLN E 169 18.23 6.54 19.25
CA GLN E 169 18.89 6.84 17.99
C GLN E 169 18.42 8.16 17.42
N LYS E 170 17.95 9.07 18.27
CA LYS E 170 17.63 10.44 17.87
C LYS E 170 16.70 10.43 16.66
N TRP E 171 15.46 10.02 16.90
CA TRP E 171 14.47 9.91 15.84
C TRP E 171 14.06 11.29 15.34
N PHE E 172 14.83 12.32 15.70
CA PHE E 172 14.80 13.65 15.11
C PHE E 172 15.91 13.78 14.05
N GLU E 173 15.89 14.90 13.33
CA GLU E 173 16.85 15.14 12.27
C GLU E 173 17.27 16.61 12.31
N THR E 174 18.36 16.92 11.60
CA THR E 174 18.84 18.29 11.54
C THR E 174 17.74 19.22 11.05
N ARG E 175 17.66 20.39 11.69
CA ARG E 175 16.61 21.37 11.48
C ARG E 175 16.21 21.55 10.01
N SER E 176 17.17 21.92 9.16
CA SER E 176 16.86 22.22 7.77
C SER E 176 16.33 21.01 7.02
N LYS E 177 16.73 19.80 7.43
CA LYS E 177 16.35 18.61 6.69
C LYS E 177 15.01 18.02 7.15
N ALA E 178 14.60 18.27 8.39
CA ALA E 178 13.35 17.76 8.93
C ALA E 178 12.31 18.84 9.22
N CYS E 179 12.72 20.11 9.28
CA CYS E 179 11.80 21.21 9.56
C CYS E 179 11.66 22.17 8.41
N SER E 180 12.58 22.15 7.45
CA SER E 180 12.46 22.98 6.26
C SER E 180 12.68 22.21 4.96
N GLY E 181 13.24 21.00 5.03
CA GLY E 181 13.39 20.16 3.85
C GLY E 181 14.31 20.74 2.81
N THR E 182 15.58 20.94 3.17
CA THR E 182 16.53 21.48 2.23
C THR E 182 17.09 20.40 1.31
N GLY E 183 17.85 19.45 1.86
CA GLY E 183 18.42 18.43 1.01
C GLY E 183 17.87 17.03 1.17
N GLU E 184 17.62 16.60 2.40
CA GLU E 184 17.16 15.23 2.64
C GLU E 184 15.64 15.11 2.60
N GLN E 185 14.93 16.19 2.88
CA GLN E 185 13.47 16.21 2.91
C GLN E 185 12.94 15.21 3.94
N LYS E 186 13.43 15.34 5.17
CA LYS E 186 12.97 14.53 6.30
C LYS E 186 11.76 15.15 6.99
N GLN E 187 11.12 16.15 6.36
CA GLN E 187 9.92 16.76 6.90
C GLN E 187 8.80 15.73 7.04
N GLY E 188 8.25 15.60 8.24
CA GLY E 188 7.23 14.61 8.52
C GLY E 188 7.76 13.26 8.93
N MET E 189 9.07 13.12 9.14
CA MET E 189 9.67 11.86 9.56
C MET E 189 8.93 11.26 10.75
N THR E 190 8.92 11.97 11.87
CA THR E 190 8.26 11.52 13.09
C THR E 190 7.45 12.68 13.67
N ILE E 191 6.33 12.33 14.32
CA ILE E 191 5.57 13.35 15.06
C ILE E 191 6.47 14.07 16.03
N ALA E 192 7.43 13.34 16.60
CA ALA E 192 8.38 13.95 17.53
C ALA E 192 9.21 15.04 16.84
N SER E 193 9.74 14.76 15.65
CA SER E 193 10.55 15.76 14.94
C SER E 193 9.70 16.98 14.60
N ASP E 194 8.49 16.75 14.06
CA ASP E 194 7.61 17.86 13.73
C ASP E 194 7.20 18.65 14.97
N ILE E 195 7.01 17.96 16.10
CA ILE E 195 6.81 18.66 17.36
C ILE E 195 8.05 19.45 17.73
N SER E 196 9.23 18.83 17.59
CA SER E 196 10.48 19.49 17.97
C SER E 196 10.72 20.74 17.13
N CYS E 197 10.44 20.68 15.83
CA CYS E 197 10.61 21.84 14.98
C CYS E 197 9.63 22.95 15.31
N LEU E 198 8.51 22.61 15.95
CA LEU E 198 7.47 23.57 16.29
C LEU E 198 7.53 24.02 17.74
N CYS E 199 8.02 23.17 18.64
CA CYS E 199 8.09 23.47 20.06
C CYS E 199 9.50 23.76 20.54
N SER E 200 10.42 24.10 19.62
CA SER E 200 11.79 24.45 20.02
C SER E 200 12.33 25.47 19.03
N ALA E 201 12.75 26.62 19.55
CA ALA E 201 13.34 27.68 18.71
C ALA E 201 13.95 28.72 19.65
N ALA E 202 14.69 29.69 19.11
CA ALA E 202 15.38 30.67 19.98
C ALA E 202 14.36 31.59 20.65
N THR E 203 14.09 32.75 20.05
CA THR E 203 13.04 33.64 20.62
C THR E 203 11.79 32.80 20.87
N GLY E 204 11.58 32.39 22.13
CA GLY E 204 10.41 31.56 22.45
C GLY E 204 9.64 32.04 23.65
N GLU E 205 8.32 31.90 23.62
CA GLU E 205 7.45 32.33 24.73
C GLU E 205 6.37 31.27 24.91
N THR E 206 6.67 30.14 25.54
CA THR E 206 5.69 29.03 25.67
C THR E 206 5.01 28.84 24.31
N LEU E 207 5.73 28.36 23.30
CA LEU E 207 5.19 28.26 21.92
C LEU E 207 4.51 26.90 21.69
N CYS E 208 4.33 26.11 22.74
CA CYS E 208 3.59 24.83 22.59
C CYS E 208 2.89 24.59 23.93
N SER E 209 3.65 24.29 24.99
CA SER E 209 3.07 24.19 26.32
C SER E 209 4.15 24.13 27.39
N ALA E 210 4.20 25.15 28.26
CA ALA E 210 5.14 25.18 29.40
C ALA E 210 6.60 25.11 28.99
N ALA E 211 7.49 25.34 29.97
CA ALA E 211 8.94 25.30 29.77
C ALA E 211 9.38 26.10 28.54
N ALA E 212 8.72 27.25 28.35
CA ALA E 212 8.96 28.17 27.21
C ALA E 212 8.99 27.34 25.93
N THR E 213 10.01 27.47 25.09
CA THR E 213 10.11 26.69 23.86
C THR E 213 11.33 25.78 23.89
N GLY E 214 12.53 26.35 23.84
CA GLY E 214 13.71 25.47 23.74
C GLY E 214 14.90 26.17 23.11
N GLY E 215 15.93 26.46 23.91
CA GLY E 215 17.12 27.19 23.42
C GLY E 215 18.06 26.30 22.65
N THR E 216 17.86 24.99 22.69
CA THR E 216 18.67 24.09 21.84
C THR E 216 17.96 24.03 20.48
N TYR E 217 18.18 22.97 19.70
CA TYR E 217 17.54 22.85 18.37
C TYR E 217 17.26 24.25 17.81
N ARG E 218 18.27 25.12 17.80
CA ARG E 218 18.10 26.47 17.19
C ARG E 218 19.10 26.59 16.05
N GLY E 219 18.60 26.70 14.83
CA GLY E 219 19.49 26.88 13.68
C GLY E 219 19.31 25.78 12.65
N GLY E 220 19.26 26.16 11.38
CA GLY E 220 19.14 25.16 10.31
C GLY E 220 20.27 24.17 10.38
N GLU E 221 21.20 24.39 11.30
CA GLU E 221 22.29 23.39 11.46
C GLU E 221 22.19 22.86 12.89
N GLY E 222 20.97 22.79 13.43
CA GLY E 222 20.76 22.24 14.77
C GLY E 222 20.89 20.74 14.73
N THR E 223 21.40 20.14 15.82
CA THR E 223 21.66 18.68 15.81
C THR E 223 20.44 17.94 16.34
N ALA E 224 20.19 16.73 15.84
CA ALA E 224 19.10 15.97 16.42
C ALA E 224 19.28 15.82 17.93
N ALA E 225 20.52 15.70 18.38
CA ALA E 225 20.77 15.68 19.82
C ALA E 225 20.25 16.94 20.51
N ASN E 226 20.36 18.09 19.82
CA ASN E 226 19.76 19.31 20.35
C ASN E 226 18.25 19.18 20.48
N ALA E 227 17.61 18.46 19.56
CA ALA E 227 16.19 18.16 19.72
C ALA E 227 15.96 17.18 20.87
N GLN E 228 16.85 16.19 21.01
CA GLN E 228 16.70 15.22 22.09
C GLN E 228 16.82 15.88 23.45
N THR E 229 17.60 16.95 23.55
CA THR E 229 17.62 17.71 24.79
C THR E 229 16.26 18.37 25.04
N ASP E 230 15.62 18.85 23.98
CA ASP E 230 14.34 19.56 24.09
C ASP E 230 13.15 18.71 23.69
N TRP E 231 13.34 17.40 23.49
CA TRP E 231 12.20 16.51 23.31
C TRP E 231 11.35 16.45 24.56
N SER E 232 11.97 16.21 25.70
CA SER E 232 11.27 16.37 26.96
C SER E 232 11.15 17.86 27.28
N THR E 233 10.41 18.17 28.34
CA THR E 233 10.09 19.53 28.79
C THR E 233 9.21 20.24 27.77
N THR E 234 8.97 19.61 26.63
CA THR E 234 7.98 20.07 25.67
C THR E 234 6.93 19.01 25.37
N ILE E 235 7.25 17.74 25.58
CA ILE E 235 6.29 16.65 25.44
C ILE E 235 5.80 16.14 26.78
N ALA E 236 6.34 16.66 27.88
CA ALA E 236 6.02 16.12 29.19
C ALA E 236 4.52 16.26 29.51
N ASP E 237 3.89 17.34 29.04
CA ASP E 237 2.45 17.49 29.24
C ASP E 237 1.66 16.50 28.40
N CYS E 238 2.13 16.20 27.19
CA CYS E 238 1.43 15.26 26.32
C CYS E 238 1.31 13.89 26.97
N ASP E 239 2.38 13.40 27.60
CA ASP E 239 2.34 12.10 28.27
C ASP E 239 1.38 12.12 29.45
N ARG E 240 1.31 13.23 30.17
CA ARG E 240 0.34 13.34 31.26
C ARG E 240 -1.08 13.22 30.74
N ASN E 241 -1.38 13.85 29.61
CA ASN E 241 -2.72 13.87 29.05
C ASN E 241 -3.01 12.67 28.16
N VAL E 242 -2.30 11.56 28.35
CA VAL E 242 -2.56 10.34 27.59
C VAL E 242 -3.64 9.56 28.31
N GLU E 243 -4.75 9.29 27.61
CA GLU E 243 -5.84 8.47 28.14
C GLU E 243 -5.68 7.07 27.56
N GLY E 244 -5.11 6.16 28.33
CA GLY E 244 -4.76 4.86 27.81
C GLY E 244 -5.94 3.94 27.60
N LYS E 245 -6.83 4.28 26.68
CA LYS E 245 -7.99 3.43 26.43
C LYS E 245 -7.62 2.29 25.49
N ALA E 246 -7.46 2.62 24.20
CA ALA E 246 -6.98 1.78 23.11
C ALA E 246 -7.04 2.63 21.85
N PRO E 247 -6.20 2.38 20.86
CA PRO E 247 -6.39 3.05 19.57
C PRO E 247 -7.72 2.63 18.95
N SER E 248 -8.31 3.56 18.19
CA SER E 248 -9.56 3.35 17.49
C SER E 248 -9.43 3.79 16.03
N PRO E 249 -10.01 3.05 15.09
CA PRO E 249 -9.94 3.49 13.69
C PRO E 249 -10.57 4.85 13.46
N ALA E 250 -11.59 5.20 14.25
CA ALA E 250 -12.14 6.55 14.19
C ALA E 250 -11.24 7.56 14.90
N ALA E 251 -10.57 7.15 15.98
CA ALA E 251 -9.68 8.05 16.68
C ALA E 251 -8.49 8.44 15.82
N ILE E 252 -7.97 7.51 15.02
CA ILE E 252 -6.87 7.83 14.12
C ILE E 252 -7.29 8.91 13.14
N GLU E 253 -8.45 8.73 12.51
CA GLU E 253 -8.92 9.73 11.55
C GLU E 253 -9.32 11.02 12.25
N ALA E 254 -9.73 10.95 13.52
CA ALA E 254 -10.08 12.15 14.26
C ALA E 254 -8.86 13.04 14.49
N ALA E 255 -7.74 12.43 14.90
CA ALA E 255 -6.52 13.21 15.09
C ALA E 255 -5.99 13.74 13.77
N ILE E 256 -6.23 13.03 12.66
CA ILE E 256 -5.84 13.53 11.35
C ILE E 256 -6.57 14.82 11.03
N ALA E 257 -7.88 14.87 11.29
CA ALA E 257 -8.65 16.07 11.00
C ALA E 257 -8.16 17.26 11.83
N VAL E 258 -7.85 17.03 13.11
CA VAL E 258 -7.34 18.11 13.95
C VAL E 258 -5.94 18.54 13.47
N PHE E 259 -5.18 17.63 12.87
CA PHE E 259 -3.91 18.02 12.26
C PHE E 259 -4.14 19.03 11.14
N ARG E 260 -5.16 18.81 10.32
CA ARG E 260 -5.61 19.83 9.39
C ARG E 260 -6.39 20.91 10.16
N ALA E 261 -6.95 21.87 9.42
CA ALA E 261 -7.57 23.06 10.00
C ALA E 261 -6.63 23.82 10.93
N ALA E 262 -5.35 23.42 10.97
CA ALA E 262 -4.29 24.11 11.69
C ALA E 262 -3.07 24.36 10.81
N LEU E 263 -3.04 23.73 9.63
CA LEU E 263 -1.92 23.98 8.68
C LEU E 263 -2.07 25.41 8.16
N GLY E 264 -1.41 26.37 8.79
CA GLY E 264 -1.62 27.78 8.41
C GLY E 264 -0.37 28.54 7.99
N ASN E 265 0.26 29.28 8.92
CA ASN E 265 1.40 30.16 8.58
C ASN E 265 0.89 31.21 7.60
N ALA E 266 0.68 30.86 6.33
CA ALA E 266 0.07 31.78 5.35
C ALA E 266 0.99 32.96 5.00
N GLU E 267 2.00 33.23 5.83
CA GLU E 267 2.88 34.41 5.61
C GLU E 267 4.18 34.22 6.39
N THR E 269 7.50 34.65 3.16
CA THR E 269 7.07 34.30 1.80
C THR E 269 7.58 32.89 1.48
N LYS E 270 8.79 32.59 1.91
CA LYS E 270 9.39 31.28 1.67
C LYS E 270 9.32 30.90 0.18
N ALA E 271 9.49 31.90 -0.68
CA ALA E 271 9.55 31.74 -2.13
C ALA E 271 8.37 30.88 -2.58
N ASN E 272 8.58 29.82 -3.35
CA ASN E 272 7.49 28.97 -3.85
C ASN E 272 7.11 27.93 -2.79
N SER E 273 6.55 28.45 -1.69
CA SER E 273 6.03 27.60 -0.63
C SER E 273 4.51 27.58 -0.72
N ARG E 274 3.94 26.38 -0.76
CA ARG E 274 2.49 26.26 -0.72
C ARG E 274 2.04 26.61 0.69
N LYS E 275 1.72 27.89 0.92
CA LYS E 275 1.46 28.45 2.24
C LYS E 275 0.55 27.56 3.09
N ALA E 276 -0.42 26.90 2.44
CA ALA E 276 -1.36 26.05 3.17
C ALA E 276 -0.68 24.86 3.84
N PHE E 277 0.50 24.48 3.36
CA PHE E 277 1.18 23.27 3.89
C PHE E 277 2.33 23.64 4.84
N VAL E 278 2.11 24.64 5.70
CA VAL E 278 3.13 25.03 6.71
C VAL E 278 2.44 25.21 8.06
N LEU E 279 2.97 24.59 9.12
CA LEU E 279 2.40 24.74 10.48
C LEU E 279 3.23 25.76 11.23
N GLY E 280 2.67 26.94 11.50
CA GLY E 280 3.40 27.98 12.27
C GLY E 280 2.60 29.26 12.28
N HIS E 281 2.97 30.22 13.13
CA HIS E 281 2.28 31.54 13.08
C HIS E 281 2.81 32.22 11.82
N GLY E 282 4.11 32.48 11.79
CA GLY E 282 4.70 33.00 10.55
C GLY E 282 4.54 34.48 10.35
N SER E 283 5.09 35.31 11.23
CA SER E 283 5.09 36.75 10.93
C SER E 283 5.80 36.84 9.59
N ALA E 284 6.89 36.08 9.46
CA ALA E 284 7.59 35.97 8.16
C ALA E 284 8.09 34.52 8.07
N SER E 285 8.49 34.08 6.88
CA SER E 285 8.84 32.65 6.72
C SER E 285 10.35 32.43 6.65
N ASP E 286 10.85 31.86 5.54
CA ASP E 286 12.29 31.49 5.48
C ASP E 286 12.55 30.78 6.81
N CYS E 287 11.72 29.78 7.13
CA CYS E 287 11.75 29.16 8.44
C CYS E 287 12.82 28.08 8.51
N ASN E 288 13.62 28.15 9.57
CA ASN E 288 14.58 27.05 9.86
C ASN E 288 14.33 26.81 11.35
N GLY E 289 14.98 27.58 12.21
CA GLY E 289 14.73 27.47 13.66
C GLY E 289 15.43 28.59 14.40
N GLY E 290 15.36 29.81 13.88
CA GLY E 290 16.12 30.91 14.50
C GLY E 290 15.24 31.93 15.18
N THR E 291 13.92 31.85 15.03
CA THR E 291 13.09 32.77 15.77
C THR E 291 11.77 32.08 16.09
N SER E 292 10.88 32.80 16.79
CA SER E 292 9.56 32.27 17.06
C SER E 292 8.84 31.89 15.76
N SER E 293 8.89 32.78 14.77
CA SER E 293 8.24 32.50 13.49
C SER E 293 8.88 31.34 12.75
N ALA E 294 10.17 31.04 12.99
CA ALA E 294 10.85 29.92 12.37
C ALA E 294 10.51 28.58 13.02
N ALA E 295 9.79 28.60 14.14
CA ALA E 295 9.33 27.33 14.74
C ALA E 295 8.23 26.77 13.83
N CYS E 296 8.62 26.15 12.72
CA CYS E 296 7.62 25.70 11.74
C CYS E 296 8.02 24.36 11.13
N VAL E 297 7.07 23.69 10.48
CA VAL E 297 7.42 22.43 9.76
C VAL E 297 6.85 22.58 8.35
N ASP E 298 7.66 23.06 7.40
CA ASP E 298 7.19 23.13 6.03
C ASP E 298 7.25 21.74 5.41
N TYR E 299 6.23 21.41 4.61
CA TYR E 299 6.17 20.14 3.90
C TYR E 299 6.23 20.29 2.39
N THR E 300 6.30 21.52 1.88
CA THR E 300 6.15 21.78 0.45
C THR E 300 7.14 20.97 -0.39
N ASN E 301 8.33 20.71 0.16
CA ASN E 301 9.37 20.02 -0.59
C ASN E 301 9.12 18.52 -0.67
N LYS E 302 8.62 17.90 0.41
CA LYS E 302 8.34 16.47 0.44
C LYS E 302 6.90 16.14 0.08
N LEU E 303 5.94 16.92 0.57
CA LEU E 303 4.54 16.63 0.34
C LEU E 303 4.13 16.93 -1.10
N ALA E 304 4.33 15.97 -2.00
CA ALA E 304 3.78 16.05 -3.34
C ALA E 304 2.34 15.56 -3.34
N ARG E 305 1.66 15.74 -4.47
CA ARG E 305 0.24 15.41 -4.66
C ARG E 305 -0.65 16.27 -3.78
N GLY E 306 -0.10 17.20 -2.99
CA GLY E 306 -0.88 18.02 -2.09
C GLY E 306 -1.70 17.23 -1.10
N THR E 307 -1.14 16.13 -0.60
CA THR E 307 -1.89 15.18 0.21
C THR E 307 -1.25 15.08 1.59
N ILE E 308 -1.99 15.50 2.61
CA ILE E 308 -1.60 15.28 3.99
C ILE E 308 -1.37 13.80 4.26
N ASN E 309 -2.05 12.94 3.51
CA ASN E 309 -1.96 11.48 3.58
C ASN E 309 -0.64 10.94 3.01
N ASP E 310 0.32 11.82 2.72
CA ASP E 310 1.67 11.43 2.33
C ASP E 310 2.71 11.74 3.39
N ILE E 311 2.37 12.52 4.41
CA ILE E 311 3.33 12.77 5.49
C ILE E 311 3.69 11.44 6.15
N PRO E 312 4.99 11.12 6.29
CA PRO E 312 5.38 9.76 6.72
C PRO E 312 4.63 9.19 7.90
N TRP E 313 4.41 9.99 8.96
CA TRP E 313 3.72 9.46 10.13
C TRP E 313 2.23 9.26 9.85
N ILE E 314 1.60 10.22 9.18
CA ILE E 314 0.18 10.08 8.85
C ILE E 314 -0.06 8.82 8.03
N GLU E 315 0.87 8.52 7.12
CA GLU E 315 0.80 7.27 6.38
C GLU E 315 0.79 6.07 7.32
N GLN E 316 1.70 6.07 8.30
CA GLN E 316 1.79 4.94 9.23
C GLN E 316 0.57 4.90 10.15
N LEU E 317 0.08 6.08 10.56
CA LEU E 317 -1.16 6.15 11.34
C LEU E 317 -2.29 5.46 10.61
N ARG E 318 -2.56 5.92 9.38
CA ARG E 318 -3.61 5.31 8.58
C ARG E 318 -3.36 3.82 8.37
N THR E 319 -2.09 3.44 8.18
CA THR E 319 -1.75 2.05 7.95
C THR E 319 -2.29 1.16 9.06
N ALA E 320 -2.18 1.62 10.31
CA ALA E 320 -2.61 0.79 11.42
C ALA E 320 -4.12 0.75 11.57
N ALA E 321 -4.80 1.88 11.34
CA ALA E 321 -6.26 1.89 11.40
C ALA E 321 -6.86 0.89 10.42
N ALA E 322 -6.23 0.70 9.25
CA ALA E 322 -6.66 -0.34 8.34
C ALA E 322 -6.41 -1.73 8.92
N LYS E 323 -5.23 -1.95 9.48
CA LYS E 323 -4.94 -3.25 10.07
C LYS E 323 -5.77 -3.49 11.33
N LEU E 324 -5.99 -2.44 12.12
CA LEU E 324 -6.82 -2.58 13.31
C LEU E 324 -8.26 -2.90 12.94
N ALA E 325 -8.78 -2.27 11.88
CA ALA E 325 -10.13 -2.58 11.43
C ALA E 325 -10.25 -4.04 10.98
N GLY E 326 -9.20 -4.56 10.35
CA GLY E 326 -9.21 -5.97 9.99
C GLY E 326 -9.30 -6.88 11.19
N VAL E 327 -8.78 -6.42 12.34
CA VAL E 327 -8.87 -7.23 13.55
C VAL E 327 -10.33 -7.40 13.96
N ALA E 328 -11.11 -6.33 13.92
CA ALA E 328 -12.51 -6.42 14.28
C ALA E 328 -13.28 -7.31 13.31
N GLY E 329 -12.93 -7.24 12.02
CA GLY E 329 -13.53 -8.15 11.05
C GLY E 329 -13.18 -9.60 11.33
N THR E 330 -11.92 -9.86 11.69
CA THR E 330 -11.54 -11.23 12.04
C THR E 330 -12.12 -11.63 13.40
N ARG E 331 -12.30 -10.67 14.30
CA ARG E 331 -12.89 -10.98 15.60
C ARG E 331 -14.32 -11.48 15.43
N ALA E 332 -15.08 -10.87 14.52
CA ALA E 332 -16.44 -11.30 14.28
C ALA E 332 -16.49 -12.73 13.77
N GLN E 333 -15.55 -13.10 12.89
CA GLN E 333 -15.46 -14.49 12.45
C GLN E 333 -15.14 -15.41 13.62
N LEU E 334 -14.23 -14.98 14.50
CA LEU E 334 -13.87 -15.81 15.64
C LEU E 334 -15.05 -16.01 16.60
N ASP E 335 -15.80 -14.93 16.87
CA ASP E 335 -16.97 -15.06 17.75
C ASP E 335 -18.01 -15.99 17.13
N GLY E 336 -18.25 -15.86 15.83
CA GLY E 336 -19.10 -16.82 15.16
C GLY E 336 -18.56 -18.23 15.20
N MET E 337 -17.24 -18.38 15.15
CA MET E 337 -16.64 -19.70 15.19
C MET E 337 -16.76 -20.32 16.58
N ARG E 338 -16.88 -19.50 17.62
CA ARG E 338 -17.10 -20.05 18.95
C ARG E 338 -18.51 -20.60 19.08
N GLN E 339 -19.50 -19.90 18.53
CA GLN E 339 -20.86 -20.41 18.53
C GLN E 339 -20.94 -21.76 17.82
N GLU E 340 -20.16 -21.93 16.74
CA GLU E 340 -20.13 -23.21 16.04
C GLU E 340 -19.61 -24.31 16.94
N MET E 341 -18.58 -24.03 17.74
CA MET E 341 -18.07 -25.02 18.68
C MET E 341 -19.08 -25.33 19.78
N ARG E 342 -19.85 -24.33 20.21
CA ARG E 342 -20.90 -24.57 21.20
C ARG E 342 -21.98 -25.49 20.63
N ILE E 343 -22.40 -25.25 19.39
CA ILE E 343 -23.47 -26.04 18.79
C ILE E 343 -23.00 -27.46 18.53
N ILE E 344 -21.75 -27.63 18.09
CA ILE E 344 -21.22 -28.96 17.81
C ILE E 344 -21.23 -29.81 19.07
N GLU E 345 -20.86 -29.21 20.21
CA GLU E 345 -20.87 -29.94 21.47
C GLU E 345 -22.27 -30.44 21.81
N ASP E 346 -23.28 -29.57 21.64
CA ASP E 346 -24.65 -29.98 21.93
C ASP E 346 -25.09 -31.13 21.04
N GLN E 347 -24.76 -31.07 19.75
CA GLN E 347 -25.12 -32.15 18.83
C GLN E 347 -24.42 -33.45 19.17
N ALA E 348 -23.25 -33.37 19.81
CA ALA E 348 -22.50 -34.58 20.15
C ALA E 348 -23.27 -35.43 21.16
N TRP E 349 -23.89 -34.81 22.17
CA TRP E 349 -24.68 -35.56 23.13
C TRP E 349 -25.88 -36.23 22.45
N GLN E 350 -26.50 -35.54 21.48
CA GLN E 350 -27.61 -36.12 20.74
C GLN E 350 -27.16 -37.32 19.93
N ALA E 351 -25.88 -37.37 19.56
CA ALA E 351 -25.36 -38.55 18.88
C ALA E 351 -24.92 -39.62 19.87
N PHE E 352 -24.57 -39.23 21.09
CA PHE E 352 -24.19 -40.21 22.10
C PHE E 352 -25.40 -41.04 22.55
N ALA E 353 -26.57 -40.43 22.59
CA ALA E 353 -27.77 -41.14 23.03
C ALA E 353 -28.16 -42.26 22.08
N LEU E 354 -27.60 -42.27 20.87
CA LEU E 354 -27.88 -43.36 19.94
C LEU E 354 -27.33 -44.69 20.45
N ALA E 355 -26.24 -44.65 21.23
CA ALA E 355 -25.65 -45.85 21.79
C ALA E 355 -26.24 -46.23 23.15
N THR E 356 -27.14 -45.40 23.71
CA THR E 356 -27.74 -45.72 25.00
C THR E 356 -28.69 -46.91 24.90
N ILE E 357 -29.50 -46.93 23.84
CA ILE E 357 -30.45 -48.04 23.66
C ILE E 357 -29.70 -49.30 23.26
N PRO E 358 -30.15 -50.50 23.67
CA PRO E 358 -29.50 -51.76 23.29
C PRO E 358 -30.00 -52.30 21.94
N ALA F 21 0.09 30.01 -6.68
CA ALA F 21 -1.21 30.39 -6.13
C ALA F 21 -2.11 29.17 -6.01
N TYR F 22 -1.87 28.35 -4.99
CA TYR F 22 -2.64 27.14 -4.76
C TYR F 22 -3.78 27.36 -3.76
N GLU F 23 -4.58 28.38 -4.02
CA GLU F 23 -5.75 28.67 -3.14
C GLU F 23 -6.90 27.76 -3.53
N ASN F 24 -7.71 27.31 -2.56
CA ASN F 24 -8.91 26.48 -2.80
C ASN F 24 -8.51 25.05 -3.19
N ALA F 25 -7.25 24.68 -3.02
CA ALA F 25 -6.85 23.28 -3.25
C ALA F 25 -7.27 22.51 -2.01
N LYS F 26 -6.91 23.03 -0.83
CA LYS F 26 -7.43 22.38 0.36
C LYS F 26 -8.96 22.45 0.42
N GLN F 27 -9.53 23.25 -0.48
CA GLN F 27 -11.00 23.35 -0.60
C GLN F 27 -11.45 22.45 -1.76
N TYR F 28 -10.51 21.71 -2.33
CA TYR F 28 -10.82 20.82 -3.48
C TYR F 28 -10.73 19.37 -3.01
N GLU F 29 -9.71 19.07 -2.21
CA GLU F 29 -9.51 17.69 -1.74
C GLU F 29 -10.87 17.17 -1.27
N ALA F 30 -11.68 18.05 -0.67
CA ALA F 30 -12.98 17.59 -0.17
C ALA F 30 -13.88 17.17 -1.32
N LEU F 31 -14.02 18.03 -2.33
CA LEU F 31 -14.83 17.68 -3.48
C LEU F 31 -14.19 16.55 -4.28
N CYS F 32 -12.87 16.59 -4.46
CA CYS F 32 -12.19 15.54 -5.20
C CYS F 32 -12.27 14.21 -4.44
N GLY F 33 -12.11 14.24 -3.12
CA GLY F 33 -12.27 13.02 -2.34
C GLY F 33 -13.65 12.43 -2.47
N ALA F 34 -14.67 13.29 -2.57
CA ALA F 34 -16.01 12.82 -2.86
C ALA F 34 -16.09 12.17 -4.24
N TYR F 35 -15.38 12.75 -5.22
CA TYR F 35 -15.37 12.17 -6.57
C TYR F 35 -14.78 10.77 -6.55
N ALA F 36 -13.74 10.55 -5.75
CA ALA F 36 -13.18 9.20 -5.63
C ALA F 36 -14.22 8.24 -5.04
N ILE F 37 -15.02 8.70 -4.07
CA ILE F 37 -16.04 7.86 -3.49
C ILE F 37 -17.05 7.42 -4.55
N THR F 38 -17.51 8.37 -5.38
CA THR F 38 -18.45 8.01 -6.44
C THR F 38 -17.78 7.21 -7.54
N LYS F 39 -16.52 7.49 -7.85
CA LYS F 39 -15.82 6.77 -8.91
C LYS F 39 -15.61 5.30 -8.56
N GLN F 40 -15.57 4.95 -7.28
CA GLN F 40 -15.34 3.56 -6.89
C GLN F 40 -16.49 2.68 -7.35
N ALA F 41 -16.16 1.47 -7.78
CA ALA F 41 -17.15 0.55 -8.30
C ALA F 41 -17.77 -0.28 -7.17
N ILE F 42 -19.05 -0.58 -7.32
CA ILE F 42 -19.80 -1.41 -6.39
C ILE F 42 -20.15 -2.71 -7.11
N SER F 43 -19.77 -3.83 -6.50
CA SER F 43 -20.09 -5.15 -7.02
C SER F 43 -21.01 -5.86 -6.04
N ASP F 44 -22.16 -6.32 -6.52
CA ASP F 44 -23.11 -6.99 -5.64
C ASP F 44 -22.52 -8.26 -5.04
N ALA F 45 -21.77 -9.03 -5.84
CA ALA F 45 -21.14 -10.25 -5.35
C ALA F 45 -20.08 -9.99 -4.29
N GLU F 46 -19.57 -8.76 -4.22
CA GLU F 46 -18.64 -8.40 -3.15
C GLU F 46 -19.33 -8.43 -1.78
N TYR F 47 -20.64 -8.17 -1.74
CA TYR F 47 -21.39 -8.23 -0.49
C TYR F 47 -22.20 -9.52 -0.35
N ILE F 48 -22.57 -10.17 -1.45
CA ILE F 48 -23.39 -11.37 -1.35
C ILE F 48 -22.61 -12.49 -0.69
N GLY F 49 -21.45 -12.84 -1.23
CA GLY F 49 -20.58 -13.82 -0.62
C GLY F 49 -20.60 -15.17 -1.30
N ASP F 50 -20.15 -16.17 -0.54
CA ASP F 50 -20.05 -17.54 -1.05
C ASP F 50 -21.44 -18.11 -1.28
N THR F 51 -21.74 -18.43 -2.54
CA THR F 51 -23.05 -18.92 -2.92
C THR F 51 -23.12 -20.44 -3.01
N THR F 52 -22.10 -21.14 -2.52
CA THR F 52 -22.10 -22.60 -2.58
C THR F 52 -23.06 -23.20 -1.55
N GLY F 53 -22.95 -22.77 -0.29
CA GLY F 53 -23.82 -23.28 0.76
C GLY F 53 -25.16 -22.59 0.87
N ASP F 54 -25.38 -21.53 0.09
CA ASP F 54 -26.67 -20.83 0.15
C ASP F 54 -27.84 -21.71 -0.23
N PRO F 55 -27.79 -22.50 -1.32
CA PRO F 55 -28.92 -23.41 -1.60
C PRO F 55 -29.01 -24.54 -0.58
N ARG F 56 -30.03 -25.38 -0.72
CA ARG F 56 -30.14 -26.54 0.15
C ARG F 56 -29.01 -27.51 -0.15
N PRO F 57 -28.25 -27.94 0.85
CA PRO F 57 -27.23 -28.97 0.61
C PRO F 57 -27.84 -30.22 0.02
N LYS F 58 -27.27 -30.68 -1.09
CA LYS F 58 -27.80 -31.87 -1.76
C LYS F 58 -27.72 -33.10 -0.87
N GLU F 59 -26.85 -33.08 0.13
CA GLU F 59 -26.72 -34.23 1.03
C GLU F 59 -28.06 -34.55 1.68
N VAL F 60 -28.74 -33.51 2.20
CA VAL F 60 -30.06 -33.71 2.80
C VAL F 60 -31.05 -34.20 1.75
N GLU F 61 -30.97 -33.66 0.53
CA GLU F 61 -31.90 -34.06 -0.52
C GLU F 61 -31.75 -35.54 -0.86
N ASP F 62 -30.51 -36.03 -0.95
CA ASP F 62 -30.31 -37.45 -1.16
C ASP F 62 -30.53 -38.25 0.12
N LEU F 63 -30.19 -37.67 1.28
CA LEU F 63 -30.64 -38.25 2.54
C LEU F 63 -32.16 -38.22 2.66
N TYR F 64 -32.82 -37.40 1.84
CA TYR F 64 -34.26 -37.52 1.68
C TYR F 64 -34.63 -38.60 0.66
N ILE F 65 -33.82 -38.77 -0.40
CA ILE F 65 -34.06 -39.85 -1.34
C ILE F 65 -33.92 -41.20 -0.63
N MET F 66 -32.83 -41.39 0.11
CA MET F 66 -32.78 -42.46 1.09
C MET F 66 -33.66 -42.08 2.29
N THR F 67 -33.88 -43.06 3.17
CA THR F 67 -34.82 -42.88 4.28
C THR F 67 -36.18 -42.40 3.76
N LEU F 68 -36.62 -43.01 2.66
CA LEU F 68 -37.88 -42.67 2.02
C LEU F 68 -38.67 -43.95 1.81
N SER F 69 -39.99 -43.83 1.74
CA SER F 69 -40.86 -44.99 1.63
C SER F 69 -40.52 -45.80 0.38
N ASP F 70 -40.62 -47.12 0.50
CA ASP F 70 -40.26 -48.01 -0.60
C ASP F 70 -41.11 -47.75 -1.85
N GLU F 71 -42.42 -47.61 -1.66
CA GLU F 71 -43.28 -47.28 -2.79
C GLU F 71 -43.03 -45.86 -3.29
N ASP F 72 -42.82 -44.91 -2.38
CA ASP F 72 -42.63 -43.51 -2.73
C ASP F 72 -41.25 -43.22 -3.30
N TYR F 73 -40.34 -44.21 -3.33
CA TYR F 73 -39.03 -44.02 -3.94
C TYR F 73 -39.16 -43.51 -5.36
N ASN F 74 -39.99 -44.19 -6.17
CA ASN F 74 -40.20 -43.79 -7.55
C ASN F 74 -41.53 -43.09 -7.77
N ASN F 75 -42.33 -42.88 -6.72
CA ASN F 75 -43.51 -42.03 -6.84
C ASN F 75 -43.08 -40.64 -7.30
N LYS F 76 -43.74 -40.13 -8.32
CA LYS F 76 -43.25 -38.93 -9.00
C LYS F 76 -43.17 -37.75 -8.03
N THR F 77 -41.95 -37.26 -7.82
CA THR F 77 -41.70 -36.16 -6.90
C THR F 77 -42.15 -34.83 -7.47
N GLY F 86 -38.33 -35.91 -15.46
CA GLY F 86 -37.88 -37.27 -15.70
C GLY F 86 -37.99 -38.16 -14.48
N LEU F 87 -37.47 -39.37 -14.57
CA LEU F 87 -37.50 -40.31 -13.45
C LEU F 87 -36.33 -40.05 -12.51
N GLU F 88 -36.37 -40.72 -11.35
CA GLU F 88 -35.36 -40.52 -10.31
C GLU F 88 -34.18 -41.46 -10.54
N LYS F 89 -33.48 -41.23 -11.67
CA LYS F 89 -32.21 -41.90 -11.90
C LYS F 89 -31.13 -41.37 -10.99
N ARG F 90 -31.42 -40.30 -10.24
CA ARG F 90 -30.46 -39.75 -9.30
C ARG F 90 -29.87 -40.80 -8.37
N LYS F 91 -30.58 -41.90 -8.12
CA LYS F 91 -30.04 -42.93 -7.23
C LYS F 91 -28.66 -43.42 -7.70
N SER F 92 -28.36 -43.31 -9.00
CA SER F 92 -27.06 -43.77 -9.50
C SER F 92 -25.94 -42.83 -9.07
N ASP F 93 -25.99 -41.56 -9.48
CA ASP F 93 -24.95 -40.63 -9.06
C ASP F 93 -24.96 -40.37 -7.56
N ILE F 94 -26.16 -40.35 -6.95
CA ILE F 94 -26.33 -40.30 -5.49
C ILE F 94 -25.36 -41.21 -4.76
N LEU F 95 -25.24 -42.45 -5.22
CA LEU F 95 -24.31 -43.40 -4.59
C LEU F 95 -22.88 -43.00 -4.95
N GLN F 96 -22.21 -42.31 -4.02
CA GLN F 96 -20.79 -41.97 -4.13
C GLN F 96 -20.10 -42.40 -2.84
N ARG F 97 -19.74 -43.68 -2.76
CA ARG F 97 -19.20 -44.24 -1.52
C ARG F 97 -17.81 -44.82 -1.75
N ILE F 105 -20.79 -41.75 1.05
CA ILE F 105 -21.69 -40.78 1.64
C ILE F 105 -22.94 -41.47 2.21
N HIS F 106 -23.97 -41.68 1.40
CA HIS F 106 -25.17 -42.33 1.86
C HIS F 106 -25.41 -43.62 1.09
N SER F 107 -26.38 -44.40 1.58
CA SER F 107 -26.62 -45.73 1.06
C SER F 107 -28.05 -46.14 1.36
N ILE F 108 -28.41 -47.36 0.93
CA ILE F 108 -29.77 -47.88 1.10
C ILE F 108 -29.90 -48.49 2.49
N PRO F 109 -30.83 -48.02 3.30
CA PRO F 109 -31.05 -48.60 4.64
C PRO F 109 -31.81 -49.92 4.54
N ALA F 110 -32.14 -50.46 5.71
CA ALA F 110 -33.06 -51.59 5.80
C ALA F 110 -34.49 -51.06 5.85
N ASN F 111 -35.46 -51.92 6.13
CA ASN F 111 -36.85 -51.52 6.25
C ASN F 111 -37.30 -51.64 7.70
N SER F 112 -37.91 -50.58 8.20
CA SER F 112 -38.41 -50.50 9.57
C SER F 112 -39.21 -49.21 9.68
N GLU F 113 -39.74 -48.96 10.89
CA GLU F 113 -40.26 -47.63 11.18
C GLU F 113 -39.16 -46.58 11.14
N ALA F 114 -37.90 -47.01 11.29
CA ALA F 114 -36.77 -46.10 11.16
C ALA F 114 -36.75 -45.40 9.81
N ARG F 115 -37.25 -46.07 8.77
CA ARG F 115 -37.42 -45.43 7.47
C ARG F 115 -38.25 -44.15 7.60
N ALA F 116 -39.48 -44.28 8.10
CA ALA F 116 -40.32 -43.11 8.34
C ALA F 116 -39.76 -42.25 9.48
N ALA F 117 -39.21 -42.89 10.51
CA ALA F 117 -38.64 -42.12 11.62
C ALA F 117 -37.46 -41.28 11.15
N ALA F 118 -36.62 -41.84 10.28
CA ALA F 118 -35.60 -41.00 9.64
C ALA F 118 -36.23 -40.09 8.60
N HIS F 119 -37.29 -40.54 7.94
CA HIS F 119 -37.91 -39.74 6.89
C HIS F 119 -38.38 -38.40 7.43
N VAL F 120 -39.13 -38.41 8.54
CA VAL F 120 -39.60 -37.16 9.14
C VAL F 120 -38.41 -36.29 9.56
N ALA F 121 -37.34 -36.92 10.07
CA ALA F 121 -36.16 -36.17 10.45
C ALA F 121 -35.61 -35.38 9.26
N ILE F 122 -35.45 -36.06 8.12
CA ILE F 122 -35.05 -35.34 6.91
C ILE F 122 -36.13 -34.34 6.50
N LYS F 123 -37.39 -34.79 6.43
CA LYS F 123 -38.51 -33.92 6.09
C LYS F 123 -38.46 -32.60 6.85
N ARG F 124 -38.39 -32.68 8.18
CA ARG F 124 -38.27 -31.50 9.02
C ARG F 124 -37.11 -30.61 8.54
N LEU F 125 -35.91 -31.17 8.52
CA LEU F 125 -34.74 -30.41 8.10
C LEU F 125 -34.83 -30.01 6.63
N PHE F 126 -35.31 -30.93 5.78
CA PHE F 126 -35.53 -30.60 4.37
C PHE F 126 -36.45 -29.39 4.22
N TYR F 127 -37.58 -29.39 4.94
CA TYR F 127 -38.49 -28.26 4.91
C TYR F 127 -37.82 -26.99 5.43
N LYS F 128 -37.08 -27.12 6.54
CA LYS F 128 -36.34 -25.98 7.07
C LYS F 128 -35.35 -25.44 6.06
N ALA F 129 -34.58 -26.33 5.41
CA ALA F 129 -33.57 -25.89 4.46
C ALA F 129 -34.19 -25.10 3.32
N GLY F 130 -35.27 -25.62 2.73
CA GLY F 130 -35.91 -24.92 1.63
C GLY F 130 -36.40 -23.54 2.02
N ASN F 131 -36.99 -23.41 3.21
CA ASN F 131 -37.45 -22.10 3.66
C ASN F 131 -36.28 -21.19 3.99
N LEU F 132 -35.19 -21.76 4.52
CA LEU F 132 -33.99 -20.97 4.76
C LEU F 132 -33.43 -20.45 3.44
N SER F 133 -33.41 -21.29 2.40
CA SER F 133 -32.86 -20.87 1.11
C SER F 133 -33.69 -19.76 0.49
N ALA F 134 -35.00 -19.76 0.70
CA ALA F 134 -35.85 -18.72 0.12
C ALA F 134 -35.50 -17.35 0.69
N ASN F 135 -35.33 -17.27 2.00
CA ASN F 135 -34.93 -16.00 2.61
C ASN F 135 -33.49 -15.64 2.23
N ILE F 136 -32.63 -16.64 2.05
CA ILE F 136 -31.26 -16.38 1.61
C ILE F 136 -31.26 -15.72 0.24
N ALA F 137 -32.06 -16.27 -0.69
CA ALA F 137 -32.21 -15.62 -1.99
C ALA F 137 -32.96 -14.29 -1.87
N ALA F 138 -33.96 -14.22 -0.99
CA ALA F 138 -34.64 -12.95 -0.75
C ALA F 138 -33.67 -11.92 -0.18
N ALA F 139 -32.80 -12.34 0.74
CA ALA F 139 -31.79 -11.43 1.25
C ALA F 139 -30.86 -10.99 0.14
N ILE F 140 -30.54 -11.88 -0.80
CA ILE F 140 -29.73 -11.50 -1.96
C ILE F 140 -30.46 -10.45 -2.80
N SER F 141 -31.77 -10.64 -3.00
CA SER F 141 -32.56 -9.63 -3.71
C SER F 141 -32.60 -8.32 -2.95
N SER F 142 -32.69 -8.39 -1.62
CA SER F 142 -32.62 -7.16 -0.82
C SER F 142 -31.25 -6.49 -0.99
N ILE F 143 -30.18 -7.27 -0.94
CA ILE F 143 -28.84 -6.72 -1.15
C ILE F 143 -28.70 -6.17 -2.56
N LYS F 144 -29.19 -6.91 -3.56
CA LYS F 144 -29.00 -6.53 -4.95
C LYS F 144 -29.61 -5.16 -5.22
N ALA F 145 -30.81 -4.89 -4.70
CA ALA F 145 -31.46 -3.61 -4.94
C ALA F 145 -30.80 -2.49 -4.16
N ASP F 146 -30.43 -2.74 -2.90
CA ASP F 146 -29.78 -1.69 -2.10
C ASP F 146 -28.44 -1.29 -2.69
N THR F 147 -27.65 -2.28 -3.13
CA THR F 147 -26.39 -1.95 -3.79
C THR F 147 -26.62 -1.17 -5.07
N ARG F 148 -27.59 -1.61 -5.88
CA ARG F 148 -27.87 -0.91 -7.13
C ARG F 148 -28.37 0.51 -6.86
N SER F 149 -29.26 0.67 -5.87
CA SER F 149 -29.78 1.99 -5.57
C SER F 149 -28.68 2.93 -5.11
N ALA F 150 -27.77 2.44 -4.26
CA ALA F 150 -26.69 3.28 -3.77
C ALA F 150 -25.77 3.73 -4.89
N GLY F 151 -25.48 2.83 -5.84
CA GLY F 151 -24.70 3.23 -7.00
C GLY F 151 -25.37 4.32 -7.80
N GLU F 152 -26.70 4.22 -7.97
CA GLU F 152 -27.44 5.27 -8.67
C GLU F 152 -27.36 6.59 -7.91
N ALA F 153 -27.49 6.55 -6.59
CA ALA F 153 -27.38 7.76 -5.78
C ALA F 153 -25.97 8.34 -5.86
N LEU F 154 -24.95 7.48 -5.83
CA LEU F 154 -23.59 7.95 -6.01
C LEU F 154 -23.41 8.57 -7.39
N ASN F 155 -23.95 7.93 -8.43
CA ASN F 155 -23.91 8.50 -9.76
C ASN F 155 -24.83 9.72 -9.90
N ARG F 156 -25.84 9.83 -9.04
CA ARG F 156 -26.72 10.99 -9.02
C ARG F 156 -26.11 12.16 -8.23
N ALA F 157 -25.06 11.91 -7.45
CA ALA F 157 -24.36 12.97 -6.74
C ALA F 157 -23.14 13.48 -7.49
N ARG F 158 -22.40 12.59 -8.17
CA ARG F 158 -21.30 13.04 -9.00
C ARG F 158 -21.82 13.89 -10.16
N CYS F 159 -22.60 13.29 -11.04
CA CYS F 159 -23.08 13.97 -12.25
C CYS F 159 -24.59 13.89 -12.44
N GLY F 160 -25.22 12.79 -12.07
CA GLY F 160 -26.63 12.58 -12.32
C GLY F 160 -26.86 11.47 -13.32
N GLN F 161 -28.11 11.37 -13.78
CA GLN F 161 -28.52 10.42 -14.81
C GLN F 161 -28.35 8.96 -14.36
N ALA F 162 -27.88 8.75 -13.13
CA ALA F 162 -27.68 7.44 -12.52
C ALA F 162 -26.75 6.54 -13.31
N ASP F 163 -26.02 7.09 -14.30
CA ASP F 163 -25.05 6.29 -15.02
C ASP F 163 -23.67 6.97 -15.22
N CYS F 164 -23.59 8.29 -15.26
CA CYS F 164 -22.32 9.04 -15.42
C CYS F 164 -21.44 8.41 -16.49
N LYS F 165 -22.00 8.32 -17.70
CA LYS F 165 -21.35 7.57 -18.77
C LYS F 165 -20.11 8.29 -19.28
N ALA F 166 -20.29 9.47 -19.85
CA ALA F 166 -19.24 10.22 -20.53
C ALA F 166 -19.47 11.69 -20.28
N PRO F 167 -18.42 12.54 -20.42
CA PRO F 167 -18.60 13.98 -20.09
C PRO F 167 -19.72 14.63 -20.88
N ASP F 168 -20.77 15.04 -20.17
CA ASP F 168 -21.98 15.56 -20.78
C ASP F 168 -22.28 16.95 -20.22
N GLN F 169 -22.82 17.81 -21.08
CA GLN F 169 -23.17 19.15 -20.66
C GLN F 169 -24.23 19.14 -19.57
N LYS F 170 -25.14 18.16 -19.60
CA LYS F 170 -26.19 18.07 -18.58
C LYS F 170 -25.61 17.85 -17.19
N TRP F 171 -24.36 17.37 -17.09
CA TRP F 171 -23.70 17.29 -15.80
C TRP F 171 -23.62 18.64 -15.11
N PHE F 172 -23.57 19.72 -15.89
CA PHE F 172 -23.33 21.07 -15.41
C PHE F 172 -24.50 21.98 -15.78
N GLU F 173 -24.41 23.23 -15.33
CA GLU F 173 -25.49 24.22 -15.61
C GLU F 173 -24.87 25.62 -15.58
N THR F 174 -25.65 26.64 -15.22
CA THR F 174 -25.17 28.04 -15.22
C THR F 174 -24.30 28.30 -13.99
N ARG F 175 -23.31 29.18 -14.14
CA ARG F 175 -22.44 29.53 -13.00
C ARG F 175 -23.11 30.62 -12.19
N SER F 176 -24.28 30.33 -11.65
CA SER F 176 -24.94 31.32 -10.77
C SER F 176 -25.87 30.53 -9.87
N LYS F 177 -27.02 30.12 -10.41
CA LYS F 177 -27.96 29.27 -9.65
C LYS F 177 -27.18 28.40 -8.65
N CYS F 179 -23.53 28.55 -8.54
CA CYS F 179 -22.32 29.27 -8.15
C CYS F 179 -22.62 30.45 -7.22
N SER F 180 -23.34 31.46 -7.73
CA SER F 180 -23.69 32.62 -6.91
C SER F 180 -25.13 32.59 -6.42
N GLY F 181 -25.98 31.70 -6.94
CA GLY F 181 -27.36 31.60 -6.51
C GLY F 181 -28.28 32.67 -7.05
N THR F 182 -27.81 33.48 -8.00
CA THR F 182 -28.63 34.57 -8.54
C THR F 182 -29.59 34.11 -9.64
N GLY F 183 -29.40 32.91 -10.19
CA GLY F 183 -30.22 32.46 -11.30
C GLY F 183 -31.47 31.72 -10.87
N GLU F 184 -31.69 30.55 -11.47
CA GLU F 184 -32.88 29.74 -11.20
C GLU F 184 -32.79 29.00 -9.86
N GLN F 185 -31.85 29.37 -8.99
CA GLN F 185 -31.73 28.80 -7.65
C GLN F 185 -31.47 27.29 -7.72
N LYS F 186 -30.30 26.96 -8.29
CA LYS F 186 -29.90 25.57 -8.43
C LYS F 186 -28.52 25.32 -7.82
N MET F 189 -26.21 21.13 -5.93
CA MET F 189 -26.34 20.42 -7.20
C MET F 189 -25.48 19.17 -7.21
N THR F 190 -24.68 18.99 -8.26
CA THR F 190 -23.78 17.86 -8.39
C THR F 190 -22.35 18.30 -8.10
N ILE F 191 -21.53 17.34 -7.64
CA ILE F 191 -20.14 17.67 -7.32
C ILE F 191 -19.37 18.09 -8.56
N ALA F 192 -19.76 17.57 -9.74
CA ALA F 192 -19.06 17.92 -10.97
C ALA F 192 -19.20 19.39 -11.32
N SER F 193 -20.20 20.08 -10.76
CA SER F 193 -20.38 21.51 -11.00
C SER F 193 -19.59 22.34 -9.99
N ASP F 194 -19.58 21.89 -8.74
CA ASP F 194 -18.87 22.65 -7.67
C ASP F 194 -17.38 22.73 -8.02
N ILE F 195 -16.76 21.58 -8.29
CA ILE F 195 -15.30 21.56 -8.63
C ILE F 195 -15.09 22.62 -9.70
N SER F 196 -15.81 22.50 -10.81
CA SER F 196 -15.64 23.46 -11.92
C SER F 196 -15.83 24.88 -11.36
N CYS F 197 -16.98 25.15 -10.74
CA CYS F 197 -17.27 26.53 -10.28
C CYS F 197 -16.09 27.04 -9.46
N LEU F 198 -15.46 26.19 -8.65
CA LEU F 198 -14.35 26.61 -7.76
C LEU F 198 -13.03 26.64 -8.53
N CYS F 199 -12.66 25.51 -9.14
CA CYS F 199 -11.38 25.44 -9.87
C CYS F 199 -11.55 26.09 -11.25
N THR F 203 -8.19 35.57 -13.56
CA THR F 203 -6.84 35.12 -13.29
C THR F 203 -6.84 33.71 -12.68
N GLY F 204 -5.67 33.31 -12.19
CA GLY F 204 -5.50 32.06 -11.47
C GLY F 204 -4.30 31.27 -11.95
N GLU F 205 -3.36 30.99 -11.05
CA GLU F 205 -2.13 30.31 -11.43
C GLU F 205 -2.31 28.80 -11.37
N THR F 206 -2.46 28.26 -10.17
CA THR F 206 -2.69 26.84 -9.95
C THR F 206 -3.65 26.65 -8.79
N LEU F 207 -4.77 27.38 -8.81
CA LEU F 207 -5.78 27.26 -7.76
C LEU F 207 -6.09 25.79 -7.50
N CYS F 208 -6.46 25.07 -8.55
CA CYS F 208 -6.66 23.63 -8.51
C CYS F 208 -5.33 22.93 -8.77
N SER F 209 -5.29 21.61 -8.52
CA SER F 209 -4.07 20.86 -8.77
C SER F 209 -3.69 20.91 -10.25
N ALA F 210 -2.41 20.69 -10.52
CA ALA F 210 -1.82 20.90 -11.84
C ALA F 210 -2.01 22.35 -12.29
N ALA F 211 -1.76 22.63 -13.56
CA ALA F 211 -1.99 23.97 -14.08
C ALA F 211 -3.47 24.30 -14.00
N ALA F 212 -4.29 23.56 -14.76
CA ALA F 212 -5.77 23.58 -14.68
C ALA F 212 -6.25 25.02 -14.66
N THR F 213 -7.17 25.39 -13.76
CA THR F 213 -7.74 26.74 -13.67
C THR F 213 -8.29 27.18 -15.02
N GLY F 214 -9.31 26.45 -15.47
CA GLY F 214 -9.86 26.71 -16.79
C GLY F 214 -10.35 28.14 -16.94
N GLY F 215 -10.07 28.74 -18.10
CA GLY F 215 -10.45 30.11 -18.35
C GLY F 215 -11.88 30.33 -18.76
N THR F 216 -12.59 29.27 -19.16
CA THR F 216 -13.99 29.35 -19.52
C THR F 216 -14.84 29.24 -18.24
N TYR F 217 -16.15 29.07 -18.39
CA TYR F 217 -17.08 29.08 -17.26
C TYR F 217 -16.97 30.37 -16.47
N ARG F 218 -17.05 31.48 -17.18
CA ARG F 218 -16.74 32.80 -16.67
C ARG F 218 -18.02 33.58 -16.35
N GLY F 219 -17.85 34.61 -15.52
CA GLY F 219 -18.94 35.49 -15.16
C GLY F 219 -19.85 34.89 -14.10
N GLY F 220 -20.56 35.78 -13.41
CA GLY F 220 -21.51 35.35 -12.41
C GLY F 220 -22.79 34.82 -13.02
N GLU F 221 -22.70 34.42 -14.29
CA GLU F 221 -23.77 33.71 -14.99
C GLU F 221 -23.34 32.32 -15.46
N GLY F 222 -22.19 32.21 -16.12
CA GLY F 222 -21.68 30.93 -16.59
C GLY F 222 -22.49 30.23 -17.66
N THR F 223 -21.89 29.22 -18.28
CA THR F 223 -22.57 28.42 -19.28
C THR F 223 -22.03 26.99 -19.21
N ALA F 224 -22.94 26.02 -19.10
CA ALA F 224 -22.52 24.63 -18.92
C ALA F 224 -21.68 24.15 -20.09
N ALA F 225 -21.87 24.73 -21.28
CA ALA F 225 -21.07 24.35 -22.44
C ALA F 225 -19.59 24.56 -22.20
N ASN F 226 -19.23 25.60 -21.43
CA ASN F 226 -17.84 25.85 -21.10
C ASN F 226 -17.28 24.89 -20.06
N ALA F 227 -18.12 24.11 -19.38
CA ALA F 227 -17.62 23.20 -18.36
C ALA F 227 -16.85 22.04 -18.97
N GLN F 228 -17.24 21.59 -20.16
CA GLN F 228 -16.49 20.54 -20.83
C GLN F 228 -15.05 20.95 -21.08
N THR F 229 -14.83 22.23 -21.38
CA THR F 229 -13.47 22.73 -21.57
C THR F 229 -12.68 22.66 -20.26
N ASP F 230 -13.33 23.08 -19.18
CA ASP F 230 -12.65 23.11 -17.85
C ASP F 230 -12.59 21.69 -17.28
N TRP F 231 -13.61 20.87 -17.51
CA TRP F 231 -13.54 19.46 -17.04
C TRP F 231 -12.20 18.89 -17.46
N SER F 232 -11.89 18.96 -18.75
CA SER F 232 -10.59 18.46 -19.28
C SER F 232 -9.45 18.99 -18.40
N THR F 233 -9.37 20.31 -18.23
CA THR F 233 -8.26 20.91 -17.44
C THR F 233 -8.27 20.34 -16.01
N THR F 234 -9.43 20.28 -15.38
CA THR F 234 -9.50 19.85 -13.96
C THR F 234 -9.50 18.33 -13.84
N ILE F 235 -10.19 17.79 -12.83
CA ILE F 235 -10.17 16.32 -12.54
C ILE F 235 -8.80 15.74 -12.88
N ALA F 236 -8.76 14.64 -13.63
CA ALA F 236 -7.48 14.02 -14.05
C ALA F 236 -6.64 13.62 -12.83
N ASP F 237 -6.03 14.60 -12.19
CA ASP F 237 -5.25 14.34 -10.96
C ASP F 237 -6.14 13.60 -9.95
N CYS F 238 -7.41 13.98 -9.89
CA CYS F 238 -8.33 13.36 -8.90
C CYS F 238 -8.39 11.86 -9.18
N ASP F 239 -8.51 11.47 -10.44
CA ASP F 239 -8.55 10.03 -10.80
C ASP F 239 -7.16 9.42 -10.62
N ARG F 240 -6.28 10.08 -9.86
CA ARG F 240 -4.95 9.48 -9.54
C ARG F 240 -4.87 9.20 -8.04
N ASN F 241 -5.84 9.69 -7.24
CA ASN F 241 -5.86 9.36 -5.82
C ASN F 241 -7.05 8.48 -5.45
N VAL F 242 -7.73 7.89 -6.44
CA VAL F 242 -8.92 7.08 -6.18
C VAL F 242 -8.51 5.77 -5.51
N GLU F 243 -9.20 5.43 -4.41
CA GLU F 243 -8.99 4.13 -3.77
C GLU F 243 -9.37 3.00 -4.74
N GLY F 244 -10.64 2.94 -5.12
CA GLY F 244 -11.05 2.12 -6.25
C GLY F 244 -12.13 1.08 -6.00
N LYS F 245 -12.05 0.33 -4.91
CA LYS F 245 -13.03 -0.73 -4.65
C LYS F 245 -13.38 -0.81 -3.17
N ALA F 246 -13.61 0.34 -2.53
CA ALA F 246 -13.99 0.37 -1.10
C ALA F 246 -14.86 1.59 -0.82
N PRO F 247 -16.10 1.62 -1.33
CA PRO F 247 -17.06 2.64 -0.91
C PRO F 247 -17.72 2.25 0.40
N SER F 248 -17.35 2.94 1.49
CA SER F 248 -17.80 2.55 2.82
C SER F 248 -18.70 3.62 3.42
N PRO F 249 -19.72 3.22 4.20
CA PRO F 249 -20.60 4.24 4.81
C PRO F 249 -19.85 5.19 5.73
N ALA F 250 -18.84 4.71 6.44
CA ALA F 250 -18.02 5.62 7.24
C ALA F 250 -17.11 6.46 6.37
N ALA F 251 -16.66 5.93 5.24
CA ALA F 251 -15.84 6.71 4.32
C ALA F 251 -16.63 7.86 3.71
N ILE F 252 -17.91 7.63 3.41
CA ILE F 252 -18.76 8.68 2.85
C ILE F 252 -18.93 9.81 3.86
N GLU F 253 -19.29 9.45 5.10
CA GLU F 253 -19.46 10.48 6.12
C GLU F 253 -18.16 11.19 6.43
N ALA F 254 -17.03 10.52 6.24
CA ALA F 254 -15.74 11.16 6.45
C ALA F 254 -15.52 12.28 5.44
N ALA F 255 -15.82 12.02 4.17
CA ALA F 255 -15.64 13.04 3.14
C ALA F 255 -16.58 14.22 3.36
N ILE F 256 -17.74 13.98 3.99
CA ILE F 256 -18.62 15.08 4.34
C ILE F 256 -17.97 15.95 5.41
N ALA F 257 -17.27 15.33 6.36
CA ALA F 257 -16.61 16.10 7.41
C ALA F 257 -15.49 16.95 6.85
N VAL F 258 -14.71 16.41 5.91
CA VAL F 258 -13.63 17.19 5.32
C VAL F 258 -14.19 18.32 4.47
N PHE F 259 -15.37 18.13 3.88
CA PHE F 259 -16.02 19.23 3.18
C PHE F 259 -16.53 20.29 4.15
N ARG F 260 -17.06 19.86 5.30
CA ARG F 260 -17.50 20.81 6.31
C ARG F 260 -16.35 21.61 6.90
N ALA F 261 -15.11 21.11 6.76
CA ALA F 261 -13.95 21.85 7.22
C ALA F 261 -13.56 22.99 6.28
N ALA F 262 -13.76 22.80 4.97
CA ALA F 262 -13.36 23.80 3.97
C ALA F 262 -14.60 24.59 3.53
N LEU F 263 -14.96 25.59 4.34
CA LEU F 263 -16.10 26.44 4.04
C LEU F 263 -15.85 27.80 4.69
N GLY F 264 -15.63 28.82 3.87
CA GLY F 264 -15.34 30.15 4.39
C GLY F 264 -14.85 31.14 3.35
N ASN F 265 -15.25 32.40 3.49
CA ASN F 265 -14.90 33.44 2.53
C ASN F 265 -14.58 34.71 3.30
N ALA F 266 -14.48 35.82 2.57
CA ALA F 266 -14.21 37.13 3.15
C ALA F 266 -15.29 38.12 2.72
N GLU F 267 -15.06 39.42 2.93
CA GLU F 267 -16.07 40.42 2.60
C GLU F 267 -16.37 40.37 1.11
N PHE F 268 -17.52 39.80 0.73
CA PHE F 268 -17.90 39.79 -0.67
C PHE F 268 -19.34 40.25 -0.89
N THR F 269 -20.24 39.96 0.06
CA THR F 269 -21.62 40.42 -0.12
C THR F 269 -22.37 40.26 1.21
N LYS F 270 -22.89 41.36 1.73
CA LYS F 270 -23.71 41.35 2.95
C LYS F 270 -25.19 41.10 2.66
N ALA F 271 -25.51 40.64 1.45
CA ALA F 271 -26.82 40.11 1.09
C ALA F 271 -26.82 38.61 1.40
N ASN F 272 -27.74 37.85 0.80
CA ASN F 272 -27.74 36.38 0.87
C ASN F 272 -26.36 35.76 1.13
N ARG F 274 -23.34 31.66 2.87
CA ARG F 274 -23.73 32.09 4.22
C ARG F 274 -22.54 32.21 5.17
N LYS F 275 -21.86 33.35 5.12
CA LYS F 275 -20.71 33.65 5.98
C LYS F 275 -19.65 32.58 5.71
N ALA F 276 -19.12 31.91 6.73
CA ALA F 276 -18.10 30.91 6.51
C ALA F 276 -18.74 29.63 5.99
N PHE F 277 -19.51 29.76 4.90
CA PHE F 277 -20.15 28.63 4.23
C PHE F 277 -20.03 28.79 2.72
N VAL F 278 -18.98 29.49 2.30
CA VAL F 278 -18.77 29.72 0.83
C VAL F 278 -17.43 29.10 0.44
N LEU F 279 -17.44 28.00 -0.32
CA LEU F 279 -16.19 27.41 -0.83
C LEU F 279 -15.46 28.49 -1.63
N GLY F 280 -14.60 29.28 -0.98
CA GLY F 280 -14.00 30.40 -1.73
C GLY F 280 -12.76 30.97 -1.07
N HIS F 281 -12.10 31.91 -1.75
CA HIS F 281 -10.86 32.54 -1.23
C HIS F 281 -11.25 33.76 -0.41
N GLY F 282 -11.55 34.85 -1.11
CA GLY F 282 -11.96 36.09 -0.42
C GLY F 282 -11.82 37.29 -1.34
N SER F 283 -12.00 38.50 -0.80
CA SER F 283 -11.79 39.70 -1.60
C SER F 283 -12.53 39.60 -2.92
N ALA F 284 -13.85 39.43 -2.80
CA ALA F 284 -14.68 39.22 -3.97
C ALA F 284 -15.94 40.07 -3.82
N SER F 285 -16.86 39.92 -4.78
CA SER F 285 -18.23 40.40 -4.65
C SER F 285 -19.32 39.38 -5.03
N ASP F 286 -19.01 38.51 -5.99
CA ASP F 286 -19.94 37.46 -6.46
C ASP F 286 -19.14 36.51 -7.34
N CYS F 287 -19.79 35.52 -7.96
CA CYS F 287 -19.05 34.62 -8.90
C CYS F 287 -18.92 35.32 -10.25
N THR F 291 -11.92 35.90 -11.90
CA THR F 291 -10.68 36.16 -11.19
C THR F 291 -10.28 34.96 -10.34
N SER F 292 -9.05 34.93 -9.83
CA SER F 292 -8.69 33.81 -8.92
C SER F 292 -9.40 34.04 -7.60
N SER F 293 -10.27 35.05 -7.53
CA SER F 293 -10.95 35.38 -6.25
C SER F 293 -12.45 35.22 -6.43
N ALA F 294 -12.89 34.80 -7.61
CA ALA F 294 -14.33 34.56 -7.85
C ALA F 294 -14.71 33.22 -7.23
N ALA F 295 -14.83 32.17 -8.05
CA ALA F 295 -15.11 30.82 -7.51
C ALA F 295 -15.91 30.94 -6.22
N CYS F 296 -17.05 31.63 -6.25
CA CYS F 296 -17.80 31.88 -5.00
C CYS F 296 -18.83 30.79 -4.74
N VAL F 297 -18.59 29.57 -5.23
CA VAL F 297 -19.61 28.50 -5.08
C VAL F 297 -20.27 28.69 -3.72
N ASP F 298 -21.48 29.26 -3.70
CA ASP F 298 -22.18 29.55 -2.42
C ASP F 298 -23.39 28.63 -2.27
N TYR F 299 -23.81 28.44 -1.03
CA TYR F 299 -24.93 27.54 -0.75
C TYR F 299 -26.03 28.29 -0.01
N THR F 300 -26.12 29.61 -0.24
CA THR F 300 -27.17 30.44 0.33
C THR F 300 -28.54 29.85 0.06
N ASN F 301 -28.89 29.75 -1.22
CA ASN F 301 -30.10 29.06 -1.62
C ASN F 301 -29.83 27.57 -1.70
N LYS F 302 -30.70 26.78 -1.08
CA LYS F 302 -30.53 25.32 -0.98
C LYS F 302 -29.11 24.94 -0.54
N GLY F 306 -29.44 25.90 7.59
CA GLY F 306 -28.65 25.58 6.43
C GLY F 306 -27.83 24.32 6.56
N THR F 307 -28.45 23.28 7.12
CA THR F 307 -27.78 22.00 7.31
C THR F 307 -27.20 21.52 5.99
N ILE F 308 -25.91 21.17 6.02
CA ILE F 308 -25.20 20.78 4.81
C ILE F 308 -25.73 19.49 4.19
N ASN F 309 -26.60 18.76 4.89
CA ASN F 309 -27.23 17.56 4.36
C ASN F 309 -28.40 17.88 3.42
N ASP F 310 -28.53 19.14 2.99
CA ASP F 310 -29.56 19.54 2.04
C ASP F 310 -29.03 19.74 0.64
N ILE F 311 -27.77 20.16 0.50
CA ILE F 311 -27.20 20.29 -0.86
C ILE F 311 -27.23 18.93 -1.54
N PRO F 312 -27.67 18.85 -2.80
CA PRO F 312 -28.10 17.55 -3.35
C PRO F 312 -27.06 16.43 -3.26
N TRP F 313 -25.80 16.72 -3.53
CA TRP F 313 -24.79 15.66 -3.57
C TRP F 313 -24.59 15.03 -2.19
N ILE F 314 -24.57 15.84 -1.14
CA ILE F 314 -24.45 15.30 0.21
C ILE F 314 -25.66 14.46 0.57
N GLU F 315 -26.84 14.87 0.10
CA GLU F 315 -28.05 14.07 0.33
C GLU F 315 -27.95 12.72 -0.36
N GLN F 316 -27.53 12.71 -1.63
CA GLN F 316 -27.38 11.44 -2.34
C GLN F 316 -26.19 10.65 -1.80
N LEU F 317 -25.14 11.32 -1.33
CA LEU F 317 -24.05 10.63 -0.67
C LEU F 317 -24.54 9.93 0.59
N ARG F 318 -25.33 10.64 1.40
CA ARG F 318 -25.87 10.03 2.60
C ARG F 318 -26.94 8.99 2.28
N THR F 319 -27.63 9.15 1.16
CA THR F 319 -28.56 8.12 0.69
C THR F 319 -27.83 6.82 0.41
N ALA F 320 -26.67 6.91 -0.25
CA ALA F 320 -25.87 5.71 -0.52
C ALA F 320 -25.34 5.10 0.77
N ALA F 321 -24.93 5.93 1.72
CA ALA F 321 -24.43 5.42 2.98
C ALA F 321 -25.51 4.68 3.75
N ALA F 322 -26.74 5.19 3.73
CA ALA F 322 -27.84 4.51 4.39
C ALA F 322 -28.08 3.13 3.78
N LYS F 323 -28.08 3.05 2.44
CA LYS F 323 -28.25 1.76 1.79
C LYS F 323 -27.07 0.83 2.10
N LEU F 324 -25.85 1.37 2.10
CA LEU F 324 -24.67 0.58 2.45
C LEU F 324 -24.73 0.08 3.88
N ALA F 325 -25.44 0.80 4.76
CA ALA F 325 -25.71 0.27 6.09
C ALA F 325 -26.72 -0.87 6.03
N GLY F 326 -27.68 -0.81 5.09
CA GLY F 326 -28.68 -1.85 4.99
C GLY F 326 -28.11 -3.18 4.55
N VAL F 327 -27.18 -3.17 3.59
CA VAL F 327 -26.63 -4.43 3.09
C VAL F 327 -25.76 -5.09 4.15
N ALA F 328 -25.11 -4.31 5.00
CA ALA F 328 -24.27 -4.88 6.06
C ALA F 328 -25.12 -5.69 7.03
N GLY F 329 -26.29 -5.18 7.41
CA GLY F 329 -27.19 -5.95 8.24
C GLY F 329 -27.75 -7.16 7.51
N THR F 330 -28.09 -7.00 6.22
CA THR F 330 -28.60 -8.12 5.44
C THR F 330 -27.56 -9.22 5.28
N ARG F 331 -26.30 -8.85 5.04
CA ARG F 331 -25.24 -9.84 4.94
C ARG F 331 -25.02 -10.58 6.26
N ALA F 332 -25.05 -9.84 7.38
CA ALA F 332 -24.91 -10.48 8.68
C ALA F 332 -26.03 -11.50 8.92
N GLN F 333 -27.24 -11.18 8.46
CA GLN F 333 -28.30 -12.18 8.47
C GLN F 333 -27.95 -13.38 7.60
N LEU F 334 -27.43 -13.11 6.39
CA LEU F 334 -27.12 -14.19 5.46
C LEU F 334 -26.03 -15.10 6.02
N ASP F 335 -25.02 -14.54 6.68
CA ASP F 335 -23.99 -15.36 7.30
C ASP F 335 -24.58 -16.23 8.39
N GLY F 336 -25.53 -15.71 9.15
CA GLY F 336 -26.23 -16.53 10.13
C GLY F 336 -27.02 -17.66 9.49
N MET F 337 -27.65 -17.38 8.36
CA MET F 337 -28.38 -18.43 7.64
C MET F 337 -27.42 -19.46 7.05
N ARG F 338 -26.24 -19.01 6.60
CA ARG F 338 -25.23 -19.95 6.14
C ARG F 338 -24.77 -20.85 7.27
N GLN F 339 -24.64 -20.30 8.47
CA GLN F 339 -24.31 -21.11 9.64
C GLN F 339 -25.38 -22.15 9.92
N GLU F 340 -26.64 -21.73 9.97
CA GLU F 340 -27.73 -22.65 10.27
C GLU F 340 -27.81 -23.76 9.24
N MET F 341 -27.65 -23.39 7.95
CA MET F 341 -27.70 -24.39 6.90
C MET F 341 -26.70 -25.51 7.13
N ARG F 342 -25.53 -25.18 7.69
CA ARG F 342 -24.58 -26.21 8.07
C ARG F 342 -25.16 -27.13 9.13
N ILE F 343 -25.86 -26.55 10.12
CA ILE F 343 -26.41 -27.36 11.21
C ILE F 343 -27.44 -28.35 10.67
N ILE F 344 -28.30 -27.90 9.75
CA ILE F 344 -29.30 -28.79 9.17
C ILE F 344 -28.64 -30.00 8.53
N GLU F 345 -27.57 -29.78 7.76
CA GLU F 345 -26.83 -30.88 7.16
C GLU F 345 -26.37 -31.88 8.21
N ASP F 346 -25.67 -31.40 9.25
CA ASP F 346 -25.21 -32.29 10.30
C ASP F 346 -26.37 -32.92 11.05
N GLN F 347 -27.43 -32.14 11.31
CA GLN F 347 -28.58 -32.65 12.04
C GLN F 347 -29.24 -33.82 11.33
N ALA F 348 -29.03 -33.97 10.02
CA ALA F 348 -29.58 -35.06 9.25
C ALA F 348 -28.65 -36.27 9.16
N TRP F 349 -27.35 -36.03 8.95
CA TRP F 349 -26.40 -37.13 8.97
C TRP F 349 -26.34 -37.80 10.33
N GLN F 350 -26.66 -37.06 11.40
CA GLN F 350 -26.83 -37.64 12.72
C GLN F 350 -28.21 -38.29 12.90
N ALA F 351 -29.12 -38.08 11.96
CA ALA F 351 -30.42 -38.75 11.95
C ALA F 351 -30.46 -39.95 11.02
N PHE F 352 -29.53 -40.06 10.07
CA PHE F 352 -29.46 -41.24 9.22
C PHE F 352 -29.08 -42.47 10.02
N ALA F 353 -28.34 -42.29 11.12
CA ALA F 353 -27.91 -43.42 11.92
C ALA F 353 -29.09 -44.13 12.57
N LEU F 354 -30.27 -43.50 12.60
CA LEU F 354 -31.47 -44.17 13.10
C LEU F 354 -31.86 -45.36 12.23
N ALA F 355 -31.34 -45.43 11.00
CA ALA F 355 -31.62 -46.52 10.09
C ALA F 355 -30.56 -47.61 10.14
N THR F 356 -29.99 -47.84 11.31
CA THR F 356 -28.97 -48.87 11.47
C THR F 356 -29.51 -50.05 12.27
C1 NAG G . -10.49 -32.60 10.02
C2 NAG G . -10.34 -33.10 8.58
C3 NAG G . -10.46 -34.62 8.53
C4 NAG G . -9.49 -35.27 9.52
C5 NAG G . -9.66 -34.67 10.91
C6 NAG G . -8.63 -35.16 11.91
C7 NAG G . -12.64 -32.64 7.76
C8 NAG G . -13.45 -31.92 6.74
N2 NAG G . -11.31 -32.48 7.69
O3 NAG G . -10.19 -35.07 7.21
O4 NAG G . -9.74 -36.67 9.60
O5 NAG G . -9.53 -33.23 10.85
O6 NAG G . -8.30 -34.15 12.85
O7 NAG G . -13.17 -33.35 8.62
C1 NAG G . -8.88 -37.44 8.73
C2 NAG G . -8.28 -38.64 9.50
C3 NAG G . -7.46 -39.51 8.55
C4 NAG G . -8.27 -39.90 7.32
C5 NAG G . -8.84 -38.65 6.66
C6 NAG G . -9.74 -38.97 5.49
C7 NAG G . -7.53 -38.72 11.84
C8 NAG G . -8.50 -39.85 12.02
N2 NAG G . -7.47 -38.18 10.62
O3 NAG G . -7.03 -40.69 9.22
O4 NAG G . -7.46 -40.63 6.41
O5 NAG G . -9.62 -37.91 7.60
O6 NAG G . -10.64 -40.02 5.80
O7 NAG G . -6.82 -38.32 12.76
C1 NAG H . 44.84 20.11 -20.28
C2 NAG H . 45.36 20.53 -21.65
C3 NAG H . 46.75 21.16 -21.51
C4 NAG H . 46.75 22.26 -20.45
C5 NAG H . 46.09 21.79 -19.15
C6 NAG H . 45.90 22.89 -18.13
C7 NAG H . 46.15 18.31 -22.42
C8 NAG H . 46.03 17.29 -23.51
N2 NAG H . 45.40 19.40 -22.57
O3 NAG H . 47.15 21.69 -22.77
O4 NAG H . 48.10 22.60 -20.12
O5 NAG H . 44.78 21.25 -19.42
O6 NAG H . 47.11 23.58 -17.87
O7 NAG H . 46.90 18.15 -21.46
C1 NAG H . 48.65 23.73 -20.83
C2 NAG H . 50.10 23.94 -20.38
C3 NAG H . 50.74 25.08 -21.17
C4 NAG H . 50.59 24.87 -22.67
C5 NAG H . 49.12 24.66 -23.01
C6 NAG H . 48.89 24.33 -24.47
C7 NAG H . 50.22 23.23 -18.03
C8 NAG H . 50.30 23.68 -16.60
N2 NAG H . 50.18 24.20 -18.95
O3 NAG H . 52.12 25.18 -20.84
O4 NAG H . 51.08 26.00 -23.37
O5 NAG H . 48.59 23.55 -22.25
O6 NAG H . 49.39 25.36 -25.30
O7 NAG H . 50.19 22.04 -18.33
C1 NAG I . 25.89 26.87 5.34
C2 NAG I . 24.89 28.01 5.18
C3 NAG I . 25.26 29.19 6.09
C4 NAG I . 25.46 28.73 7.52
C5 NAG I . 26.46 27.58 7.57
C6 NAG I . 26.63 27.00 8.95
C7 NAG I . 24.27 27.75 2.81
C8 NAG I . 24.31 28.36 1.44
N2 NAG I . 24.83 28.45 3.79
O3 NAG I . 24.22 30.16 6.03
O4 NAG I . 25.94 29.80 8.32
O5 NAG I . 25.99 26.51 6.74
O6 NAG I . 27.40 25.81 8.93
O7 NAG I . 23.76 26.65 3.00
C1 NAG J . 13.84 29.72 -24.72
C2 NAG J . 13.26 30.90 -23.93
C3 NAG J . 13.04 32.09 -24.86
C4 NAG J . 14.34 32.44 -25.58
C5 NAG J . 14.90 31.22 -26.31
C6 NAG J . 16.24 31.47 -26.95
C7 NAG J . 11.51 31.18 -22.23
C8 NAG J . 10.23 30.66 -21.68
N2 NAG J . 12.02 30.52 -23.28
O3 NAG J . 12.58 33.20 -24.12
O4 NAG J . 14.11 33.49 -26.51
O5 NAG J . 15.08 30.13 -25.38
O6 NAG J . 16.16 32.47 -27.96
O7 NAG J . 12.07 32.17 -21.76
C1 GLC K . -11.39 -34.02 -9.28
C2 GLC K . -11.00 -35.09 -8.26
C3 GLC K . -11.00 -36.45 -8.90
C4 GLC K . -12.30 -36.73 -9.58
C5 GLC K . -12.64 -35.63 -10.57
C6 GLC K . -14.00 -35.89 -11.22
O2 GLC K . -9.70 -34.79 -7.73
O3 GLC K . -10.75 -37.44 -7.89
O4 GLC K . -12.22 -37.98 -10.27
O5 GLC K . -12.68 -34.35 -9.87
O6 GLC K . -15.03 -35.80 -10.23
C1 GLC L . -8.65 -34.72 -13.08
C2 GLC L . -8.40 -35.48 -11.78
C3 GLC L . -8.35 -36.96 -12.03
C4 GLC L . -9.59 -37.41 -12.76
C5 GLC L . -9.82 -36.59 -14.03
C6 GLC L . -11.11 -37.00 -14.71
O2 GLC L . -7.15 -35.06 -11.20
O3 GLC L . -8.23 -37.66 -10.80
O4 GLC L . -9.45 -38.80 -13.11
O5 GLC L . -9.88 -35.18 -13.68
O6 GLC L . -11.22 -36.30 -15.96
C1 GLC M . 11.80 -40.17 -27.33
C2 GLC M . 11.38 -41.43 -26.57
C3 GLC M . 10.50 -42.32 -27.41
C4 GLC M . 9.37 -41.53 -28.07
C5 GLC M . 9.92 -40.27 -28.73
C6 GLC M . 8.85 -39.38 -29.30
O2 GLC M . 12.54 -42.15 -26.17
O3 GLC M . 9.95 -43.36 -26.59
O4 GLC M . 8.74 -42.33 -29.05
O5 GLC M . 10.61 -39.51 -27.74
O6 GLC M . 9.01 -39.24 -30.71
C1 GLC N . 13.51 -41.18 -22.99
C2 GLC N . 12.03 -41.56 -22.86
C3 GLC N . 11.86 -42.82 -22.03
C4 GLC N . 12.76 -43.93 -22.54
C5 GLC N . 14.20 -43.44 -22.67
C6 GLC N . 15.11 -44.46 -23.28
O2 GLC N . 11.29 -40.47 -22.30
O3 GLC N . 10.50 -43.23 -22.09
O4 GLC N . 12.74 -45.02 -21.63
O5 GLC N . 14.21 -42.30 -23.53
O6 GLC N . 15.04 -45.69 -22.58
C1 NAG O . -28.82 -25.23 32.73
C2 NAG O . -27.51 -26.02 32.58
C3 NAG O . -27.74 -27.49 32.96
C4 NAG O . -28.37 -27.59 34.34
C5 NAG O . -29.65 -26.79 34.37
C6 NAG O . -30.32 -26.78 35.73
C7 NAG O . -25.79 -25.40 30.93
C8 NAG O . -25.42 -25.38 29.48
N2 NAG O . -26.98 -25.92 31.23
O3 NAG O . -26.50 -28.18 32.92
O4 NAG O . -28.65 -28.95 34.67
O5 NAG O . -29.37 -25.42 34.04
O6 NAG O . -31.62 -26.21 35.68
O7 NAG O . -25.04 -24.95 31.80
C1 GLC P . -17.90 41.94 16.94
C2 GLC P . -16.64 42.53 16.30
C3 GLC P . -16.84 43.97 15.96
C4 GLC P . -18.05 44.15 15.11
C5 GLC P . -19.29 43.53 15.77
C6 GLC P . -20.52 43.67 14.88
O2 GLC P . -15.53 42.39 17.20
O3 GLC P . -15.68 44.47 15.26
O4 GLC P . -18.29 45.56 14.91
O5 GLC P . -19.03 42.12 16.04
O6 GLC P . -20.34 42.88 13.69
C1 GLC Q . -13.48 41.05 18.34
C2 GLC Q . -12.84 41.56 17.05
C3 GLC Q . -11.66 42.43 17.36
C4 GLC Q . -12.05 43.54 18.28
C5 GLC Q . -12.70 42.99 19.54
C6 GLC Q . -13.14 44.11 20.47
O2 GLC Q . -12.41 40.45 16.25
O3 GLC Q . -11.14 42.99 16.14
O4 GLC Q . -10.89 44.30 18.63
O5 GLC Q . -13.85 42.18 19.18
O6 GLC Q . -13.63 43.56 21.70
C1 GLC R . 7.76 35.43 17.52
C2 GLC R . 6.73 36.42 16.99
C3 GLC R . 7.36 37.76 16.72
C4 GLC R . 8.08 38.26 17.95
C5 GLC R . 9.08 37.22 18.45
C6 GLC R . 9.77 37.70 19.72
O2 GLC R . 6.16 35.92 15.77
O3 GLC R . 6.35 38.71 16.34
O4 GLC R . 8.78 39.48 17.63
O5 GLC R . 8.38 35.97 18.72
O6 GLC R . 10.35 39.00 19.50
C1 GLC S . 9.04 35.44 12.23
C2 GLC S . 9.92 35.74 11.01
C3 GLC S . 11.13 36.55 11.40
C4 GLC S . 10.71 37.79 12.13
C5 GLC S . 9.83 37.45 13.32
C6 GLC S . 9.37 38.72 14.04
O2 GLC S . 10.35 34.50 10.42
O3 GLC S . 11.86 36.90 10.23
O4 GLC S . 11.89 38.49 12.60
O5 GLC S . 8.67 36.70 12.87
O6 GLC S . 10.51 39.51 14.40
C1 NAG T . -41.23 -24.49 3.70
C2 NAG T . -41.13 -25.76 2.85
C3 NAG T . -42.51 -26.25 2.46
C4 NAG T . -43.38 -26.43 3.71
C5 NAG T . -43.39 -25.15 4.53
C6 NAG T . -44.12 -25.29 5.84
C7 NAG T . -39.65 -26.50 1.04
C8 NAG T . -38.86 -26.09 -0.17
N2 NAG T . -40.32 -25.53 1.66
O3 NAG T . -42.41 -27.48 1.76
O4 NAG T . -44.71 -26.77 3.34
O5 NAG T . -42.04 -24.76 4.85
O6 NAG T . -44.41 -24.03 6.43
O7 NAG T . -39.67 -27.67 1.43
C1 GLC U . -5.92 35.31 -7.39
C2 GLC U . -6.24 35.74 -5.95
C3 GLC U . -6.57 37.21 -5.90
C4 GLC U . -5.47 38.03 -6.51
C5 GLC U . -5.17 37.55 -7.94
C6 GLC U . -4.01 38.33 -8.54
O2 GLC U . -7.35 34.98 -5.46
O3 GLC U . -6.77 37.60 -4.54
O4 GLC U . -5.86 39.40 -6.55
O5 GLC U . -4.83 36.12 -7.90
O6 GLC U . -3.85 37.96 -9.91
C1 GLC V . -10.96 38.85 -6.85
C2 GLC V . -9.98 40.03 -6.80
C3 GLC V . -10.67 41.30 -6.41
C4 GLC V . -11.85 41.56 -7.31
C5 GLC V . -12.79 40.35 -7.35
C6 GLC V . -13.96 40.59 -8.30
O2 GLC V . -8.94 39.74 -5.87
O3 GLC V . -9.76 42.40 -6.48
O4 GLC V . -12.57 42.70 -6.83
O5 GLC V . -12.05 39.17 -7.77
O6 GLC V . -14.89 39.49 -8.21
#